data_6QBF
#
_entry.id   6QBF
#
_cell.length_a   169.673
_cell.length_b   169.673
_cell.length_c   151.089
_cell.angle_alpha   90.00
_cell.angle_beta   90.00
_cell.angle_gamma   90.00
#
_symmetry.space_group_name_H-M   'P 4 21 2'
#
loop_
_entity.id
_entity.type
_entity.pdbx_description
1 polymer Gelsolin
2 non-polymer 'SULFATE ION'
3 non-polymer GLYCEROL
4 non-polymer 'SODIUM ION'
5 water water
#
_entity_poly.entity_id   1
_entity_poly.type   'polypeptide(L)'
_entity_poly.pdbx_seq_one_letter_code
;MGSSHHHHHHSSGLVPRGSHMASATASRGASQAGAPQGRVPEARPNSMVVEHPEFLKAGKEPGLQIWRVEKFDLVPVPTN
LYGDFFTGDAYVILKTVQLRNGNLQYDLHYWLGNECSQDESGAAAIFTVQLDDYLNGRAVQHREVQGFESATFLGYFKSG
LKYKKGGVASGFKHVVPNEVVVQRLFQVKGRRVVRATEVPVSWESFNNGNCFILDLGNNIHQWCGSNSNRYERLKATQVS
KGIRDNERSGRARVHVSEEGTEPEAMLQVLGPKPALPAGTEDTAKEDAANRKLAKLYKVSNGAGTMSVSLVADENPFAQG
ALKSEDCFILDHGKDGKIFVWKGKQANTEERKAALKTASDFITKMDYPKQTQVSVLPEGGETPLFKQFFKNWRDPDQTDG
LGLSYLSSHIANVERVPFDAATLHTSTAMAAQHGMDDDGTGQKQIWRIEGSNKVPVDPATYGQFYGGDSYIILYNYRHGG
RQGQIIYNWQGAQSTQDEVAASAILTAQLDEELGGTPVQSRVVQGKEPAHLMSLFGGKPMIIYKGGTSREGGQTAPASTR
LFQVRANSAGATRAVEVLPKAGALNSNDAFVLKTPSAAYLWVGTGASEAEKTGAQELLRVLRAQPVQVAEGSEPDGFWEA
LGGKAAYRTSPRLKDKKMDAHPPRLFACSNKIGRFVIEEVPGELMQEDLATDDVMLLDTWDQVFVWVGKDSQEEEKTEAL
TSAKRYIETDPANRDRRTPITVVKQGFEPPSFVGWFLGWDDDYWSVDPLDRAMAELAA
;
_entity_poly.pdbx_strand_id   A,B
#
loop_
_chem_comp.id
_chem_comp.type
_chem_comp.name
_chem_comp.formula
GOL non-polymer GLYCEROL 'C3 H8 O3'
NA non-polymer 'SODIUM ION' 'Na 1'
SO4 non-polymer 'SULFATE ION' 'O4 S -2'
#
# COMPACT_ATOMS: atom_id res chain seq x y z
N VAL A 50 -26.68 53.57 -6.50
CA VAL A 50 -25.47 53.85 -5.73
C VAL A 50 -24.96 52.58 -5.03
N GLU A 51 -23.74 52.18 -5.38
CA GLU A 51 -23.04 51.05 -4.76
C GLU A 51 -23.88 49.76 -4.86
N HIS A 52 -24.29 49.46 -6.10
CA HIS A 52 -25.10 48.28 -6.39
C HIS A 52 -24.75 47.77 -7.78
N PRO A 53 -23.51 47.30 -7.99
CA PRO A 53 -23.15 46.64 -9.25
C PRO A 53 -23.81 45.27 -9.36
N GLU A 54 -23.45 44.38 -8.45
CA GLU A 54 -24.05 43.05 -8.36
C GLU A 54 -24.66 42.76 -7.00
N PHE A 55 -24.75 43.77 -6.13
CA PHE A 55 -25.32 43.56 -4.80
C PHE A 55 -26.75 43.03 -4.87
N LEU A 56 -27.45 43.32 -5.97
CA LEU A 56 -28.81 42.84 -6.14
C LEU A 56 -28.85 41.31 -6.10
N LYS A 57 -27.95 40.67 -6.83
CA LYS A 57 -27.91 39.21 -6.90
C LYS A 57 -27.34 38.58 -5.65
N ALA A 58 -26.60 39.34 -4.84
CA ALA A 58 -25.93 38.79 -3.67
C ALA A 58 -26.91 38.56 -2.55
N GLY A 59 -26.88 37.35 -1.98
CA GLY A 59 -27.66 37.05 -0.79
C GLY A 59 -29.16 37.03 -0.99
N LYS A 60 -29.63 36.57 -2.16
CA LYS A 60 -31.05 36.44 -2.40
C LYS A 60 -31.55 35.02 -2.18
N GLU A 61 -30.72 34.01 -2.48
CA GLU A 61 -31.04 32.61 -2.22
C GLU A 61 -29.92 31.96 -1.43
N PRO A 62 -30.22 30.91 -0.67
CA PRO A 62 -29.16 30.20 0.06
C PRO A 62 -28.18 29.54 -0.91
N GLY A 63 -26.91 29.71 -0.62
CA GLY A 63 -25.87 29.13 -1.46
C GLY A 63 -24.57 29.89 -1.28
N LEU A 64 -23.60 29.53 -2.13
CA LEU A 64 -22.28 30.11 -2.09
C LEU A 64 -22.07 31.00 -3.31
N GLN A 65 -21.48 32.18 -3.09
CA GLN A 65 -21.19 33.14 -4.14
C GLN A 65 -19.77 33.64 -3.95
N ILE A 66 -18.99 33.62 -5.03
CA ILE A 66 -17.60 34.06 -5.01
C ILE A 66 -17.40 35.08 -6.12
N TRP A 67 -16.73 36.18 -5.79
CA TRP A 67 -16.36 37.19 -6.78
C TRP A 67 -14.85 37.43 -6.69
N ARG A 68 -14.30 37.94 -7.78
CA ARG A 68 -12.90 38.34 -7.84
C ARG A 68 -12.82 39.85 -8.00
N VAL A 69 -12.07 40.50 -7.12
CA VAL A 69 -11.91 41.95 -7.13
C VAL A 69 -10.93 42.28 -8.27
N GLU A 70 -11.47 42.69 -9.42
CA GLU A 70 -10.67 43.03 -10.59
C GLU A 70 -10.83 44.52 -10.87
N LYS A 71 -9.76 45.28 -10.59
CA LYS A 71 -9.74 46.73 -10.83
C LYS A 71 -10.85 47.43 -10.03
N PHE A 72 -10.87 47.18 -8.73
CA PHE A 72 -11.87 47.74 -7.82
C PHE A 72 -13.29 47.47 -8.33
N ASP A 73 -13.52 46.21 -8.70
CA ASP A 73 -14.84 45.80 -9.18
C ASP A 73 -14.98 44.30 -8.95
N LEU A 74 -16.18 43.86 -8.58
CA LEU A 74 -16.43 42.45 -8.31
C LEU A 74 -16.73 41.72 -9.61
N VAL A 75 -15.86 40.78 -9.97
CA VAL A 75 -16.02 39.94 -11.14
C VAL A 75 -16.40 38.54 -10.67
N PRO A 76 -17.58 38.03 -11.04
CA PRO A 76 -18.01 36.72 -10.53
C PRO A 76 -17.09 35.61 -11.02
N VAL A 77 -16.83 34.66 -10.12
CA VAL A 77 -16.02 33.49 -10.42
C VAL A 77 -16.94 32.41 -11.00
N PRO A 78 -16.54 31.70 -12.05
CA PRO A 78 -17.39 30.64 -12.59
C PRO A 78 -17.70 29.59 -11.53
N THR A 79 -18.95 29.11 -11.55
CA THR A 79 -19.40 28.18 -10.52
C THR A 79 -18.56 26.89 -10.55
N ASN A 80 -18.23 26.40 -11.74
CA ASN A 80 -17.45 25.17 -11.86
C ASN A 80 -16.01 25.35 -11.40
N LEU A 81 -15.57 26.58 -11.12
CA LEU A 81 -14.22 26.86 -10.69
C LEU A 81 -14.16 27.37 -9.26
N TYR A 82 -15.25 27.26 -8.49
CA TYR A 82 -15.21 27.64 -7.09
C TYR A 82 -14.18 26.80 -6.36
N GLY A 83 -13.29 27.48 -5.64
CA GLY A 83 -12.17 26.86 -4.97
C GLY A 83 -10.82 27.27 -5.54
N ASP A 84 -10.77 27.59 -6.82
CA ASP A 84 -9.57 28.14 -7.40
C ASP A 84 -9.38 29.58 -6.93
N PHE A 85 -8.17 29.92 -6.52
CA PHE A 85 -7.87 31.25 -6.03
C PHE A 85 -6.50 31.66 -6.55
N PHE A 86 -6.47 32.73 -7.34
CA PHE A 86 -5.19 33.26 -7.80
C PHE A 86 -4.44 33.88 -6.64
N THR A 87 -3.18 33.48 -6.48
CA THR A 87 -2.36 33.97 -5.38
C THR A 87 -2.13 35.47 -5.46
N GLY A 88 -2.34 36.08 -6.61
CA GLY A 88 -2.11 37.50 -6.81
C GLY A 88 -3.33 38.38 -6.78
N ASP A 89 -4.49 37.86 -6.38
CA ASP A 89 -5.72 38.62 -6.36
C ASP A 89 -6.40 38.45 -5.01
N ALA A 90 -7.42 39.27 -4.78
CA ALA A 90 -8.28 39.17 -3.63
C ALA A 90 -9.70 38.82 -4.07
N TYR A 91 -10.41 38.06 -3.25
CA TYR A 91 -11.75 37.61 -3.56
C TYR A 91 -12.70 38.02 -2.45
N VAL A 92 -13.99 37.94 -2.77
CA VAL A 92 -15.06 38.19 -1.79
C VAL A 92 -16.07 37.06 -1.92
N ILE A 93 -16.35 36.39 -0.80
CA ILE A 93 -17.20 35.21 -0.77
C ILE A 93 -18.36 35.46 0.17
N LEU A 94 -19.58 35.20 -0.31
CA LEU A 94 -20.80 35.38 0.48
C LEU A 94 -21.55 34.06 0.52
N LYS A 95 -21.55 33.42 1.69
CA LYS A 95 -22.29 32.18 1.91
C LYS A 95 -23.62 32.52 2.55
N THR A 96 -24.70 32.29 1.81
CA THR A 96 -26.05 32.55 2.30
C THR A 96 -26.62 31.25 2.86
N VAL A 97 -27.00 31.27 4.14
CA VAL A 97 -27.56 30.12 4.82
C VAL A 97 -28.95 30.51 5.32
N GLN A 98 -29.91 29.61 5.15
CA GLN A 98 -31.28 29.87 5.56
C GLN A 98 -31.49 29.41 6.99
N LEU A 99 -31.86 30.35 7.86
CA LEU A 99 -32.10 30.02 9.26
C LEU A 99 -33.33 29.12 9.40
N ARG A 100 -33.49 28.54 10.59
CA ARG A 100 -34.62 27.65 10.82
C ARG A 100 -35.94 28.40 10.69
N ASN A 101 -35.96 29.68 11.10
CA ASN A 101 -37.17 30.48 11.07
C ASN A 101 -37.43 31.12 9.70
N GLY A 102 -36.86 30.55 8.62
CA GLY A 102 -37.13 31.01 7.28
C GLY A 102 -36.24 32.15 6.81
N ASN A 103 -35.66 32.93 7.71
CA ASN A 103 -34.83 34.06 7.34
C ASN A 103 -33.48 33.59 6.82
N LEU A 104 -32.66 34.53 6.35
CA LEU A 104 -31.36 34.23 5.78
C LEU A 104 -30.24 34.71 6.70
N GLN A 105 -29.13 33.97 6.67
CA GLN A 105 -27.94 34.28 7.44
C GLN A 105 -26.76 34.43 6.50
N TYR A 106 -25.97 35.49 6.69
CA TYR A 106 -24.92 35.86 5.76
C TYR A 106 -23.56 35.73 6.42
N ASP A 107 -22.69 34.90 5.83
CA ASP A 107 -21.29 34.80 6.20
C ASP A 107 -20.46 35.45 5.10
N LEU A 108 -19.84 36.59 5.42
CA LEU A 108 -19.07 37.36 4.45
C LEU A 108 -17.58 37.07 4.64
N HIS A 109 -16.97 36.44 3.65
CA HIS A 109 -15.54 36.20 3.65
C HIS A 109 -14.89 36.95 2.50
N TYR A 110 -13.76 37.59 2.77
CA TYR A 110 -12.92 38.14 1.71
C TYR A 110 -11.51 37.60 1.89
N TRP A 111 -10.99 36.97 0.83
CA TRP A 111 -9.76 36.20 0.89
C TRP A 111 -8.63 36.97 0.22
N LEU A 112 -7.50 37.07 0.91
CA LEU A 112 -6.34 37.83 0.44
C LEU A 112 -5.27 36.87 -0.06
N GLY A 113 -4.88 37.04 -1.33
CA GLY A 113 -3.80 36.24 -1.87
C GLY A 113 -2.45 36.65 -1.30
N ASN A 114 -1.47 35.75 -1.46
CA ASN A 114 -0.12 36.05 -0.98
C ASN A 114 0.51 37.17 -1.79
N GLU A 115 0.53 37.01 -3.12
CA GLU A 115 1.10 38.00 -4.02
C GLU A 115 0.07 39.05 -4.43
N CYS A 116 -0.79 39.41 -3.50
CA CYS A 116 -1.89 40.34 -3.76
C CYS A 116 -1.43 41.77 -3.49
N SER A 117 -1.79 42.68 -4.39
CA SER A 117 -1.36 44.06 -4.27
C SER A 117 -2.00 44.73 -3.05
N GLN A 118 -1.46 45.88 -2.67
CA GLN A 118 -1.95 46.57 -1.47
C GLN A 118 -3.37 47.07 -1.66
N ASP A 119 -3.66 47.70 -2.79
CA ASP A 119 -4.99 48.22 -3.04
C ASP A 119 -5.97 47.12 -3.47
N GLU A 120 -5.47 45.97 -3.92
CA GLU A 120 -6.35 44.85 -4.21
C GLU A 120 -7.03 44.33 -2.95
N SER A 121 -6.27 44.22 -1.85
CA SER A 121 -6.84 43.74 -0.60
C SER A 121 -7.74 44.79 0.03
N GLY A 122 -7.36 46.07 -0.08
CA GLY A 122 -8.20 47.13 0.45
C GLY A 122 -9.53 47.23 -0.28
N ALA A 123 -9.52 46.98 -1.59
CA ALA A 123 -10.77 46.94 -2.35
C ALA A 123 -11.66 45.80 -1.89
N ALA A 124 -11.06 44.65 -1.57
CA ALA A 124 -11.84 43.53 -1.05
C ALA A 124 -12.44 43.85 0.31
N ALA A 125 -11.64 44.45 1.20
CA ALA A 125 -12.16 44.84 2.50
C ALA A 125 -13.22 45.93 2.38
N ILE A 126 -13.10 46.81 1.38
CA ILE A 126 -14.10 47.85 1.18
C ILE A 126 -15.42 47.25 0.72
N PHE A 127 -15.35 46.30 -0.21
CA PHE A 127 -16.57 45.64 -0.69
C PHE A 127 -17.25 44.86 0.45
N THR A 128 -16.45 44.24 1.32
CA THR A 128 -17.03 43.48 2.42
C THR A 128 -17.79 44.39 3.39
N VAL A 129 -17.24 45.59 3.66
CA VAL A 129 -17.93 46.52 4.54
C VAL A 129 -19.19 47.06 3.86
N GLN A 130 -19.13 47.28 2.56
CA GLN A 130 -20.29 47.80 1.84
C GLN A 130 -21.32 46.71 1.55
N LEU A 131 -20.89 45.47 1.31
CA LEU A 131 -21.85 44.38 1.16
C LEU A 131 -22.60 44.12 2.47
N ASP A 132 -21.86 44.09 3.58
CA ASP A 132 -22.50 44.00 4.90
C ASP A 132 -23.45 45.17 5.12
N ASP A 133 -23.06 46.37 4.67
CA ASP A 133 -23.93 47.52 4.80
C ASP A 133 -25.20 47.34 3.98
N TYR A 134 -25.08 46.75 2.78
CA TYR A 134 -26.24 46.52 1.93
C TYR A 134 -27.16 45.46 2.51
N LEU A 135 -26.60 44.50 3.25
CA LEU A 135 -27.37 43.41 3.83
C LEU A 135 -27.82 43.71 5.26
N ASN A 136 -28.13 44.97 5.55
CA ASN A 136 -28.63 45.39 6.87
C ASN A 136 -27.66 45.10 8.00
N GLY A 137 -26.37 44.88 7.69
CA GLY A 137 -25.36 44.75 8.72
C GLY A 137 -25.46 43.44 9.48
N ARG A 138 -26.41 42.60 9.08
CA ARG A 138 -26.66 41.33 9.74
C ARG A 138 -25.79 40.22 9.18
N ALA A 139 -24.49 40.49 9.02
CA ALA A 139 -23.57 39.55 8.42
C ALA A 139 -22.29 39.46 9.23
N VAL A 140 -21.70 38.27 9.25
CA VAL A 140 -20.41 38.04 9.90
C VAL A 140 -19.32 38.14 8.84
N GLN A 141 -18.34 38.99 9.09
CA GLN A 141 -17.27 39.26 8.13
C GLN A 141 -15.98 38.60 8.59
N HIS A 142 -15.24 38.04 7.63
CA HIS A 142 -14.02 37.29 7.92
C HIS A 142 -12.88 37.78 7.03
N ARG A 143 -11.69 37.95 7.63
CA ARG A 143 -10.49 38.30 6.89
CA ARG A 143 -10.48 38.30 6.90
C ARG A 143 -9.65 37.03 6.74
N GLU A 144 -9.78 36.38 5.59
CA GLU A 144 -9.07 35.14 5.31
C GLU A 144 -7.85 35.42 4.45
N VAL A 145 -6.73 34.80 4.82
CA VAL A 145 -5.47 34.95 4.10
C VAL A 145 -5.03 33.58 3.59
N GLN A 146 -4.12 33.60 2.62
CA GLN A 146 -3.70 32.36 2.00
C GLN A 146 -2.95 31.49 3.00
N GLY A 147 -3.41 30.25 3.16
CA GLY A 147 -2.79 29.31 4.08
C GLY A 147 -3.19 29.45 5.52
N PHE A 148 -4.02 30.44 5.86
CA PHE A 148 -4.42 30.66 7.25
C PHE A 148 -5.89 31.05 7.37
N GLU A 149 -6.72 30.61 6.43
CA GLU A 149 -8.15 30.92 6.49
C GLU A 149 -8.83 30.14 7.61
N SER A 150 -10.01 30.60 8.00
CA SER A 150 -10.72 30.02 9.12
C SER A 150 -11.40 28.71 8.72
N ALA A 151 -11.87 27.98 9.74
CA ALA A 151 -12.57 26.72 9.48
C ALA A 151 -13.90 26.95 8.78
N THR A 152 -14.57 28.07 9.06
CA THR A 152 -15.85 28.34 8.41
C THR A 152 -15.66 28.49 6.91
N PHE A 153 -14.57 29.15 6.49
CA PHE A 153 -14.29 29.32 5.07
C PHE A 153 -13.91 27.99 4.43
N LEU A 154 -13.02 27.24 5.09
CA LEU A 154 -12.56 25.97 4.54
C LEU A 154 -13.70 24.95 4.41
N GLY A 155 -14.77 25.11 5.19
CA GLY A 155 -15.91 24.22 5.06
C GLY A 155 -16.64 24.33 3.74
N TYR A 156 -16.51 25.48 3.06
CA TYR A 156 -17.17 25.69 1.79
C TYR A 156 -16.51 24.96 0.64
N PHE A 157 -15.30 24.43 0.82
CA PHE A 157 -14.53 23.79 -0.24
C PHE A 157 -14.09 22.41 0.24
N LYS A 158 -14.93 21.41 -0.03
CA LYS A 158 -14.57 20.05 0.38
C LYS A 158 -13.59 19.41 -0.60
N SER A 159 -13.64 19.79 -1.87
CA SER A 159 -12.72 19.24 -2.86
C SER A 159 -11.30 19.70 -2.64
N GLY A 160 -11.09 20.80 -1.93
CA GLY A 160 -9.76 21.31 -1.69
C GLY A 160 -9.52 22.59 -2.45
N LEU A 161 -8.67 23.45 -1.88
CA LEU A 161 -8.34 24.73 -2.49
C LEU A 161 -7.19 24.58 -3.46
N LYS A 162 -7.15 25.47 -4.44
CA LYS A 162 -6.07 25.53 -5.41
C LYS A 162 -5.55 26.97 -5.48
N TYR A 163 -4.25 27.14 -5.29
CA TYR A 163 -3.60 28.44 -5.30
C TYR A 163 -2.83 28.57 -6.61
N LYS A 164 -3.46 29.23 -7.59
CA LYS A 164 -2.89 29.36 -8.92
C LYS A 164 -1.94 30.56 -8.99
N LYS A 165 -0.85 30.38 -9.72
CA LYS A 165 0.09 31.49 -9.93
C LYS A 165 -0.50 32.50 -10.90
N GLY A 166 -0.34 33.77 -10.56
CA GLY A 166 -0.80 34.85 -11.41
C GLY A 166 -1.87 35.68 -10.73
N GLY A 167 -2.48 36.56 -11.50
CA GLY A 167 -3.50 37.44 -10.96
C GLY A 167 -3.97 38.42 -12.01
N VAL A 168 -4.51 39.55 -11.52
CA VAL A 168 -5.00 40.58 -12.42
C VAL A 168 -3.85 41.30 -13.09
N ALA A 169 -2.84 41.72 -12.30
CA ALA A 169 -1.71 42.45 -12.86
C ALA A 169 -0.94 41.62 -13.87
N SER A 170 -0.73 40.33 -13.56
CA SER A 170 -0.04 39.46 -14.51
C SER A 170 -0.88 39.18 -15.76
N GLY A 171 -2.18 39.45 -15.70
CA GLY A 171 -3.04 39.25 -16.86
C GLY A 171 -3.61 37.87 -16.97
N PHE A 172 -4.29 37.41 -15.92
CA PHE A 172 -4.88 36.07 -15.90
C PHE A 172 -6.30 36.16 -15.35
N LYS A 173 -7.14 35.22 -15.80
CA LYS A 173 -8.53 35.19 -15.38
C LYS A 173 -9.06 33.76 -15.49
N HIS A 174 -10.11 33.48 -14.71
CA HIS A 174 -10.74 32.18 -14.72
C HIS A 174 -11.52 32.01 -16.03
N VAL A 175 -11.06 31.11 -16.89
CA VAL A 175 -11.70 30.89 -18.18
C VAL A 175 -11.70 29.40 -18.48
N VAL A 176 -12.61 28.99 -19.35
CA VAL A 176 -12.69 27.61 -19.83
C VAL A 176 -12.55 27.61 -21.34
N PRO A 177 -11.35 27.88 -21.90
CA PRO A 177 -11.17 27.94 -23.35
C PRO A 177 -10.77 26.61 -23.97
N VAL A 180 -7.81 22.23 -22.77
CA VAL A 180 -7.02 23.23 -23.48
C VAL A 180 -5.58 22.71 -23.66
N VAL A 181 -4.60 23.58 -23.47
CA VAL A 181 -3.18 23.22 -23.52
C VAL A 181 -2.49 23.89 -22.34
N VAL A 182 -2.25 23.13 -21.28
CA VAL A 182 -1.69 23.65 -20.04
C VAL A 182 -0.50 22.82 -19.62
N GLN A 183 0.25 23.34 -18.65
CA GLN A 183 1.41 22.66 -18.10
C GLN A 183 1.68 23.17 -16.69
N ARG A 184 0.80 22.83 -15.76
CA ARG A 184 0.86 23.31 -14.38
C ARG A 184 1.24 22.17 -13.45
N LEU A 185 1.67 22.54 -12.24
CA LEU A 185 2.06 21.58 -11.23
C LEU A 185 1.64 22.12 -9.86
N PHE A 186 0.93 21.28 -9.10
CA PHE A 186 0.43 21.67 -7.79
C PHE A 186 1.05 20.79 -6.71
N GLN A 187 1.38 21.41 -5.58
CA GLN A 187 1.87 20.70 -4.41
C GLN A 187 0.69 20.53 -3.44
N VAL A 188 0.40 19.28 -3.08
CA VAL A 188 -0.78 18.95 -2.28
C VAL A 188 -0.32 18.73 -0.85
N LYS A 189 -0.57 19.72 0.01
CA LYS A 189 -0.24 19.67 1.43
C LYS A 189 -1.53 19.62 2.24
N GLY A 190 -1.39 19.18 3.50
CA GLY A 190 -2.54 19.10 4.38
C GLY A 190 -3.17 17.72 4.41
N ARG A 191 -3.64 17.31 5.59
CA ARG A 191 -4.25 15.99 5.77
C ARG A 191 -5.76 16.05 5.76
N ARG A 192 -6.35 16.99 6.50
CA ARG A 192 -7.79 17.23 6.47
C ARG A 192 -8.16 18.52 5.77
N VAL A 193 -7.35 19.56 5.92
CA VAL A 193 -7.49 20.80 5.17
C VAL A 193 -6.48 20.71 4.03
N VAL A 194 -6.93 20.22 2.89
CA VAL A 194 -6.05 19.94 1.76
C VAL A 194 -5.92 21.18 0.88
N ARG A 195 -4.69 21.67 0.74
CA ARG A 195 -4.39 22.82 -0.11
C ARG A 195 -3.46 22.39 -1.23
N ALA A 196 -3.67 22.95 -2.42
CA ALA A 196 -2.89 22.62 -3.61
C ALA A 196 -2.32 23.90 -4.20
N THR A 197 -1.09 24.23 -3.82
CA THR A 197 -0.43 25.44 -4.29
C THR A 197 0.32 25.15 -5.58
N GLU A 198 0.17 26.03 -6.58
CA GLU A 198 0.89 25.85 -7.83
C GLU A 198 2.38 26.07 -7.59
N VAL A 199 3.18 25.18 -8.14
CA VAL A 199 4.64 25.22 -7.95
C VAL A 199 5.29 25.13 -9.31
N PRO A 200 6.55 25.56 -9.43
CA PRO A 200 7.25 25.45 -10.71
C PRO A 200 7.32 24.01 -11.19
N VAL A 201 7.21 23.83 -12.50
CA VAL A 201 7.24 22.50 -13.11
C VAL A 201 8.68 22.00 -13.17
N SER A 202 9.15 21.40 -12.08
CA SER A 202 10.51 20.87 -12.02
C SER A 202 10.60 19.92 -10.84
N TRP A 203 11.60 19.04 -10.91
CA TRP A 203 11.87 18.16 -9.77
C TRP A 203 12.32 18.94 -8.54
N GLU A 204 12.70 20.21 -8.71
CA GLU A 204 13.10 21.02 -7.56
C GLU A 204 11.93 21.23 -6.59
N SER A 205 10.71 21.26 -7.11
CA SER A 205 9.53 21.48 -6.28
C SER A 205 9.02 20.20 -5.62
N PHE A 206 9.48 19.04 -6.06
CA PHE A 206 9.02 17.77 -5.52
C PHE A 206 9.70 17.46 -4.18
N ASN A 207 9.11 16.54 -3.44
CA ASN A 207 9.70 15.99 -2.23
C ASN A 207 9.06 14.64 -1.95
N ASN A 208 9.65 13.90 -1.02
CA ASN A 208 9.19 12.54 -0.74
C ASN A 208 8.00 12.48 0.20
N GLY A 209 7.61 13.60 0.82
CA GLY A 209 6.58 13.57 1.84
C GLY A 209 5.17 13.87 1.38
N ASN A 210 5.03 14.52 0.23
CA ASN A 210 3.73 14.98 -0.24
C ASN A 210 3.38 14.36 -1.59
N CYS A 211 2.13 14.55 -1.98
CA CYS A 211 1.64 14.18 -3.30
C CYS A 211 1.64 15.41 -4.21
N PHE A 212 1.91 15.19 -5.49
CA PHE A 212 1.96 16.25 -6.48
C PHE A 212 1.07 15.93 -7.67
N ILE A 213 0.52 16.97 -8.28
CA ILE A 213 -0.38 16.84 -9.42
C ILE A 213 0.20 17.66 -10.57
N LEU A 214 0.63 16.98 -11.62
CA LEU A 214 1.14 17.59 -12.83
C LEU A 214 0.03 17.65 -13.86
N ASP A 215 -0.40 18.84 -14.22
CA ASP A 215 -1.52 19.04 -15.13
C ASP A 215 -0.98 19.21 -16.55
N LEU A 216 -1.49 18.37 -17.47
CA LEU A 216 -1.06 18.42 -18.86
C LEU A 216 -2.22 18.62 -19.83
N GLY A 217 -3.43 18.84 -19.33
CA GLY A 217 -4.59 19.05 -20.18
C GLY A 217 -5.36 17.78 -20.47
N ASN A 218 -4.97 17.09 -21.54
CA ASN A 218 -5.60 15.81 -21.88
C ASN A 218 -5.21 14.70 -20.92
N ASN A 219 -4.22 14.93 -20.07
CA ASN A 219 -3.79 13.97 -19.06
C ASN A 219 -3.47 14.72 -17.77
N ILE A 220 -3.83 14.12 -16.64
CA ILE A 220 -3.61 14.71 -15.32
C ILE A 220 -2.86 13.67 -14.49
N HIS A 221 -1.54 13.84 -14.37
CA HIS A 221 -0.72 12.88 -13.66
C HIS A 221 -0.64 13.23 -12.17
N GLN A 222 -0.94 12.25 -11.33
CA GLN A 222 -0.79 12.38 -9.89
C GLN A 222 0.41 11.56 -9.44
N TRP A 223 1.18 12.10 -8.50
CA TRP A 223 2.45 11.50 -8.09
C TRP A 223 2.62 11.71 -6.60
N CYS A 224 2.82 10.62 -5.87
CA CYS A 224 3.03 10.68 -4.43
C CYS A 224 4.39 10.11 -4.08
N GLY A 225 5.07 10.77 -3.14
CA GLY A 225 6.39 10.36 -2.73
C GLY A 225 6.38 9.08 -1.92
N SER A 226 7.59 8.62 -1.59
CA SER A 226 7.72 7.37 -0.83
C SER A 226 7.27 7.52 0.61
N ASN A 227 7.34 8.73 1.15
CA ASN A 227 6.97 8.98 2.55
C ASN A 227 5.58 9.58 2.68
N SER A 228 4.83 9.67 1.59
CA SER A 228 3.48 10.25 1.63
C SER A 228 2.54 9.30 2.34
N ASN A 229 1.82 9.82 3.35
CA ASN A 229 0.87 9.02 4.09
C ASN A 229 -0.30 8.61 3.18
N ARG A 230 -0.83 7.41 3.44
CA ARG A 230 -1.89 6.87 2.60
C ARG A 230 -3.14 7.75 2.63
N TYR A 231 -3.51 8.23 3.81
CA TYR A 231 -4.68 9.11 3.93
C TYR A 231 -4.44 10.44 3.23
N GLU A 232 -3.18 10.90 3.15
CA GLU A 232 -2.88 12.09 2.38
C GLU A 232 -3.01 11.84 0.89
N ARG A 233 -2.71 10.62 0.43
CA ARG A 233 -2.93 10.28 -0.97
C ARG A 233 -4.41 10.31 -1.33
N LEU A 234 -5.28 9.97 -0.37
CA LEU A 234 -6.72 10.01 -0.63
C LEU A 234 -7.17 11.44 -0.89
N LYS A 235 -6.67 12.40 -0.11
CA LYS A 235 -7.07 13.79 -0.28
C LYS A 235 -6.51 14.37 -1.57
N ALA A 236 -5.36 13.88 -2.03
CA ALA A 236 -4.84 14.34 -3.32
C ALA A 236 -5.72 13.88 -4.46
N THR A 237 -6.40 12.73 -4.31
CA THR A 237 -7.29 12.27 -5.35
C THR A 237 -8.51 13.17 -5.50
N GLN A 238 -8.95 13.77 -4.39
CA GLN A 238 -10.07 14.70 -4.46
C GLN A 238 -9.71 15.92 -5.32
N VAL A 239 -8.47 16.40 -5.20
CA VAL A 239 -8.06 17.54 -6.01
C VAL A 239 -7.94 17.15 -7.47
N SER A 240 -7.34 15.98 -7.74
CA SER A 240 -7.18 15.53 -9.12
C SER A 240 -8.52 15.25 -9.78
N LYS A 241 -9.51 14.80 -9.00
CA LYS A 241 -10.85 14.62 -9.56
C LYS A 241 -11.53 15.96 -9.78
N GLY A 242 -11.38 16.90 -8.85
CA GLY A 242 -11.97 18.21 -9.01
C GLY A 242 -11.40 18.98 -10.18
N ILE A 243 -10.15 18.70 -10.55
CA ILE A 243 -9.58 19.30 -11.75
C ILE A 243 -10.18 18.66 -13.00
N ARG A 244 -10.29 17.33 -13.00
CA ARG A 244 -10.78 16.64 -14.18
C ARG A 244 -12.24 16.97 -14.46
N ASP A 245 -13.10 16.81 -13.46
CA ASP A 245 -14.54 16.91 -13.68
C ASP A 245 -15.02 18.35 -13.83
N ASN A 246 -14.36 19.30 -13.16
CA ASN A 246 -14.80 20.68 -13.16
C ASN A 246 -14.00 21.54 -14.14
N GLU A 247 -12.69 21.62 -13.95
CA GLU A 247 -11.88 22.50 -14.77
C GLU A 247 -11.80 21.99 -16.21
N ARG A 248 -11.48 20.71 -16.38
CA ARG A 248 -11.36 20.12 -17.71
C ARG A 248 -12.69 19.56 -18.22
N SER A 249 -13.76 19.68 -17.43
CA SER A 249 -15.10 19.25 -17.85
C SER A 249 -15.14 17.75 -18.15
N GLY A 250 -14.42 16.96 -17.34
CA GLY A 250 -14.47 15.52 -17.42
C GLY A 250 -13.64 14.89 -18.52
N ARG A 251 -13.13 15.67 -19.47
CA ARG A 251 -12.39 15.12 -20.60
C ARG A 251 -10.88 15.18 -20.30
N ALA A 252 -10.47 14.32 -19.36
CA ALA A 252 -9.07 14.24 -18.97
C ALA A 252 -8.82 12.90 -18.31
N ARG A 253 -7.80 12.19 -18.77
CA ARG A 253 -7.45 10.87 -18.24
C ARG A 253 -6.43 11.03 -17.12
N VAL A 254 -6.80 10.61 -15.91
CA VAL A 254 -5.93 10.74 -14.75
C VAL A 254 -5.08 9.49 -14.62
N HIS A 255 -3.76 9.69 -14.54
CA HIS A 255 -2.79 8.59 -14.42
C HIS A 255 -2.02 8.79 -13.12
N VAL A 256 -2.39 8.03 -12.09
CA VAL A 256 -1.70 8.12 -10.81
C VAL A 256 -0.45 7.25 -10.84
N SER A 257 0.57 7.68 -10.12
CA SER A 257 1.85 6.98 -10.11
C SER A 257 2.59 7.32 -8.82
N GLU A 258 3.62 6.53 -8.53
CA GLU A 258 4.43 6.77 -7.34
C GLU A 258 5.91 6.81 -7.71
N GLU A 259 6.79 6.76 -6.72
CA GLU A 259 8.22 6.86 -6.98
C GLU A 259 8.70 5.67 -7.82
N GLY A 260 9.35 5.98 -8.94
CA GLY A 260 9.87 4.97 -9.83
C GLY A 260 8.93 4.54 -10.94
N THR A 261 7.61 4.60 -10.70
CA THR A 261 6.60 4.18 -11.67
C THR A 261 5.96 5.35 -12.38
N GLU A 262 6.74 6.39 -12.67
CA GLU A 262 6.18 7.57 -13.33
C GLU A 262 6.16 7.36 -14.85
N PRO A 263 5.12 7.85 -15.53
CA PRO A 263 4.98 7.58 -16.97
C PRO A 263 5.98 8.34 -17.83
N GLU A 264 5.93 8.12 -19.14
CA GLU A 264 6.83 8.81 -20.05
C GLU A 264 6.47 10.28 -20.20
N ALA A 265 5.18 10.62 -20.02
CA ALA A 265 4.77 12.01 -20.12
C ALA A 265 5.42 12.86 -19.03
N MET A 266 5.53 12.31 -17.82
CA MET A 266 6.24 13.02 -16.75
C MET A 266 7.73 13.14 -17.07
N LEU A 267 8.30 12.15 -17.77
CA LEU A 267 9.72 12.16 -18.05
C LEU A 267 10.10 13.16 -19.13
N GLN A 268 9.13 13.64 -19.91
CA GLN A 268 9.44 14.65 -20.91
C GLN A 268 9.43 16.06 -20.33
N VAL A 269 8.43 16.38 -19.50
CA VAL A 269 8.32 17.74 -18.99
C VAL A 269 9.19 17.97 -17.76
N LEU A 270 9.61 16.89 -17.09
CA LEU A 270 10.43 16.99 -15.88
C LEU A 270 11.84 16.47 -16.06
N GLY A 271 12.02 15.38 -16.81
CA GLY A 271 13.33 14.81 -17.02
C GLY A 271 13.60 13.66 -16.06
N PRO A 272 14.87 13.28 -15.94
CA PRO A 272 15.22 12.19 -15.01
C PRO A 272 14.92 12.58 -13.58
N LYS A 273 14.62 11.57 -12.76
CA LYS A 273 14.22 11.77 -11.37
C LYS A 273 15.46 11.67 -10.48
N PRO A 274 15.95 12.77 -9.91
CA PRO A 274 17.14 12.69 -9.06
C PRO A 274 16.79 12.34 -7.63
N ALA A 275 17.72 12.60 -6.71
CA ALA A 275 17.48 12.38 -5.30
C ALA A 275 16.64 13.51 -4.74
N LEU A 276 15.50 13.16 -4.12
CA LEU A 276 14.60 14.16 -3.59
C LEU A 276 14.64 14.18 -2.07
N PRO A 277 14.46 15.35 -1.45
CA PRO A 277 14.44 15.41 0.02
C PRO A 277 13.12 14.95 0.61
N ALA A 278 12.96 15.13 1.92
CA ALA A 278 11.76 14.73 2.62
C ALA A 278 10.87 15.94 2.90
N GLY A 279 9.72 15.68 3.52
CA GLY A 279 8.77 16.72 3.83
C GLY A 279 9.05 17.44 5.14
N THR A 280 8.40 18.59 5.31
CA THR A 280 8.56 19.41 6.50
C THR A 280 7.25 19.60 7.28
N GLU A 281 6.11 19.25 6.70
CA GLU A 281 4.80 19.38 7.35
C GLU A 281 4.51 20.80 7.77
N ASP A 287 -2.09 23.75 17.75
CA ASP A 287 -2.93 24.55 18.64
C ASP A 287 -2.33 24.65 20.04
N ALA A 288 -1.70 23.54 20.48
CA ALA A 288 -1.04 23.44 21.79
C ALA A 288 -2.09 23.73 22.87
N ALA A 289 -1.80 24.52 23.88
CA ALA A 289 -2.78 24.90 24.90
C ALA A 289 -2.97 26.41 24.96
N ASN A 290 -2.62 27.13 23.90
CA ASN A 290 -2.79 28.57 23.85
C ASN A 290 -4.24 29.00 23.68
N ARG A 291 -5.13 28.07 23.33
CA ARG A 291 -6.53 28.39 23.17
C ARG A 291 -7.27 28.48 24.50
N LYS A 292 -6.56 28.36 25.63
CA LYS A 292 -7.24 28.39 26.92
C LYS A 292 -7.46 29.82 27.41
N LEU A 293 -6.49 30.70 27.21
CA LEU A 293 -6.57 32.06 27.72
C LEU A 293 -7.02 33.02 26.62
N ALA A 294 -7.84 33.99 27.00
CA ALA A 294 -8.28 35.03 26.07
C ALA A 294 -8.63 36.27 26.86
N LYS A 295 -8.61 37.41 26.18
CA LYS A 295 -8.90 38.70 26.80
C LYS A 295 -9.81 39.50 25.89
N LEU A 296 -10.47 40.50 26.48
CA LEU A 296 -11.41 41.36 25.77
C LEU A 296 -11.11 42.81 26.09
N TYR A 297 -11.03 43.64 25.05
CA TYR A 297 -10.72 45.05 25.17
C TYR A 297 -11.86 45.89 24.60
N LYS A 298 -11.83 47.19 24.89
CA LYS A 298 -12.78 48.15 24.36
C LYS A 298 -12.03 49.16 23.49
N VAL A 299 -12.55 49.43 22.31
CA VAL A 299 -11.91 50.34 21.36
C VAL A 299 -12.60 51.69 21.44
N SER A 300 -11.80 52.75 21.31
CA SER A 300 -12.30 54.13 21.33
C SER A 300 -11.62 54.90 20.22
N ASN A 301 -12.41 55.45 19.30
CA ASN A 301 -11.89 56.16 18.14
C ASN A 301 -10.92 55.31 17.32
N GLY A 304 -8.86 60.74 15.55
CA GLY A 304 -7.42 60.75 15.58
C GLY A 304 -6.77 59.40 15.31
N THR A 305 -6.39 58.73 16.38
CA THR A 305 -5.74 57.42 16.30
C THR A 305 -6.66 56.36 16.90
N MET A 306 -6.09 55.19 17.16
CA MET A 306 -6.79 54.07 17.78
C MET A 306 -6.27 53.88 19.21
N SER A 307 -7.15 53.43 20.09
CA SER A 307 -6.80 53.23 21.50
C SER A 307 -7.68 52.13 22.08
N VAL A 308 -7.05 51.09 22.61
CA VAL A 308 -7.76 50.00 23.28
C VAL A 308 -7.52 50.10 24.78
N SER A 309 -8.46 49.58 25.54
CA SER A 309 -8.37 49.55 26.99
C SER A 309 -8.91 48.22 27.48
N LEU A 310 -8.20 47.61 28.42
CA LEU A 310 -8.56 46.29 28.89
C LEU A 310 -9.83 46.35 29.73
N VAL A 311 -10.83 45.57 29.34
CA VAL A 311 -12.09 45.50 30.06
C VAL A 311 -12.30 44.15 30.75
N ALA A 312 -11.84 43.06 30.13
CA ALA A 312 -12.03 41.72 30.67
C ALA A 312 -10.74 41.21 31.29
N ASP A 313 -10.84 40.70 32.52
CA ASP A 313 -9.68 40.22 33.25
C ASP A 313 -9.01 39.07 32.51
N GLU A 314 -9.60 37.87 32.59
CA GLU A 314 -9.05 36.67 31.99
C GLU A 314 -10.13 35.61 31.92
N ASN A 315 -9.82 34.51 31.23
CA ASN A 315 -10.62 33.28 31.19
C ASN A 315 -12.03 33.64 30.71
N PRO A 316 -13.17 33.24 31.31
CA PRO A 316 -14.44 33.69 30.75
C PRO A 316 -14.82 35.08 31.26
N PHE A 317 -15.78 35.68 30.56
CA PHE A 317 -16.21 37.03 30.89
C PHE A 317 -17.71 37.07 31.18
N ALA A 318 -18.32 38.25 31.06
CA ALA A 318 -19.74 38.43 31.34
C ALA A 318 -20.43 39.09 30.16
N GLN A 319 -21.69 38.71 29.95
CA GLN A 319 -22.49 39.28 28.87
C GLN A 319 -22.81 40.75 29.10
N GLY A 320 -22.71 41.22 30.35
CA GLY A 320 -23.01 42.62 30.64
C GLY A 320 -21.91 43.58 30.28
N ALA A 321 -20.67 43.09 30.13
CA ALA A 321 -19.57 43.98 29.77
C ALA A 321 -19.69 44.49 28.35
N LEU A 322 -20.38 43.74 27.49
CA LEU A 322 -20.58 44.13 26.10
C LEU A 322 -21.57 45.29 26.01
N LYS A 323 -21.06 46.51 26.02
CA LYS A 323 -21.91 47.69 25.91
C LYS A 323 -22.28 47.93 24.45
N SER A 324 -23.57 48.25 24.23
CA SER A 324 -24.05 48.48 22.88
C SER A 324 -23.46 49.74 22.25
N GLU A 325 -23.00 50.70 23.06
CA GLU A 325 -22.53 51.97 22.54
C GLU A 325 -21.15 51.88 21.89
N ASP A 326 -20.37 50.85 22.20
CA ASP A 326 -19.00 50.75 21.74
C ASP A 326 -18.76 49.40 21.08
N CYS A 327 -17.56 49.26 20.51
CA CYS A 327 -17.11 48.02 19.94
C CYS A 327 -16.00 47.42 20.80
N PHE A 328 -15.82 46.11 20.69
CA PHE A 328 -14.86 45.41 21.52
C PHE A 328 -14.05 44.45 20.65
N ILE A 329 -12.91 44.01 21.18
CA ILE A 329 -12.04 43.06 20.52
C ILE A 329 -11.85 41.87 21.45
N LEU A 330 -12.16 40.67 20.96
CA LEU A 330 -11.96 39.43 21.70
C LEU A 330 -10.57 38.91 21.36
N ASP A 331 -9.58 39.31 22.16
CA ASP A 331 -8.19 38.98 21.90
C ASP A 331 -7.94 37.51 22.16
N HIS A 332 -7.74 36.75 21.08
CA HIS A 332 -7.40 35.33 21.15
C HIS A 332 -6.29 35.00 20.17
N GLY A 333 -5.52 36.04 19.80
CA GLY A 333 -4.42 35.91 18.85
C GLY A 333 -3.39 34.84 19.21
N LYS A 334 -3.24 34.53 20.50
CA LYS A 334 -2.39 33.42 20.88
C LYS A 334 -2.84 32.12 20.23
N ASP A 335 -4.14 31.96 19.97
CA ASP A 335 -4.65 30.84 19.21
C ASP A 335 -4.70 31.12 17.71
N GLY A 336 -4.85 32.39 17.33
CA GLY A 336 -4.79 32.77 15.94
C GLY A 336 -6.02 33.47 15.41
N LYS A 337 -6.86 33.99 16.29
CA LYS A 337 -8.10 34.62 15.86
C LYS A 337 -8.44 35.77 16.81
N ILE A 338 -9.03 36.82 16.26
CA ILE A 338 -9.53 37.94 17.04
C ILE A 338 -10.93 38.28 16.56
N PHE A 339 -11.86 38.39 17.49
CA PHE A 339 -13.23 38.80 17.20
C PHE A 339 -13.37 40.30 17.41
N VAL A 340 -14.23 40.91 16.61
CA VAL A 340 -14.61 42.31 16.78
C VAL A 340 -16.12 42.37 16.88
N TRP A 341 -16.62 42.93 17.98
CA TRP A 341 -18.04 42.90 18.32
C TRP A 341 -18.60 44.29 18.12
N LYS A 342 -19.41 44.46 17.07
CA LYS A 342 -20.04 45.75 16.78
C LYS A 342 -21.29 45.90 17.64
N GLY A 343 -21.30 46.90 18.52
CA GLY A 343 -22.49 47.22 19.27
C GLY A 343 -23.57 47.84 18.40
N LYS A 344 -24.82 47.68 18.83
CA LYS A 344 -25.93 48.22 18.05
C LYS A 344 -26.00 49.75 18.15
N GLN A 345 -25.58 50.32 19.28
CA GLN A 345 -25.53 51.76 19.44
C GLN A 345 -24.19 52.36 19.04
N ALA A 346 -23.26 51.55 18.54
CA ALA A 346 -21.98 52.07 18.08
C ALA A 346 -22.19 52.96 16.85
N ASN A 347 -21.49 54.10 16.84
CA ASN A 347 -21.66 55.06 15.76
C ASN A 347 -21.15 54.48 14.44
N THR A 348 -21.54 55.15 13.35
CA THR A 348 -21.27 54.60 12.02
C THR A 348 -19.78 54.66 11.70
N GLU A 349 -19.08 55.70 12.14
CA GLU A 349 -17.66 55.81 11.83
C GLU A 349 -16.88 54.62 12.39
N GLU A 350 -17.20 54.22 13.63
CA GLU A 350 -16.48 53.11 14.25
C GLU A 350 -16.90 51.77 13.64
N ARG A 351 -18.16 51.62 13.24
CA ARG A 351 -18.61 50.35 12.70
C ARG A 351 -17.99 50.06 11.33
N LYS A 352 -17.86 51.08 10.48
CA LYS A 352 -17.27 50.85 9.17
C LYS A 352 -15.76 50.71 9.25
N ALA A 353 -15.13 51.34 10.23
CA ALA A 353 -13.70 51.21 10.48
C ALA A 353 -13.37 50.06 11.42
N ALA A 354 -14.35 49.19 11.71
CA ALA A 354 -14.10 48.07 12.62
C ALA A 354 -13.16 47.04 12.01
N LEU A 355 -13.16 46.92 10.69
CA LEU A 355 -12.24 45.99 10.05
C LEU A 355 -10.79 46.51 10.11
N LYS A 356 -10.61 47.83 10.07
CA LYS A 356 -9.29 48.41 10.22
C LYS A 356 -8.83 48.38 11.68
N THR A 357 -9.77 48.49 12.62
CA THR A 357 -9.43 48.44 14.03
C THR A 357 -8.77 47.12 14.40
N ALA A 358 -9.15 46.03 13.73
CA ALA A 358 -8.49 44.75 13.98
C ALA A 358 -7.07 44.74 13.45
N SER A 359 -6.84 45.34 12.27
CA SER A 359 -5.49 45.40 11.73
C SER A 359 -4.58 46.23 12.62
N ASP A 360 -5.10 47.32 13.19
CA ASP A 360 -4.32 48.10 14.13
C ASP A 360 -4.06 47.32 15.41
N PHE A 361 -5.08 46.60 15.90
CA PHE A 361 -4.89 45.77 17.08
C PHE A 361 -3.91 44.64 16.82
N ILE A 362 -3.87 44.12 15.59
CA ILE A 362 -2.88 43.10 15.24
C ILE A 362 -1.48 43.66 15.39
N THR A 363 -1.27 44.91 14.95
CA THR A 363 0.03 45.53 15.08
C THR A 363 0.30 46.00 16.50
N LYS A 364 -0.72 46.56 17.17
CA LYS A 364 -0.54 47.05 18.53
C LYS A 364 -0.13 45.93 19.49
N MET A 365 -0.49 44.70 19.18
CA MET A 365 -0.12 43.55 19.99
C MET A 365 0.94 42.67 19.35
N ASP A 366 1.40 43.03 18.15
CA ASP A 366 2.46 42.31 17.45
C ASP A 366 2.06 40.85 17.18
N TYR A 367 0.82 40.65 16.74
CA TYR A 367 0.41 39.35 16.26
C TYR A 367 0.79 39.20 14.79
N PRO A 368 0.87 37.96 14.28
CA PRO A 368 1.20 37.78 12.88
C PRO A 368 0.14 38.39 11.97
N LYS A 369 0.57 38.75 10.75
CA LYS A 369 -0.36 39.34 9.79
C LYS A 369 -1.48 38.38 9.43
N GLN A 370 -1.18 37.07 9.38
CA GLN A 370 -2.15 36.08 8.95
C GLN A 370 -3.08 35.66 10.09
N THR A 371 -3.35 36.58 11.01
CA THR A 371 -4.30 36.31 12.09
C THR A 371 -5.72 36.34 11.57
N GLN A 372 -6.52 35.36 11.97
CA GLN A 372 -7.91 35.30 11.56
C GLN A 372 -8.69 36.44 12.22
N VAL A 373 -9.49 37.14 11.43
CA VAL A 373 -10.32 38.24 11.91
C VAL A 373 -11.77 37.92 11.62
N SER A 374 -12.63 38.19 12.60
CA SER A 374 -14.07 37.99 12.46
C SER A 374 -14.78 39.13 13.19
N VAL A 375 -15.36 40.04 12.44
CA VAL A 375 -16.21 41.09 13.00
C VAL A 375 -17.65 40.64 12.87
N LEU A 376 -18.46 40.96 13.88
CA LEU A 376 -19.83 40.47 13.94
C LEU A 376 -20.70 41.49 14.65
N PRO A 377 -21.98 41.58 14.31
CA PRO A 377 -22.87 42.54 14.97
C PRO A 377 -23.53 41.97 16.22
N GLU A 378 -24.06 42.89 17.03
CA GLU A 378 -24.82 42.49 18.20
C GLU A 378 -26.10 41.76 17.80
N GLY A 379 -26.38 40.65 18.48
CA GLY A 379 -27.51 39.83 18.14
C GLY A 379 -27.29 38.88 16.99
N GLY A 380 -26.08 38.82 16.45
CA GLY A 380 -25.74 37.87 15.40
C GLY A 380 -24.40 37.21 15.67
N GLU A 381 -24.15 36.89 16.94
CA GLU A 381 -22.86 36.36 17.35
C GLU A 381 -22.77 34.87 17.04
N THR A 382 -21.60 34.43 16.60
CA THR A 382 -21.37 33.01 16.36
C THR A 382 -21.27 32.25 17.68
N PRO A 383 -21.63 30.97 17.69
CA PRO A 383 -21.52 30.19 18.94
C PRO A 383 -20.09 30.09 19.46
N LEU A 384 -19.10 30.11 18.55
CA LEU A 384 -17.70 30.16 18.99
C LEU A 384 -17.44 31.38 19.86
N PHE A 385 -17.97 32.54 19.44
CA PHE A 385 -17.78 33.77 20.22
C PHE A 385 -18.57 33.73 21.52
N LYS A 386 -19.77 33.15 21.51
CA LYS A 386 -20.64 33.19 22.68
C LYS A 386 -20.16 32.27 23.80
N GLN A 387 -19.37 31.25 23.48
CA GLN A 387 -18.89 30.34 24.51
C GLN A 387 -17.83 30.96 25.41
N PHE A 388 -17.27 32.11 25.04
CA PHE A 388 -16.34 32.85 25.89
C PHE A 388 -17.04 33.56 27.05
N PHE A 389 -18.34 33.37 27.25
CA PHE A 389 -19.09 34.15 28.21
C PHE A 389 -19.83 33.24 29.18
N LYS A 390 -20.04 33.75 30.39
CA LYS A 390 -20.73 33.03 31.44
C LYS A 390 -22.25 33.15 31.20
N ASN A 391 -22.87 32.03 30.81
CA ASN A 391 -24.31 31.95 30.61
C ASN A 391 -24.80 33.00 29.63
N TRP A 392 -24.59 32.79 28.34
CA TRP A 392 -25.05 33.72 27.32
C TRP A 392 -26.55 33.54 27.10
N ARG A 393 -27.28 34.64 27.07
CA ARG A 393 -28.73 34.62 26.85
C ARG A 393 -29.08 35.60 25.74
N ASP A 394 -29.94 35.16 24.82
CA ASP A 394 -30.45 36.04 23.77
C ASP A 394 -31.85 36.52 24.14
N PRO A 395 -32.14 37.83 24.09
CA PRO A 395 -33.44 38.38 24.49
C PRO A 395 -34.61 37.84 23.67
N LEU A 401 -38.28 28.90 16.39
CA LEU A 401 -37.18 27.96 16.43
C LEU A 401 -35.91 28.55 15.83
N GLY A 402 -34.78 28.34 16.49
CA GLY A 402 -33.50 28.86 16.07
C GLY A 402 -32.99 29.94 17.00
N LEU A 403 -31.77 30.38 16.72
CA LEU A 403 -31.11 31.40 17.53
C LEU A 403 -30.53 32.46 16.59
N SER A 404 -29.57 33.23 17.11
CA SER A 404 -28.96 34.31 16.33
C SER A 404 -28.22 33.74 15.12
N TYR A 405 -27.25 32.87 15.37
CA TYR A 405 -26.44 32.25 14.33
C TYR A 405 -26.85 30.79 14.16
N LEU A 406 -26.47 30.23 13.01
CA LEU A 406 -26.68 28.81 12.72
C LEU A 406 -25.43 28.30 12.03
N SER A 407 -24.68 27.43 12.70
CA SER A 407 -23.43 26.94 12.15
C SER A 407 -23.65 26.29 10.80
N SER A 408 -22.87 26.72 9.80
CA SER A 408 -23.11 26.32 8.42
C SER A 408 -22.92 24.83 8.21
N HIS A 409 -22.20 24.14 9.09
CA HIS A 409 -21.97 22.71 8.93
C HIS A 409 -23.05 21.85 9.55
N ILE A 410 -23.91 22.40 10.40
CA ILE A 410 -25.07 21.69 10.92
C ILE A 410 -26.37 22.23 10.33
N ALA A 411 -26.29 23.15 9.37
CA ALA A 411 -27.49 23.68 8.74
C ALA A 411 -28.16 22.67 7.82
N ASN A 412 -27.41 21.67 7.35
CA ASN A 412 -27.97 20.62 6.51
C ASN A 412 -28.57 19.47 7.31
N VAL A 413 -28.33 19.42 8.61
CA VAL A 413 -28.85 18.34 9.45
C VAL A 413 -30.33 18.62 9.74
N GLU A 414 -31.18 17.67 9.40
CA GLU A 414 -32.60 17.79 9.66
C GLU A 414 -32.90 17.43 11.11
N ARG A 415 -33.60 18.32 11.80
CA ARG A 415 -33.86 18.13 13.23
C ARG A 415 -34.93 17.07 13.42
N VAL A 416 -34.60 15.99 14.15
CA VAL A 416 -35.58 14.95 14.42
C VAL A 416 -35.81 14.85 15.93
N PRO A 417 -36.99 15.20 16.42
CA PRO A 417 -37.28 15.05 17.85
C PRO A 417 -37.34 13.58 18.24
N PHE A 418 -37.33 13.35 19.56
CA PHE A 418 -37.26 11.99 20.08
C PHE A 418 -38.60 11.30 20.03
N ASP A 419 -38.58 10.01 19.68
CA ASP A 419 -39.77 9.18 19.69
C ASP A 419 -39.32 7.74 19.92
N ALA A 420 -39.66 7.18 21.08
CA ALA A 420 -39.15 5.87 21.46
C ALA A 420 -39.63 4.78 20.50
N ALA A 421 -40.78 4.99 19.85
CA ALA A 421 -41.30 3.98 18.94
C ALA A 421 -40.43 3.86 17.69
N THR A 422 -39.84 4.96 17.23
CA THR A 422 -39.02 4.96 16.03
C THR A 422 -37.53 5.16 16.32
N LEU A 423 -37.11 5.02 17.57
CA LEU A 423 -35.70 5.25 17.90
C LEU A 423 -34.81 4.22 17.24
N HIS A 424 -35.26 2.97 17.17
CA HIS A 424 -34.45 1.92 16.56
C HIS A 424 -34.30 2.09 15.05
N THR A 425 -35.03 3.02 14.45
CA THR A 425 -34.97 3.25 13.01
C THR A 425 -34.04 4.40 12.63
N SER A 426 -34.08 5.50 13.38
CA SER A 426 -33.35 6.71 13.05
C SER A 426 -32.03 6.74 13.83
N THR A 427 -30.91 6.60 13.11
CA THR A 427 -29.62 6.83 13.74
C THR A 427 -29.44 8.31 14.09
N ALA A 428 -30.08 9.20 13.34
CA ALA A 428 -29.97 10.62 13.64
C ALA A 428 -30.63 10.96 14.98
N MET A 429 -31.81 10.39 15.24
CA MET A 429 -32.45 10.61 16.53
C MET A 429 -31.59 10.11 17.67
N ALA A 430 -30.80 9.05 17.44
CA ALA A 430 -29.93 8.53 18.48
C ALA A 430 -28.79 9.50 18.80
N ALA A 431 -28.30 10.22 17.81
CA ALA A 431 -27.20 11.15 18.05
C ALA A 431 -27.66 12.41 18.76
N GLN A 432 -28.79 12.98 18.32
CA GLN A 432 -29.22 14.26 18.86
C GLN A 432 -29.66 14.17 20.31
N HIS A 433 -29.98 12.98 20.80
CA HIS A 433 -30.41 12.81 22.18
C HIS A 433 -29.50 11.92 23.00
N GLY A 434 -28.44 11.37 22.40
CA GLY A 434 -27.52 10.53 23.13
C GLY A 434 -28.05 9.17 23.51
N MET A 435 -29.17 8.75 22.95
CA MET A 435 -29.80 7.47 23.27
C MET A 435 -29.37 6.44 22.23
N ASP A 436 -28.41 5.58 22.59
CA ASP A 436 -28.05 4.50 21.68
C ASP A 436 -29.22 3.54 21.48
N ASP A 437 -30.03 3.33 22.53
CA ASP A 437 -31.32 2.68 22.40
C ASP A 437 -32.21 3.18 23.54
N ASP A 438 -33.32 2.49 23.77
CA ASP A 438 -34.25 2.93 24.80
C ASP A 438 -33.77 2.66 26.21
N GLY A 439 -32.72 1.86 26.38
CA GLY A 439 -32.19 1.58 27.71
C GLY A 439 -32.87 0.46 28.44
N THR A 440 -33.43 -0.51 27.72
CA THR A 440 -34.14 -1.64 28.32
C THR A 440 -33.55 -2.94 27.82
N GLY A 441 -32.24 -3.09 27.94
CA GLY A 441 -31.54 -4.28 27.51
C GLY A 441 -30.90 -5.00 28.69
N GLN A 442 -30.21 -6.09 28.36
CA GLN A 442 -29.53 -6.87 29.38
C GLN A 442 -28.33 -6.09 29.91
N LYS A 443 -28.27 -5.89 31.23
CA LYS A 443 -27.21 -5.11 31.84
C LYS A 443 -26.78 -5.76 33.14
N GLN A 444 -25.49 -5.61 33.45
CA GLN A 444 -24.90 -6.07 34.70
C GLN A 444 -24.15 -4.92 35.35
N ILE A 445 -24.29 -4.80 36.67
CA ILE A 445 -23.71 -3.69 37.43
C ILE A 445 -22.79 -4.26 38.50
N TRP A 446 -21.60 -3.69 38.60
CA TRP A 446 -20.63 -4.04 39.64
C TRP A 446 -20.32 -2.81 40.48
N ARG A 447 -19.85 -3.05 41.69
CA ARG A 447 -19.35 -2.01 42.59
C ARG A 447 -17.89 -2.33 42.92
N ILE A 448 -17.04 -1.31 42.85
CA ILE A 448 -15.60 -1.50 43.01
C ILE A 448 -15.29 -1.44 44.51
N GLU A 449 -15.02 -2.60 45.09
CA GLU A 449 -14.59 -2.72 46.48
C GLU A 449 -13.13 -3.15 46.45
N GLY A 450 -12.22 -2.22 46.72
CA GLY A 450 -10.81 -2.53 46.71
C GLY A 450 -10.25 -2.68 45.32
N SER A 451 -9.90 -3.91 44.94
CA SER A 451 -9.27 -4.18 43.66
C SER A 451 -10.05 -5.20 42.84
N ASN A 452 -11.34 -5.38 43.12
CA ASN A 452 -12.15 -6.34 42.39
C ASN A 452 -13.57 -5.80 42.26
N LYS A 453 -14.29 -6.36 41.29
CA LYS A 453 -15.68 -5.99 41.04
C LYS A 453 -16.61 -6.80 41.93
N VAL A 454 -17.56 -6.12 42.56
CA VAL A 454 -18.54 -6.75 43.43
C VAL A 454 -19.92 -6.54 42.81
N PRO A 455 -20.66 -7.61 42.50
CA PRO A 455 -21.99 -7.43 41.90
C PRO A 455 -22.94 -6.68 42.84
N VAL A 456 -23.64 -5.70 42.28
CA VAL A 456 -24.58 -4.90 43.05
C VAL A 456 -25.87 -5.66 43.22
N ASP A 457 -26.49 -5.52 44.39
CA ASP A 457 -27.76 -6.16 44.69
C ASP A 457 -28.80 -5.76 43.64
N PRO A 458 -29.41 -6.71 42.93
CA PRO A 458 -30.39 -6.35 41.90
C PRO A 458 -31.54 -5.51 42.42
N ALA A 459 -31.86 -5.58 43.71
CA ALA A 459 -32.92 -4.74 44.26
C ALA A 459 -32.49 -3.28 44.32
N THR A 460 -31.19 -3.03 44.46
CA THR A 460 -30.66 -1.66 44.55
C THR A 460 -30.30 -1.08 43.19
N TYR A 461 -30.58 -1.78 42.09
CA TYR A 461 -30.26 -1.28 40.76
C TYR A 461 -30.87 0.08 40.53
N GLY A 462 -30.04 1.08 40.30
CA GLY A 462 -30.46 2.45 40.12
C GLY A 462 -30.00 3.38 41.22
N GLN A 463 -29.46 2.86 42.31
CA GLN A 463 -28.97 3.67 43.41
C GLN A 463 -27.45 3.65 43.39
N PHE A 464 -26.84 4.82 43.21
CA PHE A 464 -25.40 4.96 43.19
C PHE A 464 -24.99 5.90 44.32
N TYR A 465 -24.02 5.46 45.12
CA TYR A 465 -23.53 6.25 46.24
C TYR A 465 -22.27 7.00 45.85
N GLY A 466 -22.16 8.24 46.35
CA GLY A 466 -21.07 9.10 45.95
C GLY A 466 -19.70 8.57 46.37
N GLY A 467 -19.65 7.81 47.46
CA GLY A 467 -18.40 7.25 47.92
C GLY A 467 -17.94 6.00 47.20
N ASP A 468 -18.68 5.55 46.20
CA ASP A 468 -18.36 4.32 45.47
C ASP A 468 -18.07 4.63 44.01
N SER A 469 -17.48 3.64 43.35
CA SER A 469 -17.29 3.64 41.90
C SER A 469 -17.89 2.36 41.34
N TYR A 470 -18.56 2.48 40.20
CA TYR A 470 -19.34 1.39 39.64
C TYR A 470 -18.92 1.11 38.20
N ILE A 471 -19.28 -0.08 37.73
CA ILE A 471 -19.07 -0.48 36.34
C ILE A 471 -20.35 -1.13 35.86
N ILE A 472 -20.93 -0.60 34.79
CA ILE A 472 -22.18 -1.10 34.23
C ILE A 472 -21.90 -1.57 32.81
N LEU A 473 -22.13 -2.85 32.56
CA LEU A 473 -21.98 -3.43 31.23
C LEU A 473 -23.37 -3.60 30.63
N TYR A 474 -23.67 -2.83 29.59
CA TYR A 474 -24.99 -2.82 28.96
C TYR A 474 -24.88 -3.27 27.52
N ASN A 475 -25.90 -4.01 27.07
CA ASN A 475 -25.99 -4.51 25.70
C ASN A 475 -27.09 -3.71 24.99
N TYR A 476 -26.69 -2.81 24.10
CA TYR A 476 -27.65 -2.01 23.35
C TYR A 476 -28.02 -2.70 22.05
N ARG A 477 -29.29 -2.59 21.68
CA ARG A 477 -29.78 -3.06 20.39
C ARG A 477 -30.39 -1.88 19.65
N HIS A 478 -30.02 -1.71 18.39
CA HIS A 478 -30.48 -0.58 17.60
C HIS A 478 -30.27 -0.90 16.13
N GLY A 479 -31.29 -0.68 15.32
CA GLY A 479 -31.20 -1.07 13.93
C GLY A 479 -31.08 -2.58 13.80
N GLY A 480 -30.32 -3.02 12.80
CA GLY A 480 -30.10 -4.44 12.63
C GLY A 480 -28.97 -4.98 13.47
N ARG A 481 -28.02 -4.13 13.85
CA ARG A 481 -26.83 -4.56 14.57
C ARG A 481 -27.09 -4.57 16.08
N GLN A 482 -26.15 -5.15 16.81
CA GLN A 482 -26.21 -5.22 18.26
C GLN A 482 -24.83 -4.88 18.82
N GLY A 483 -24.82 -4.11 19.91
CA GLY A 483 -23.56 -3.67 20.50
C GLY A 483 -23.53 -3.65 22.00
N GLN A 484 -22.46 -3.11 22.59
CA GLN A 484 -22.30 -3.08 24.03
C GLN A 484 -21.64 -1.78 24.48
N ILE A 485 -22.02 -1.33 25.67
CA ILE A 485 -21.47 -0.13 26.29
C ILE A 485 -21.03 -0.48 27.70
N ILE A 486 -19.89 0.07 28.12
CA ILE A 486 -19.36 -0.11 29.47
C ILE A 486 -19.33 1.26 30.13
N TYR A 487 -20.18 1.46 31.13
CA TYR A 487 -20.19 2.70 31.89
C TYR A 487 -19.31 2.56 33.13
N ASN A 488 -18.54 3.60 33.42
CA ASN A 488 -17.69 3.66 34.59
C ASN A 488 -18.09 4.90 35.39
N TRP A 489 -18.98 4.71 36.36
CA TRP A 489 -19.51 5.80 37.16
C TRP A 489 -18.58 6.03 38.34
N GLN A 490 -17.79 7.11 38.26
CA GLN A 490 -16.86 7.47 39.32
C GLN A 490 -17.53 8.46 40.26
N GLY A 491 -17.81 8.04 41.48
CA GLY A 491 -18.39 8.95 42.46
C GLY A 491 -17.42 10.05 42.83
N ALA A 492 -17.96 11.24 43.07
CA ALA A 492 -17.13 12.38 43.39
C ALA A 492 -16.53 12.30 44.78
N GLN A 493 -17.04 11.41 45.63
CA GLN A 493 -16.55 11.26 47.00
C GLN A 493 -15.84 9.94 47.21
N SER A 494 -15.60 9.17 46.15
CA SER A 494 -14.92 7.89 46.28
C SER A 494 -13.42 8.09 46.42
N THR A 495 -12.79 7.15 47.13
CA THR A 495 -11.35 7.22 47.35
C THR A 495 -10.61 7.02 46.03
N GLN A 496 -9.44 7.67 45.92
CA GLN A 496 -8.73 7.70 44.65
C GLN A 496 -8.25 6.32 44.24
N ASP A 497 -7.94 5.44 45.19
CA ASP A 497 -7.44 4.12 44.82
C ASP A 497 -8.53 3.28 44.17
N GLU A 498 -9.77 3.40 44.64
CA GLU A 498 -10.86 2.66 44.02
C GLU A 498 -11.32 3.31 42.72
N VAL A 499 -11.24 4.63 42.62
CA VAL A 499 -11.59 5.32 41.38
C VAL A 499 -10.66 4.88 40.26
N ALA A 500 -9.35 4.84 40.53
CA ALA A 500 -8.41 4.37 39.54
C ALA A 500 -8.59 2.89 39.24
N ALA A 501 -8.93 2.10 40.26
CA ALA A 501 -9.17 0.68 40.04
C ALA A 501 -10.41 0.47 39.16
N SER A 502 -11.44 1.30 39.34
CA SER A 502 -12.62 1.18 38.49
C SER A 502 -12.26 1.42 37.03
N ALA A 503 -11.40 2.42 36.77
CA ALA A 503 -11.00 2.70 35.40
C ALA A 503 -10.10 1.60 34.84
N ILE A 504 -9.25 1.01 35.69
CA ILE A 504 -8.41 -0.09 35.24
C ILE A 504 -9.26 -1.32 34.94
N LEU A 505 -10.24 -1.60 35.80
CA LEU A 505 -11.15 -2.72 35.56
C LEU A 505 -12.07 -2.45 34.38
N THR A 506 -12.44 -1.20 34.14
CA THR A 506 -13.26 -0.88 32.98
C THR A 506 -12.49 -1.12 31.69
N ALA A 507 -11.19 -0.85 31.69
CA ALA A 507 -10.38 -1.07 30.49
C ALA A 507 -10.14 -2.54 30.25
N GLN A 508 -9.82 -3.29 31.30
CA GLN A 508 -9.61 -4.72 31.15
C GLN A 508 -10.89 -5.43 30.73
N LEU A 509 -12.04 -4.99 31.26
CA LEU A 509 -13.31 -5.57 30.85
C LEU A 509 -13.54 -5.39 29.36
N ASP A 510 -13.08 -4.27 28.80
CA ASP A 510 -13.24 -4.04 27.37
C ASP A 510 -12.32 -4.97 26.57
N GLU A 511 -11.05 -5.06 26.97
CA GLU A 511 -10.10 -5.86 26.20
C GLU A 511 -10.38 -7.35 26.34
N GLU A 512 -11.00 -7.77 27.46
CA GLU A 512 -11.39 -9.17 27.58
C GLU A 512 -12.69 -9.46 26.86
N LEU A 513 -13.49 -8.44 26.57
CA LEU A 513 -14.69 -8.58 25.77
C LEU A 513 -14.43 -8.42 24.28
N GLY A 514 -13.19 -8.62 23.84
CA GLY A 514 -12.84 -8.51 22.44
C GLY A 514 -12.34 -7.15 22.00
N GLY A 515 -12.33 -6.16 22.90
CA GLY A 515 -11.90 -4.82 22.53
C GLY A 515 -12.87 -4.09 21.64
N THR A 516 -14.15 -4.45 21.67
CA THR A 516 -15.18 -3.84 20.84
C THR A 516 -16.18 -2.96 21.60
N PRO A 517 -16.56 -3.27 22.85
CA PRO A 517 -17.57 -2.44 23.52
C PRO A 517 -17.10 -1.00 23.71
N VAL A 518 -18.04 -0.18 24.16
CA VAL A 518 -17.82 1.25 24.32
C VAL A 518 -17.43 1.54 25.77
N GLN A 519 -16.46 2.43 25.96
CA GLN A 519 -16.09 2.91 27.28
C GLN A 519 -16.63 4.32 27.47
N SER A 520 -17.10 4.62 28.69
CA SER A 520 -17.72 5.92 28.96
C SER A 520 -17.46 6.28 30.42
N ARG A 521 -16.46 7.13 30.66
CA ARG A 521 -16.20 7.64 32.00
C ARG A 521 -17.22 8.71 32.36
N VAL A 522 -17.96 8.50 33.43
CA VAL A 522 -18.99 9.44 33.87
C VAL A 522 -18.78 9.74 35.35
N VAL A 523 -18.87 11.02 35.70
CA VAL A 523 -18.65 11.47 37.07
C VAL A 523 -20.00 11.83 37.69
N GLN A 524 -20.07 11.71 39.01
CA GLN A 524 -21.28 12.03 39.76
C GLN A 524 -21.75 13.44 39.48
N GLY A 525 -22.96 13.55 38.90
CA GLY A 525 -23.52 14.84 38.57
C GLY A 525 -23.81 15.00 37.09
N LYS A 526 -22.84 14.70 36.24
CA LYS A 526 -22.98 14.81 34.79
C LYS A 526 -23.12 13.42 34.18
N GLU A 527 -24.31 12.81 34.40
CA GLU A 527 -24.59 11.50 33.81
C GLU A 527 -25.24 11.68 32.43
N PRO A 528 -24.82 10.89 31.45
CA PRO A 528 -25.38 11.03 30.10
C PRO A 528 -26.86 10.69 30.07
N ALA A 529 -27.48 10.99 28.92
CA ALA A 529 -28.91 10.73 28.78
C ALA A 529 -29.20 9.24 28.70
N HIS A 530 -28.31 8.47 28.06
CA HIS A 530 -28.54 7.05 27.90
C HIS A 530 -28.40 6.31 29.23
N LEU A 531 -27.59 6.82 30.15
CA LEU A 531 -27.39 6.14 31.43
C LEU A 531 -28.59 6.29 32.35
N MET A 532 -29.37 7.37 32.20
CA MET A 532 -30.53 7.57 33.05
C MET A 532 -31.61 6.52 32.77
N SER A 533 -31.75 6.11 31.51
CA SER A 533 -32.87 5.29 31.08
C SER A 533 -32.61 3.79 31.22
N LEU A 534 -31.47 3.39 31.78
CA LEU A 534 -31.14 1.97 31.84
C LEU A 534 -31.97 1.20 32.85
N PHE A 535 -32.74 1.87 33.71
CA PHE A 535 -33.44 1.23 34.81
C PHE A 535 -34.95 1.18 34.58
N GLY A 536 -35.36 0.88 33.36
CA GLY A 536 -36.76 0.75 33.05
C GLY A 536 -37.55 2.01 33.34
N GLY A 537 -38.38 1.96 34.38
CA GLY A 537 -39.16 3.12 34.77
C GLY A 537 -38.61 3.81 36.00
N LYS A 538 -37.72 3.12 36.70
CA LYS A 538 -37.15 3.66 37.93
C LYS A 538 -36.14 4.76 37.61
N PRO A 539 -36.11 5.82 38.39
CA PRO A 539 -35.13 6.89 38.16
C PRO A 539 -33.76 6.53 38.72
N MET A 540 -32.73 7.09 38.10
CA MET A 540 -31.35 6.88 38.54
C MET A 540 -31.09 7.75 39.76
N ILE A 541 -31.03 7.13 40.93
CA ILE A 541 -30.86 7.84 42.19
C ILE A 541 -29.37 7.93 42.53
N ILE A 542 -28.89 9.15 42.76
CA ILE A 542 -27.50 9.42 43.08
C ILE A 542 -27.45 10.05 44.46
N TYR A 543 -26.76 9.37 45.39
CA TYR A 543 -26.56 9.90 46.74
C TYR A 543 -25.23 10.64 46.80
N LYS A 544 -25.21 11.74 47.55
CA LYS A 544 -24.02 12.59 47.56
C LYS A 544 -22.83 11.90 48.20
N GLY A 545 -23.08 11.04 49.19
CA GLY A 545 -21.98 10.37 49.87
C GLY A 545 -22.32 8.95 50.25
N GLY A 546 -21.59 8.40 51.22
CA GLY A 546 -21.85 7.07 51.70
C GLY A 546 -21.40 5.99 50.73
N THR A 547 -21.72 4.75 51.10
CA THR A 547 -21.36 3.59 50.30
C THR A 547 -22.37 2.48 50.54
N SER A 548 -22.46 1.57 49.58
CA SER A 548 -23.42 0.48 49.61
C SER A 548 -22.75 -0.88 49.83
N ARG A 549 -21.54 -0.90 50.37
CA ARG A 549 -20.87 -2.16 50.65
C ARG A 549 -21.35 -2.71 52.00
N GLU A 550 -21.15 -4.03 52.17
CA GLU A 550 -21.65 -4.69 53.38
C GLU A 550 -20.98 -4.16 54.64
N GLY A 551 -19.68 -3.91 54.57
CA GLY A 551 -18.94 -3.41 55.71
C GLY A 551 -19.41 -2.06 56.21
N GLY A 552 -19.06 -1.01 55.49
CA GLY A 552 -19.45 0.34 55.88
C GLY A 552 -20.87 0.69 55.47
N GLN A 553 -21.79 0.67 56.42
CA GLN A 553 -23.17 1.09 56.20
C GLN A 553 -23.31 2.48 56.81
N THR A 554 -23.12 3.51 55.98
CA THR A 554 -23.16 4.88 56.45
C THR A 554 -24.60 5.32 56.69
N ALA A 555 -24.79 6.18 57.70
CA ALA A 555 -26.10 6.73 57.98
C ALA A 555 -26.37 7.96 57.13
N PRO A 556 -27.62 8.17 56.72
CA PRO A 556 -27.95 9.35 55.90
C PRO A 556 -27.89 10.63 56.73
N ALA A 557 -27.84 11.75 56.02
CA ALA A 557 -27.84 13.05 56.69
C ALA A 557 -29.24 13.36 57.21
N SER A 558 -29.29 14.33 58.14
CA SER A 558 -30.58 14.70 58.74
C SER A 558 -31.51 15.32 57.72
N THR A 559 -31.01 16.24 56.90
CA THR A 559 -31.80 16.89 55.86
C THR A 559 -31.08 16.75 54.53
N ARG A 560 -31.78 16.22 53.54
CA ARG A 560 -31.21 15.95 52.22
C ARG A 560 -32.07 16.60 51.14
N LEU A 561 -31.45 16.83 49.98
CA LEU A 561 -32.11 17.48 48.86
C LEU A 561 -31.76 16.72 47.59
N PHE A 562 -32.77 16.37 46.79
CA PHE A 562 -32.58 15.60 45.57
C PHE A 562 -33.14 16.39 44.39
N GLN A 563 -32.29 16.63 43.39
CA GLN A 563 -32.71 17.28 42.16
C GLN A 563 -33.09 16.22 41.14
N VAL A 564 -34.32 16.27 40.64
CA VAL A 564 -34.86 15.26 39.74
C VAL A 564 -34.83 15.85 38.33
N ARG A 565 -33.81 15.49 37.56
CA ARG A 565 -33.65 15.95 36.20
C ARG A 565 -34.22 14.91 35.23
N ALA A 566 -34.78 15.39 34.13
CA ALA A 566 -35.37 14.52 33.11
C ALA A 566 -34.66 14.74 31.78
N ASN A 567 -34.54 13.68 31.00
CA ASN A 567 -33.86 13.73 29.72
C ASN A 567 -34.89 13.68 28.58
N SER A 568 -34.38 13.45 27.36
CA SER A 568 -35.25 13.46 26.18
C SER A 568 -36.27 12.33 26.23
N ALA A 569 -35.88 11.16 26.73
CA ALA A 569 -36.74 9.99 26.77
C ALA A 569 -37.68 9.99 27.97
N GLY A 570 -37.77 11.07 28.72
CA GLY A 570 -38.65 11.14 29.87
C GLY A 570 -38.16 10.44 31.11
N ALA A 571 -37.04 9.71 31.03
CA ALA A 571 -36.46 9.06 32.19
C ALA A 571 -35.80 10.09 33.10
N THR A 572 -35.99 9.94 34.40
CA THR A 572 -35.51 10.90 35.38
C THR A 572 -34.28 10.37 36.12
N ARG A 573 -33.56 11.30 36.75
CA ARG A 573 -32.45 10.97 37.62
C ARG A 573 -32.50 11.90 38.83
N ALA A 574 -32.31 11.32 40.01
CA ALA A 574 -32.40 12.06 41.26
C ALA A 574 -31.00 12.17 41.86
N VAL A 575 -30.36 13.31 41.66
CA VAL A 575 -29.01 13.57 42.16
C VAL A 575 -29.11 14.37 43.46
N GLU A 576 -28.43 13.90 44.50
CA GLU A 576 -28.45 14.58 45.79
C GLU A 576 -27.55 15.79 45.76
N VAL A 577 -28.04 16.91 46.29
CA VAL A 577 -27.34 18.18 46.32
C VAL A 577 -27.35 18.71 47.75
N LEU A 578 -26.77 19.88 47.93
CA LEU A 578 -26.72 20.49 49.25
C LEU A 578 -28.08 21.07 49.62
N PRO A 579 -28.51 20.92 50.87
CA PRO A 579 -29.84 21.44 51.25
C PRO A 579 -29.86 22.96 51.40
N LYS A 580 -29.67 23.67 50.30
CA LYS A 580 -29.76 25.12 50.27
C LYS A 580 -30.81 25.55 49.25
N ALA A 581 -31.42 26.71 49.49
CA ALA A 581 -32.47 27.20 48.60
C ALA A 581 -31.92 27.59 47.23
N GLY A 582 -30.64 27.97 47.16
CA GLY A 582 -30.07 28.36 45.88
C GLY A 582 -29.88 27.22 44.90
N ALA A 583 -29.89 25.98 45.39
CA ALA A 583 -29.72 24.82 44.54
C ALA A 583 -30.98 24.44 43.77
N LEU A 584 -32.10 25.14 43.99
CA LEU A 584 -33.33 24.83 43.31
C LEU A 584 -33.25 25.25 41.84
N ASN A 585 -34.16 24.70 41.05
CA ASN A 585 -34.22 24.97 39.61
C ASN A 585 -35.66 24.82 39.16
N SER A 586 -36.21 25.86 38.55
CA SER A 586 -37.62 25.86 38.18
C SER A 586 -37.95 24.82 37.12
N ASN A 587 -36.97 24.33 36.37
CA ASN A 587 -37.23 23.35 35.32
C ASN A 587 -37.41 21.94 35.87
N ASP A 588 -36.85 21.64 37.03
CA ASP A 588 -36.85 20.30 37.59
C ASP A 588 -37.76 20.23 38.81
N ALA A 589 -38.10 19.00 39.19
CA ALA A 589 -38.76 18.72 40.44
C ALA A 589 -37.72 18.38 41.49
N PHE A 590 -37.95 18.82 42.72
CA PHE A 590 -37.00 18.63 43.81
C PHE A 590 -37.68 17.93 44.98
N VAL A 591 -36.88 17.18 45.74
CA VAL A 591 -37.35 16.45 46.91
C VAL A 591 -36.51 16.88 48.10
N LEU A 592 -37.17 17.32 49.17
CA LEU A 592 -36.52 17.74 50.40
C LEU A 592 -36.92 16.77 51.51
N LYS A 593 -35.96 15.97 51.99
CA LYS A 593 -36.20 14.98 53.03
C LYS A 593 -35.72 15.55 54.36
N THR A 594 -36.64 16.21 55.07
CA THR A 594 -36.45 16.73 56.41
C THR A 594 -36.93 15.69 57.44
N PRO A 595 -36.37 15.69 58.65
CA PRO A 595 -36.85 14.73 59.66
C PRO A 595 -38.33 14.84 59.97
N SER A 596 -38.89 16.05 59.96
CA SER A 596 -40.29 16.23 60.32
C SER A 596 -41.22 15.83 59.18
N ALA A 597 -41.05 16.44 58.01
CA ALA A 597 -41.96 16.22 56.89
C ALA A 597 -41.27 15.57 55.70
N ALA A 598 -41.87 15.70 54.51
CA ALA A 598 -41.28 15.15 53.29
C ALA A 598 -41.92 15.90 52.12
N TYR A 599 -41.15 16.79 51.49
CA TYR A 599 -41.68 17.66 50.45
C TYR A 599 -41.49 17.07 49.06
N LEU A 600 -42.18 17.67 48.09
CA LEU A 600 -42.08 17.28 46.69
C LEU A 600 -42.25 18.55 45.86
N TRP A 601 -41.15 19.31 45.74
CA TRP A 601 -41.18 20.59 45.04
C TRP A 601 -41.37 20.35 43.55
N VAL A 602 -42.46 20.86 42.99
CA VAL A 602 -42.73 20.76 41.56
C VAL A 602 -42.45 22.13 40.94
N GLY A 603 -41.37 22.21 40.18
CA GLY A 603 -41.04 23.45 39.51
C GLY A 603 -42.05 23.79 38.43
N THR A 604 -42.18 25.09 38.16
CA THR A 604 -43.10 25.54 37.13
C THR A 604 -42.76 24.95 35.77
N GLY A 605 -41.47 24.70 35.52
CA GLY A 605 -41.05 24.07 34.28
C GLY A 605 -41.04 22.56 34.30
N ALA A 606 -41.26 21.96 35.48
CA ALA A 606 -41.28 20.50 35.56
C ALA A 606 -42.53 19.96 34.90
N SER A 607 -42.37 18.87 34.17
CA SER A 607 -43.46 18.24 33.44
C SER A 607 -43.94 16.99 34.19
N GLU A 608 -44.70 16.13 33.50
CA GLU A 608 -45.19 14.91 34.13
C GLU A 608 -44.06 13.94 34.46
N ALA A 609 -42.99 13.95 33.66
CA ALA A 609 -41.90 13.00 33.88
C ALA A 609 -41.18 13.25 35.20
N GLU A 610 -40.90 14.52 35.52
CA GLU A 610 -40.20 14.83 36.76
C GLU A 610 -41.06 14.51 37.98
N LYS A 611 -42.38 14.77 37.89
CA LYS A 611 -43.25 14.51 39.04
C LYS A 611 -43.39 13.01 39.31
N THR A 612 -43.63 12.23 38.25
CA THR A 612 -43.80 10.80 38.44
C THR A 612 -42.51 10.12 38.89
N GLY A 613 -41.36 10.68 38.51
CA GLY A 613 -40.09 10.14 38.97
C GLY A 613 -39.68 10.63 40.33
N ALA A 614 -40.23 11.75 40.78
CA ALA A 614 -39.88 12.27 42.10
C ALA A 614 -40.57 11.51 43.22
N GLN A 615 -41.84 11.13 43.03
CA GLN A 615 -42.55 10.40 44.07
C GLN A 615 -42.06 8.96 44.18
N GLU A 616 -41.55 8.40 43.08
CA GLU A 616 -40.95 7.06 43.17
C GLU A 616 -39.64 7.08 43.96
N LEU A 617 -38.96 8.22 44.02
CA LEU A 617 -37.82 8.35 44.91
C LEU A 617 -38.26 8.28 46.36
N LEU A 618 -39.42 8.86 46.70
CA LEU A 618 -39.93 8.76 48.05
C LEU A 618 -40.31 7.33 48.40
N ARG A 619 -40.64 6.51 47.39
CA ARG A 619 -40.89 5.10 47.64
C ARG A 619 -39.64 4.40 48.14
N VAL A 620 -38.46 4.91 47.77
CA VAL A 620 -37.21 4.39 48.30
C VAL A 620 -36.96 4.89 49.71
N LEU A 621 -37.28 6.16 49.97
CA LEU A 621 -37.07 6.75 51.29
C LEU A 621 -38.17 6.42 52.28
N ARG A 622 -39.22 5.70 51.85
CA ARG A 622 -40.32 5.28 52.71
C ARG A 622 -40.97 6.47 53.41
N ALA A 623 -41.02 7.63 52.75
CA ALA A 623 -41.65 8.82 53.27
C ALA A 623 -42.73 9.28 52.32
N GLN A 624 -43.94 9.49 52.85
CA GLN A 624 -45.06 9.93 52.02
C GLN A 624 -44.89 11.42 51.68
N PRO A 625 -44.84 11.78 50.41
CA PRO A 625 -44.52 13.16 50.04
C PRO A 625 -45.69 14.12 50.24
N VAL A 626 -45.34 15.39 50.43
CA VAL A 626 -46.29 16.48 50.46
C VAL A 626 -45.98 17.36 49.26
N GLN A 627 -46.71 17.16 48.17
CA GLN A 627 -46.43 17.89 46.94
C GLN A 627 -46.70 19.38 47.16
N VAL A 628 -45.72 20.22 46.81
CA VAL A 628 -45.80 21.65 47.01
C VAL A 628 -45.36 22.36 45.74
N ALA A 629 -46.01 23.48 45.44
CA ALA A 629 -45.80 24.20 44.19
C ALA A 629 -44.70 25.25 44.34
N GLU A 630 -44.20 25.71 43.20
CA GLU A 630 -43.15 26.72 43.19
C GLU A 630 -43.72 28.09 43.58
N GLY A 631 -42.99 28.79 44.45
CA GLY A 631 -43.45 30.07 44.94
C GLY A 631 -44.67 30.00 45.84
N SER A 632 -45.12 28.79 46.20
CA SER A 632 -46.28 28.59 47.05
C SER A 632 -45.97 27.57 48.13
N GLU A 633 -44.82 27.75 48.77
CA GLU A 633 -44.35 26.77 49.75
C GLU A 633 -44.65 27.27 51.16
N PRO A 634 -45.15 26.41 52.04
CA PRO A 634 -45.33 26.83 53.44
C PRO A 634 -44.00 27.23 54.07
N ASP A 635 -44.10 27.94 55.18
CA ASP A 635 -42.91 28.47 55.84
C ASP A 635 -41.95 27.37 56.25
N GLY A 636 -42.48 26.21 56.66
CA GLY A 636 -41.61 25.14 57.14
C GLY A 636 -40.67 24.60 56.09
N PHE A 637 -41.00 24.82 54.81
CA PHE A 637 -40.12 24.38 53.74
C PHE A 637 -38.84 25.21 53.72
N TRP A 638 -38.96 26.53 53.84
CA TRP A 638 -37.78 27.38 53.82
C TRP A 638 -36.95 27.21 55.09
N GLU A 639 -37.59 26.86 56.22
CA GLU A 639 -36.84 26.64 57.44
C GLU A 639 -35.95 25.41 57.35
N ALA A 640 -36.36 24.41 56.57
CA ALA A 640 -35.55 23.20 56.42
C ALA A 640 -34.30 23.47 55.58
N LEU A 641 -34.41 24.35 54.58
CA LEU A 641 -33.25 24.66 53.74
C LEU A 641 -32.25 25.52 54.49
N GLY A 642 -32.67 26.71 54.91
CA GLY A 642 -31.79 27.63 55.61
C GLY A 642 -32.07 29.08 55.24
N GLY A 643 -33.29 29.36 54.83
CA GLY A 643 -33.68 30.69 54.42
C GLY A 643 -33.92 30.74 52.93
N LYS A 644 -34.93 31.50 52.52
CA LYS A 644 -35.26 31.62 51.11
C LYS A 644 -34.16 32.35 50.37
N ALA A 645 -33.82 31.86 49.18
CA ALA A 645 -32.76 32.45 48.37
C ALA A 645 -33.18 32.42 46.91
N ALA A 646 -32.51 33.24 46.10
CA ALA A 646 -32.80 33.34 44.68
C ALA A 646 -32.18 32.14 43.96
N TYR A 647 -33.03 31.26 43.45
CA TYR A 647 -32.58 30.04 42.79
C TYR A 647 -32.50 30.30 41.28
N ARG A 648 -32.58 29.24 40.48
CA ARG A 648 -32.37 29.31 39.02
C ARG A 648 -33.73 29.18 38.35
N THR A 649 -34.29 30.31 37.92
CA THR A 649 -35.59 30.32 37.26
C THR A 649 -35.48 30.23 35.74
N SER A 650 -34.30 30.51 35.18
CA SER A 650 -34.14 30.50 33.74
C SER A 650 -34.37 29.08 33.20
N PRO A 651 -35.06 28.94 32.08
CA PRO A 651 -35.36 27.62 31.53
C PRO A 651 -34.15 27.04 30.80
N ARG A 652 -34.30 25.80 30.33
CA ARG A 652 -33.26 25.09 29.62
C ARG A 652 -33.40 25.29 28.10
N LEU A 653 -32.36 24.89 27.38
CA LEU A 653 -32.36 25.06 25.93
C LEU A 653 -33.16 23.97 25.24
N LYS A 654 -33.01 22.71 25.68
CA LYS A 654 -33.69 21.56 25.10
C LYS A 654 -33.40 21.41 23.61
N ASP A 655 -34.33 21.87 22.77
CA ASP A 655 -34.20 21.67 21.32
C ASP A 655 -33.10 22.53 20.72
N LYS A 656 -32.89 23.74 21.26
CA LYS A 656 -31.90 24.66 20.72
C LYS A 656 -30.51 24.45 21.28
N LYS A 657 -30.29 23.42 22.10
CA LYS A 657 -28.96 23.19 22.65
C LYS A 657 -27.99 22.70 21.58
N MET A 658 -28.50 22.07 20.52
CA MET A 658 -27.64 21.66 19.43
C MET A 658 -27.18 22.86 18.60
N ASP A 659 -28.02 23.89 18.49
CA ASP A 659 -27.63 25.08 17.73
C ASP A 659 -26.64 25.93 18.50
N ALA A 660 -26.85 26.11 19.80
CA ALA A 660 -25.96 26.94 20.59
C ALA A 660 -24.56 26.33 20.70
N HIS A 661 -24.47 25.00 20.69
CA HIS A 661 -23.19 24.29 20.80
C HIS A 661 -23.15 23.19 19.76
N PRO A 662 -22.82 23.52 18.51
CA PRO A 662 -22.84 22.51 17.46
C PRO A 662 -21.73 21.50 17.67
N PRO A 663 -21.91 20.27 17.19
CA PRO A 663 -20.87 19.24 17.35
C PRO A 663 -19.71 19.50 16.40
N ARG A 664 -18.51 19.60 16.97
CA ARG A 664 -17.31 19.80 16.19
C ARG A 664 -16.42 18.57 16.26
N LEU A 665 -15.69 18.33 15.18
CA LEU A 665 -14.81 17.18 15.05
C LEU A 665 -13.37 17.63 14.98
N PHE A 666 -12.49 16.98 15.75
CA PHE A 666 -11.09 17.35 15.84
C PHE A 666 -10.21 16.12 15.68
N ALA A 667 -9.01 16.33 15.14
CA ALA A 667 -7.93 15.37 15.20
C ALA A 667 -6.87 15.88 16.16
N CYS A 668 -6.23 14.95 16.88
CA CYS A 668 -5.30 15.33 17.92
C CYS A 668 -4.05 14.47 17.83
N SER A 669 -3.01 14.91 18.54
CA SER A 669 -1.74 14.18 18.61
C SER A 669 -0.99 14.67 19.83
N ASN A 670 -0.50 13.73 20.63
CA ASN A 670 0.27 14.05 21.83
C ASN A 670 1.76 13.81 21.61
N LYS A 671 2.31 14.45 20.58
CA LYS A 671 3.69 14.26 20.18
C LYS A 671 4.57 15.36 20.77
N ILE A 672 5.78 14.97 21.16
CA ILE A 672 6.78 15.86 21.77
C ILE A 672 6.17 16.55 22.98
N GLY A 673 5.43 15.82 23.80
CA GLY A 673 4.91 16.38 25.04
C GLY A 673 4.08 17.62 24.85
N ARG A 674 3.40 17.73 23.71
CA ARG A 674 2.56 18.88 23.41
C ARG A 674 1.27 18.40 22.78
N PHE A 675 0.14 18.74 23.40
CA PHE A 675 -1.16 18.31 22.90
C PHE A 675 -1.63 19.29 21.83
N VAL A 676 -1.58 18.86 20.58
CA VAL A 676 -2.04 19.66 19.44
C VAL A 676 -3.34 19.07 18.92
N ILE A 677 -4.29 19.94 18.61
CA ILE A 677 -5.58 19.53 18.05
C ILE A 677 -5.81 20.30 16.76
N GLU A 678 -6.25 19.60 15.72
CA GLU A 678 -6.60 20.20 14.44
C GLU A 678 -8.07 19.94 14.16
N GLU A 679 -8.86 21.00 14.09
CA GLU A 679 -10.29 20.86 13.78
C GLU A 679 -10.48 20.64 12.29
N VAL A 680 -11.33 19.67 11.95
CA VAL A 680 -11.65 19.42 10.54
C VAL A 680 -12.94 20.18 10.23
N PRO A 681 -12.94 21.02 9.20
CA PRO A 681 -14.11 21.88 8.93
C PRO A 681 -15.13 21.20 8.05
N GLY A 682 -16.25 21.88 7.82
CA GLY A 682 -17.29 21.37 6.96
C GLY A 682 -18.22 20.41 7.67
N GLU A 683 -19.11 19.82 6.89
CA GLU A 683 -20.05 18.84 7.43
C GLU A 683 -19.31 17.60 7.90
N LEU A 684 -19.77 17.03 9.00
CA LEU A 684 -19.16 15.85 9.58
C LEU A 684 -19.38 14.66 8.63
N MET A 685 -18.31 14.21 8.00
CA MET A 685 -18.37 13.11 7.04
C MET A 685 -17.53 11.95 7.55
N GLN A 686 -17.92 10.73 7.13
CA GLN A 686 -17.19 9.54 7.53
C GLN A 686 -15.76 9.52 6.97
N GLU A 687 -15.56 10.11 5.80
CA GLU A 687 -14.24 10.10 5.16
C GLU A 687 -13.19 10.90 5.94
N ASP A 688 -13.61 11.74 6.89
CA ASP A 688 -12.65 12.50 7.68
C ASP A 688 -12.10 11.71 8.87
N LEU A 689 -12.59 10.49 9.11
CA LEU A 689 -12.12 9.66 10.21
C LEU A 689 -10.96 8.81 9.71
N ALA A 690 -9.74 9.28 9.98
CA ALA A 690 -8.54 8.60 9.50
C ALA A 690 -8.27 7.36 10.35
N THR A 691 -8.07 6.23 9.67
CA THR A 691 -7.84 4.96 10.38
C THR A 691 -6.58 5.03 11.24
N ASP A 692 -5.57 5.77 10.80
CA ASP A 692 -4.32 5.92 11.56
C ASP A 692 -4.33 7.17 12.41
N ASP A 693 -5.45 7.46 13.08
CA ASP A 693 -5.57 8.68 13.85
C ASP A 693 -6.55 8.46 14.99
N VAL A 694 -6.64 9.45 15.87
CA VAL A 694 -7.57 9.45 16.99
C VAL A 694 -8.35 10.76 16.93
N MET A 695 -9.65 10.67 16.68
CA MET A 695 -10.49 11.83 16.46
C MET A 695 -11.35 12.13 17.69
N LEU A 696 -11.68 13.40 17.86
CA LEU A 696 -12.54 13.86 18.94
C LEU A 696 -13.79 14.49 18.34
N LEU A 697 -14.95 13.99 18.75
CA LEU A 697 -16.23 14.60 18.41
C LEU A 697 -16.79 15.21 19.68
N ASP A 698 -16.89 16.54 19.70
CA ASP A 698 -17.24 17.27 20.92
C ASP A 698 -18.70 17.71 20.82
N THR A 699 -19.60 16.83 21.26
CA THR A 699 -20.94 17.26 21.58
C THR A 699 -20.90 18.08 22.87
N TRP A 700 -22.01 18.74 23.19
CA TRP A 700 -21.98 19.58 24.38
C TRP A 700 -22.04 18.74 25.65
N ASP A 701 -22.91 17.74 25.71
CA ASP A 701 -23.03 16.91 26.90
C ASP A 701 -21.97 15.82 26.95
N GLN A 702 -21.43 15.42 25.80
CA GLN A 702 -20.57 14.25 25.70
C GLN A 702 -19.41 14.56 24.77
N VAL A 703 -18.29 13.88 25.00
CA VAL A 703 -17.08 14.06 24.18
C VAL A 703 -16.67 12.67 23.71
N PHE A 704 -17.12 12.29 22.52
CA PHE A 704 -16.63 11.07 21.88
C PHE A 704 -15.15 11.22 21.54
N VAL A 705 -14.46 10.08 21.52
CA VAL A 705 -13.06 9.99 21.12
C VAL A 705 -12.95 8.78 20.21
N TRP A 706 -13.16 8.98 18.91
CA TRP A 706 -13.05 7.92 17.92
C TRP A 706 -11.58 7.59 17.72
N VAL A 707 -11.18 6.36 18.03
CA VAL A 707 -9.79 5.93 17.91
C VAL A 707 -9.70 4.95 16.74
N GLY A 708 -8.81 5.24 15.80
CA GLY A 708 -8.67 4.40 14.62
C GLY A 708 -8.00 3.09 14.92
N LYS A 709 -8.15 2.15 13.99
CA LYS A 709 -7.57 0.83 14.15
C LYS A 709 -6.06 0.83 13.95
N ASP A 710 -5.54 1.75 13.12
CA ASP A 710 -4.12 1.80 12.77
C ASP A 710 -3.41 2.98 13.42
N SER A 711 -3.87 3.41 14.59
CA SER A 711 -3.24 4.51 15.29
C SER A 711 -2.06 3.99 16.12
N GLN A 712 -1.26 4.93 16.62
CA GLN A 712 -0.11 4.57 17.44
C GLN A 712 -0.56 3.96 18.76
N GLU A 713 0.23 3.03 19.27
CA GLU A 713 -0.15 2.28 20.48
C GLU A 713 -0.33 3.21 21.67
N GLU A 714 0.57 4.19 21.83
CA GLU A 714 0.44 5.13 22.94
C GLU A 714 -0.77 6.01 22.76
N GLU A 715 -1.08 6.40 21.52
CA GLU A 715 -2.24 7.23 21.25
C GLU A 715 -3.54 6.52 21.62
N LYS A 716 -3.60 5.20 21.44
CA LYS A 716 -4.81 4.46 21.82
C LYS A 716 -5.04 4.51 23.33
N THR A 717 -3.99 4.30 24.11
CA THR A 717 -4.13 4.35 25.56
C THR A 717 -4.31 5.78 26.04
N GLU A 718 -3.51 6.70 25.53
CA GLU A 718 -3.64 8.12 25.88
C GLU A 718 -4.80 8.78 25.15
N ALA A 719 -5.94 8.09 25.04
CA ALA A 719 -7.10 8.65 24.39
C ALA A 719 -8.06 9.28 25.39
N LEU A 720 -8.30 8.61 26.52
CA LEU A 720 -9.15 9.20 27.55
C LEU A 720 -8.51 10.45 28.14
N THR A 721 -7.18 10.44 28.28
CA THR A 721 -6.49 11.64 28.75
C THR A 721 -6.42 12.71 27.67
N SER A 722 -6.44 12.31 26.39
CA SER A 722 -6.46 13.30 25.33
C SER A 722 -7.72 14.15 25.38
N ALA A 723 -8.88 13.52 25.62
CA ALA A 723 -10.11 14.28 25.73
C ALA A 723 -10.15 15.12 27.00
N LYS A 724 -9.53 14.63 28.07
CA LYS A 724 -9.43 15.44 29.29
C LYS A 724 -8.61 16.70 29.03
N ARG A 725 -7.47 16.56 28.37
CA ARG A 725 -6.69 17.73 27.98
C ARG A 725 -7.49 18.64 27.06
N TYR A 726 -8.35 18.07 26.22
CA TYR A 726 -9.16 18.88 25.32
C TYR A 726 -10.21 19.68 26.09
N ILE A 727 -10.78 19.07 27.14
CA ILE A 727 -11.79 19.77 27.93
C ILE A 727 -11.14 20.78 28.86
N GLU A 728 -9.96 20.47 29.40
CA GLU A 728 -9.28 21.40 30.29
C GLU A 728 -8.84 22.66 29.57
N THR A 729 -8.41 22.52 28.30
CA THR A 729 -7.91 23.65 27.53
C THR A 729 -9.01 24.43 26.81
N ASP A 730 -10.25 23.97 26.88
CA ASP A 730 -11.33 24.66 26.17
C ASP A 730 -11.56 26.03 26.81
N PRO A 731 -11.56 27.11 26.02
CA PRO A 731 -11.72 28.45 26.61
C PRO A 731 -13.08 28.69 27.24
N ALA A 732 -14.07 27.83 26.96
CA ALA A 732 -15.40 28.00 27.54
C ALA A 732 -15.47 27.57 29.00
N ASN A 733 -14.39 27.05 29.56
CA ASN A 733 -14.36 26.53 30.92
C ASN A 733 -15.46 25.49 31.12
N ARG A 734 -15.29 24.40 30.38
CA ARG A 734 -16.25 23.30 30.42
C ARG A 734 -16.24 22.66 31.80
N ASP A 735 -17.35 21.98 32.12
CA ASP A 735 -17.43 21.25 33.38
C ASP A 735 -16.39 20.14 33.40
N ARG A 736 -15.67 20.03 34.52
CA ARG A 736 -14.63 19.01 34.64
C ARG A 736 -15.23 17.61 34.61
N ARG A 737 -16.46 17.44 35.07
CA ARG A 737 -17.14 16.16 35.10
C ARG A 737 -17.81 15.79 33.78
N THR A 738 -17.51 16.51 32.71
CA THR A 738 -18.11 16.22 31.40
C THR A 738 -17.74 14.82 30.97
N PRO A 739 -18.71 13.94 30.74
CA PRO A 739 -18.38 12.54 30.43
C PRO A 739 -17.70 12.38 29.08
N ILE A 740 -16.75 11.47 29.02
CA ILE A 740 -16.02 11.13 27.81
C ILE A 740 -16.39 9.72 27.40
N THR A 741 -16.53 9.50 26.10
CA THR A 741 -16.96 8.21 25.56
C THR A 741 -15.94 7.71 24.56
N VAL A 742 -15.36 6.54 24.85
CA VAL A 742 -14.33 5.95 24.01
C VAL A 742 -14.99 5.02 23.00
N VAL A 743 -14.88 5.37 21.72
CA VAL A 743 -15.49 4.63 20.63
C VAL A 743 -14.39 4.18 19.67
N LYS A 744 -14.43 2.92 19.27
CA LYS A 744 -13.40 2.34 18.42
C LYS A 744 -13.91 2.19 16.99
N GLN A 745 -12.96 2.15 16.06
CA GLN A 745 -13.28 2.10 14.64
C GLN A 745 -13.98 0.79 14.29
N GLY A 746 -15.10 0.91 13.55
CA GLY A 746 -15.86 -0.25 13.12
C GLY A 746 -16.93 -0.71 14.07
N PHE A 747 -16.98 -0.18 15.28
CA PHE A 747 -17.96 -0.56 16.29
C PHE A 747 -18.61 0.67 16.91
N GLU A 748 -18.88 1.67 16.07
CA GLU A 748 -19.38 2.94 16.56
C GLU A 748 -20.85 2.79 16.97
N PRO A 749 -21.25 3.33 18.12
CA PRO A 749 -22.65 3.25 18.52
C PRO A 749 -23.50 4.23 17.72
N PRO A 750 -24.82 4.04 17.70
CA PRO A 750 -25.68 4.90 16.88
C PRO A 750 -25.59 6.38 17.25
N SER A 751 -25.37 6.69 18.53
CA SER A 751 -25.25 8.09 18.94
C SER A 751 -24.04 8.79 18.34
N PHE A 752 -23.11 8.04 17.76
CA PHE A 752 -21.94 8.60 17.09
C PHE A 752 -22.16 8.76 15.59
N VAL A 753 -22.66 7.72 14.93
CA VAL A 753 -22.84 7.77 13.47
C VAL A 753 -24.04 8.59 13.05
N GLY A 754 -24.93 8.95 13.98
CA GLY A 754 -26.07 9.78 13.65
C GLY A 754 -25.70 11.18 13.21
N TRP A 755 -24.55 11.68 13.65
CA TRP A 755 -24.06 12.97 13.19
C TRP A 755 -23.45 12.91 11.79
N PHE A 756 -23.20 11.72 11.26
CA PHE A 756 -22.57 11.55 9.96
C PHE A 756 -23.63 11.13 8.96
N LEU A 757 -24.16 12.10 8.22
CA LEU A 757 -25.13 11.77 7.18
C LEU A 757 -24.41 11.08 6.03
N GLY A 758 -25.02 10.01 5.52
CA GLY A 758 -24.36 9.20 4.52
C GLY A 758 -23.34 8.23 5.07
N TRP A 759 -23.51 7.82 6.33
CA TRP A 759 -22.58 6.88 6.94
C TRP A 759 -22.72 5.50 6.32
N ASP A 760 -21.65 5.00 5.72
CA ASP A 760 -21.64 3.67 5.12
C ASP A 760 -21.09 2.67 6.12
N ASP A 761 -21.80 1.54 6.29
CA ASP A 761 -21.40 0.56 7.28
C ASP A 761 -20.13 -0.18 6.85
N ASP A 762 -20.16 -0.77 5.65
CA ASP A 762 -18.98 -1.45 5.11
C ASP A 762 -18.00 -0.50 4.43
N TYR A 763 -17.84 0.70 4.97
CA TYR A 763 -16.91 1.68 4.39
C TYR A 763 -15.47 1.20 4.52
N TRP A 764 -15.09 0.72 5.70
CA TRP A 764 -13.74 0.22 5.92
C TRP A 764 -13.57 -1.23 5.50
N SER A 765 -14.61 -1.86 4.95
CA SER A 765 -14.45 -3.20 4.41
C SER A 765 -13.43 -3.22 3.26
N VAL A 766 -13.46 -2.18 2.44
CA VAL A 766 -12.45 -1.97 1.41
C VAL A 766 -11.66 -0.72 1.78
N ASP A 767 -10.37 -0.73 1.48
CA ASP A 767 -9.51 0.39 1.84
C ASP A 767 -10.03 1.67 1.19
N PRO A 768 -10.19 2.76 1.95
CA PRO A 768 -10.69 4.00 1.34
C PRO A 768 -9.80 4.55 0.25
N LEU A 769 -8.48 4.33 0.33
CA LEU A 769 -7.60 4.72 -0.77
C LEU A 769 -7.81 3.81 -1.97
N ASP A 770 -7.81 2.49 -1.75
CA ASP A 770 -8.02 1.55 -2.85
C ASP A 770 -9.39 1.76 -3.49
N ARG A 771 -10.36 2.25 -2.72
CA ARG A 771 -11.65 2.60 -3.27
C ARG A 771 -11.49 3.71 -4.32
N ALA A 772 -11.09 4.91 -3.87
CA ALA A 772 -10.99 6.05 -4.77
C ALA A 772 -9.90 5.87 -5.81
N MET A 773 -8.87 5.06 -5.52
CA MET A 773 -7.82 4.84 -6.50
C MET A 773 -8.32 4.09 -7.73
N ALA A 774 -9.45 3.41 -7.62
CA ALA A 774 -10.11 2.82 -8.77
C ALA A 774 -11.47 3.45 -9.06
N GLU A 775 -12.16 3.96 -8.03
CA GLU A 775 -13.48 4.56 -8.24
C GLU A 775 -13.35 5.85 -9.04
N LEU A 776 -12.30 6.63 -8.81
CA LEU A 776 -12.12 7.89 -9.51
C LEU A 776 -11.16 7.78 -10.70
N ALA A 777 -10.19 6.88 -10.65
CA ALA A 777 -9.27 6.69 -11.77
C ALA A 777 -9.86 5.74 -12.81
N GLU B 51 31.12 -50.58 8.06
CA GLU B 51 30.86 -49.25 7.53
C GLU B 51 30.32 -48.32 8.61
N HIS B 52 30.56 -47.01 8.45
CA HIS B 52 30.12 -46.04 9.43
C HIS B 52 28.62 -45.78 9.30
N PRO B 53 27.91 -45.58 10.41
CA PRO B 53 26.47 -45.32 10.33
C PRO B 53 26.15 -43.95 9.77
N GLU B 54 24.85 -43.65 9.62
CA GLU B 54 24.34 -42.39 9.08
C GLU B 54 24.64 -42.23 7.59
N PHE B 55 25.63 -42.96 7.09
CA PHE B 55 25.86 -43.04 5.65
C PHE B 55 24.82 -43.92 4.97
N LEU B 56 24.32 -44.94 5.68
CA LEU B 56 23.32 -45.84 5.12
C LEU B 56 22.05 -45.08 4.76
N LYS B 57 21.66 -44.12 5.61
CA LYS B 57 20.47 -43.33 5.37
C LYS B 57 20.64 -42.32 4.24
N ALA B 58 21.86 -42.09 3.79
CA ALA B 58 22.13 -41.01 2.83
C ALA B 58 21.88 -41.48 1.41
N GLY B 59 21.02 -40.76 0.70
CA GLY B 59 20.88 -40.93 -0.73
C GLY B 59 20.24 -42.23 -1.18
N LYS B 60 19.49 -42.88 -0.31
CA LYS B 60 18.77 -44.10 -0.71
C LYS B 60 17.40 -43.81 -1.29
N GLU B 61 16.79 -42.68 -0.94
CA GLU B 61 15.50 -42.26 -1.47
C GLU B 61 15.56 -40.81 -1.93
N PRO B 62 14.77 -40.45 -2.94
CA PRO B 62 14.74 -39.05 -3.39
C PRO B 62 14.23 -38.13 -2.30
N GLY B 63 14.92 -37.01 -2.11
CA GLY B 63 14.55 -36.07 -1.07
C GLY B 63 15.75 -35.25 -0.66
N LEU B 64 15.56 -34.48 0.40
CA LEU B 64 16.59 -33.59 0.93
C LEU B 64 17.02 -34.07 2.30
N GLN B 65 18.33 -34.09 2.53
CA GLN B 65 18.91 -34.54 3.78
C GLN B 65 19.95 -33.53 4.24
N ILE B 66 19.84 -33.08 5.48
CA ILE B 66 20.72 -32.06 6.05
C ILE B 66 21.31 -32.59 7.35
N TRP B 67 22.61 -32.41 7.52
CA TRP B 67 23.29 -32.75 8.76
C TRP B 67 24.12 -31.56 9.22
N ARG B 68 24.33 -31.46 10.52
CA ARG B 68 25.15 -30.42 11.12
C ARG B 68 26.42 -31.04 11.66
N VAL B 69 27.57 -30.56 11.19
CA VAL B 69 28.85 -31.10 11.61
C VAL B 69 29.10 -30.69 13.05
N GLU B 70 28.89 -31.62 13.98
CA GLU B 70 29.06 -31.38 15.41
C GLU B 70 30.15 -32.30 15.94
N LYS B 71 31.33 -31.74 16.21
CA LYS B 71 32.46 -32.48 16.76
C LYS B 71 32.86 -33.64 15.84
N PHE B 72 33.10 -33.31 14.57
CA PHE B 72 33.52 -34.27 13.56
C PHE B 72 32.52 -35.43 13.47
N ASP B 73 31.24 -35.08 13.45
CA ASP B 73 30.18 -36.08 13.34
C ASP B 73 28.96 -35.43 12.70
N LEU B 74 28.24 -36.20 11.89
CA LEU B 74 27.05 -35.72 11.19
C LEU B 74 25.83 -35.92 12.09
N VAL B 75 25.29 -34.81 12.59
CA VAL B 75 24.09 -34.82 13.42
C VAL B 75 22.92 -34.40 12.54
N PRO B 76 21.89 -35.24 12.36
CA PRO B 76 20.78 -34.85 11.49
C PRO B 76 20.02 -33.65 12.03
N VAL B 77 19.70 -32.73 11.13
CA VAL B 77 18.88 -31.56 11.45
C VAL B 77 17.41 -31.99 11.35
N PRO B 78 16.56 -31.58 12.29
CA PRO B 78 15.14 -31.96 12.21
C PRO B 78 14.51 -31.46 10.92
N THR B 79 13.64 -32.29 10.35
CA THR B 79 13.04 -31.97 9.05
C THR B 79 12.23 -30.69 9.12
N ASN B 80 11.55 -30.44 10.24
CA ASN B 80 10.74 -29.24 10.38
C ASN B 80 11.57 -27.97 10.48
N LEU B 81 12.88 -28.09 10.66
CA LEU B 81 13.78 -26.94 10.74
C LEU B 81 14.72 -26.86 9.56
N TYR B 82 14.45 -27.61 8.48
CA TYR B 82 15.26 -27.49 7.27
C TYR B 82 15.18 -26.06 6.75
N GLY B 83 16.35 -25.45 6.52
CA GLY B 83 16.46 -24.06 6.15
C GLY B 83 17.13 -23.22 7.22
N ASP B 84 16.97 -23.57 8.49
CA ASP B 84 17.71 -22.90 9.54
C ASP B 84 19.16 -23.36 9.51
N PHE B 85 20.08 -22.41 9.66
CA PHE B 85 21.51 -22.69 9.64
C PHE B 85 22.20 -21.83 10.69
N PHE B 86 22.86 -22.47 11.65
CA PHE B 86 23.62 -21.73 12.65
C PHE B 86 24.85 -21.10 12.02
N THR B 87 25.01 -19.78 12.24
CA THR B 87 26.11 -19.05 11.62
C THR B 87 27.47 -19.53 12.09
N GLY B 88 27.53 -20.26 13.20
CA GLY B 88 28.78 -20.73 13.75
C GLY B 88 29.11 -22.18 13.51
N ASP B 89 28.36 -22.87 12.66
CA ASP B 89 28.59 -24.28 12.38
C ASP B 89 28.64 -24.51 10.87
N ALA B 90 29.02 -25.72 10.50
CA ALA B 90 29.02 -26.17 9.12
C ALA B 90 28.01 -27.29 8.95
N TYR B 91 27.39 -27.35 7.77
CA TYR B 91 26.37 -28.34 7.47
C TYR B 91 26.73 -29.10 6.21
N VAL B 92 26.10 -30.25 6.02
CA VAL B 92 26.26 -31.07 4.83
C VAL B 92 24.87 -31.42 4.31
N ILE B 93 24.61 -31.08 3.05
CA ILE B 93 23.29 -31.23 2.45
C ILE B 93 23.41 -32.16 1.24
N LEU B 94 22.56 -33.18 1.21
CA LEU B 94 22.55 -34.16 0.12
C LEU B 94 21.18 -34.15 -0.54
N LYS B 95 21.09 -33.58 -1.73
CA LYS B 95 19.86 -33.57 -2.50
C LYS B 95 19.87 -34.75 -3.47
N THR B 96 18.93 -35.67 -3.29
CA THR B 96 18.80 -36.85 -4.13
C THR B 96 17.65 -36.64 -5.11
N VAL B 97 17.96 -36.68 -6.40
CA VAL B 97 16.98 -36.48 -7.47
C VAL B 97 16.90 -37.76 -8.29
N GLN B 98 15.67 -38.16 -8.61
CA GLN B 98 15.45 -39.36 -9.40
C GLN B 98 15.47 -39.01 -10.89
N LEU B 99 16.41 -39.59 -11.62
CA LEU B 99 16.53 -39.34 -13.05
C LEU B 99 15.31 -39.92 -13.79
N ARG B 100 15.20 -39.56 -15.07
CA ARG B 100 14.09 -40.05 -15.88
C ARG B 100 14.08 -41.57 -15.94
N ASN B 101 15.26 -42.19 -16.02
CA ASN B 101 15.38 -43.63 -16.15
C ASN B 101 15.36 -44.36 -14.82
N GLY B 102 14.81 -43.73 -13.77
CA GLY B 102 14.68 -44.36 -12.48
C GLY B 102 15.89 -44.28 -11.58
N ASN B 103 17.07 -44.00 -12.13
CA ASN B 103 18.28 -43.91 -11.33
C ASN B 103 18.28 -42.61 -10.52
N LEU B 104 19.23 -42.52 -9.60
CA LEU B 104 19.32 -41.39 -8.68
C LEU B 104 20.50 -40.50 -9.03
N GLN B 105 20.31 -39.20 -8.79
CA GLN B 105 21.32 -38.18 -9.03
C GLN B 105 21.59 -37.44 -7.71
N TYR B 106 22.87 -37.24 -7.40
CA TYR B 106 23.28 -36.72 -6.10
C TYR B 106 23.91 -35.35 -6.26
N ASP B 107 23.33 -34.35 -5.62
CA ASP B 107 23.91 -33.02 -5.48
C ASP B 107 24.36 -32.86 -4.03
N LEU B 108 25.68 -32.78 -3.82
CA LEU B 108 26.26 -32.70 -2.49
C LEU B 108 26.69 -31.27 -2.20
N HIS B 109 26.05 -30.63 -1.24
CA HIS B 109 26.39 -29.29 -0.80
C HIS B 109 26.84 -29.33 0.66
N TYR B 110 27.92 -28.62 0.97
CA TYR B 110 28.31 -28.41 2.35
C TYR B 110 28.42 -26.92 2.61
N TRP B 111 27.66 -26.44 3.59
CA TRP B 111 27.46 -25.02 3.83
C TRP B 111 28.30 -24.57 5.02
N LEU B 112 29.04 -23.48 4.84
CA LEU B 112 29.93 -22.95 5.87
C LEU B 112 29.36 -21.65 6.40
N GLY B 113 29.13 -21.60 7.71
CA GLY B 113 28.67 -20.37 8.34
C GLY B 113 29.76 -19.31 8.39
N ASN B 114 29.33 -18.09 8.67
CA ASN B 114 30.29 -16.99 8.79
C ASN B 114 31.18 -17.19 10.01
N GLU B 115 30.59 -17.46 11.16
CA GLU B 115 31.36 -17.60 12.40
C GLU B 115 31.77 -19.05 12.60
N CYS B 116 32.04 -19.73 11.50
CA CYS B 116 32.38 -21.15 11.50
C CYS B 116 33.88 -21.32 11.71
N SER B 117 34.24 -22.22 12.61
CA SER B 117 35.64 -22.44 12.93
C SER B 117 36.37 -23.08 11.74
N GLN B 118 37.70 -23.06 11.81
CA GLN B 118 38.50 -23.61 10.72
C GLN B 118 38.33 -25.12 10.60
N ASP B 119 38.36 -25.83 11.73
CA ASP B 119 38.20 -27.28 11.70
C ASP B 119 36.75 -27.71 11.54
N GLU B 120 35.80 -26.82 11.80
CA GLU B 120 34.40 -27.12 11.51
C GLU B 120 34.19 -27.25 10.00
N SER B 121 34.73 -26.31 9.23
CA SER B 121 34.59 -26.38 7.78
C SER B 121 35.39 -27.53 7.20
N GLY B 122 36.58 -27.80 7.75
CA GLY B 122 37.38 -28.91 7.28
C GLY B 122 36.69 -30.25 7.48
N ALA B 123 36.04 -30.42 8.64
CA ALA B 123 35.30 -31.65 8.88
C ALA B 123 34.10 -31.78 7.94
N ALA B 124 33.48 -30.66 7.58
CA ALA B 124 32.40 -30.70 6.61
C ALA B 124 32.91 -31.10 5.24
N ALA B 125 34.02 -30.48 4.81
CA ALA B 125 34.61 -30.84 3.53
C ALA B 125 35.10 -32.28 3.52
N ILE B 126 35.57 -32.77 4.67
CA ILE B 126 35.97 -34.18 4.76
C ILE B 126 34.77 -35.08 4.54
N PHE B 127 33.65 -34.76 5.16
CA PHE B 127 32.45 -35.58 4.99
C PHE B 127 31.93 -35.50 3.55
N THR B 128 32.05 -34.34 2.91
CA THR B 128 31.57 -34.21 1.55
C THR B 128 32.37 -35.07 0.58
N VAL B 129 33.69 -35.12 0.76
CA VAL B 129 34.53 -35.95 -0.11
C VAL B 129 34.27 -37.42 0.16
N GLN B 130 34.06 -37.80 1.42
CA GLN B 130 33.81 -39.19 1.75
C GLN B 130 32.39 -39.62 1.37
N LEU B 131 31.40 -38.74 1.52
CA LEU B 131 30.04 -39.07 1.09
C LEU B 131 29.98 -39.26 -0.42
N ASP B 132 30.63 -38.38 -1.17
CA ASP B 132 30.76 -38.59 -2.61
C ASP B 132 31.51 -39.88 -2.90
N ASP B 133 32.56 -40.17 -2.13
CA ASP B 133 33.27 -41.44 -2.28
C ASP B 133 32.35 -42.61 -1.96
N TYR B 134 31.48 -42.45 -0.97
CA TYR B 134 30.57 -43.53 -0.60
C TYR B 134 29.53 -43.80 -1.67
N LEU B 135 29.20 -42.78 -2.48
CA LEU B 135 28.21 -42.89 -3.54
C LEU B 135 28.86 -43.10 -4.91
N ASN B 136 29.99 -43.78 -4.95
CA ASN B 136 30.71 -44.12 -6.18
C ASN B 136 31.18 -42.89 -6.96
N GLY B 137 31.34 -41.76 -6.29
CA GLY B 137 31.88 -40.57 -6.92
C GLY B 137 31.01 -39.95 -8.00
N ARG B 138 29.83 -40.50 -8.26
CA ARG B 138 28.93 -39.96 -9.29
C ARG B 138 28.05 -38.86 -8.73
N ALA B 139 28.65 -37.93 -7.99
CA ALA B 139 27.92 -36.85 -7.36
C ALA B 139 28.62 -35.52 -7.61
N VAL B 140 27.83 -34.46 -7.72
CA VAL B 140 28.35 -33.11 -7.87
C VAL B 140 28.46 -32.49 -6.48
N GLN B 141 29.64 -31.95 -6.17
CA GLN B 141 29.91 -31.37 -4.87
C GLN B 141 29.97 -29.85 -4.98
N HIS B 142 29.37 -29.16 -4.00
CA HIS B 142 29.30 -27.71 -4.00
C HIS B 142 29.79 -27.14 -2.69
N ARG B 143 30.49 -26.02 -2.76
N ARG B 143 30.52 -26.04 -2.75
CA ARG B 143 30.97 -25.31 -1.58
CA ARG B 143 30.98 -25.30 -1.58
C ARG B 143 30.14 -24.03 -1.46
C ARG B 143 30.13 -24.04 -1.48
N GLU B 144 29.16 -24.06 -0.57
CA GLU B 144 28.24 -22.95 -0.38
C GLU B 144 28.58 -22.21 0.91
N VAL B 145 28.60 -20.88 0.85
CA VAL B 145 28.96 -20.03 1.97
C VAL B 145 27.78 -19.13 2.29
N GLN B 146 27.81 -18.56 3.50
CA GLN B 146 26.71 -17.73 3.94
C GLN B 146 26.62 -16.46 3.11
N GLY B 147 25.43 -16.21 2.55
CA GLY B 147 25.20 -15.01 1.75
C GLY B 147 25.61 -15.11 0.30
N PHE B 148 26.29 -16.19 -0.11
CA PHE B 148 26.74 -16.33 -1.49
C PHE B 148 26.57 -17.75 -1.99
N GLU B 149 25.56 -18.46 -1.51
CA GLU B 149 25.34 -19.83 -1.94
C GLU B 149 24.78 -19.87 -3.36
N SER B 150 24.98 -21.01 -4.02
CA SER B 150 24.62 -21.12 -5.42
C SER B 150 23.10 -21.18 -5.59
N ALA B 151 22.66 -21.04 -6.84
CA ALA B 151 21.23 -21.06 -7.11
C ALA B 151 20.65 -22.46 -6.91
N THR B 152 21.41 -23.49 -7.24
CA THR B 152 20.93 -24.85 -7.04
C THR B 152 20.65 -25.12 -5.57
N PHE B 153 21.52 -24.64 -4.69
CA PHE B 153 21.30 -24.77 -3.26
C PHE B 153 20.09 -23.97 -2.81
N LEU B 154 19.96 -22.73 -3.29
CA LEU B 154 18.86 -21.87 -2.89
C LEU B 154 17.51 -22.44 -3.33
N GLY B 155 17.48 -23.22 -4.41
CA GLY B 155 16.24 -23.80 -4.88
C GLY B 155 15.62 -24.77 -3.92
N TYR B 156 16.43 -25.36 -3.03
CA TYR B 156 15.93 -26.34 -2.06
C TYR B 156 15.13 -25.71 -0.94
N PHE B 157 15.12 -24.37 -0.83
CA PHE B 157 14.50 -23.67 0.28
C PHE B 157 13.53 -22.64 -0.29
N LYS B 158 12.28 -23.07 -0.52
CA LYS B 158 11.26 -22.19 -1.05
C LYS B 158 10.52 -21.43 0.04
N SER B 159 11.15 -21.26 1.20
CA SER B 159 10.60 -20.45 2.28
C SER B 159 11.58 -19.40 2.79
N GLY B 160 12.85 -19.48 2.44
CA GLY B 160 13.86 -18.55 2.90
C GLY B 160 14.76 -19.19 3.94
N LEU B 161 16.04 -18.83 3.92
CA LEU B 161 16.99 -19.33 4.88
C LEU B 161 17.02 -18.46 6.12
N LYS B 162 17.37 -19.07 7.25
CA LYS B 162 17.48 -18.39 8.52
C LYS B 162 18.89 -18.58 9.06
N TYR B 163 19.56 -17.47 9.37
CA TYR B 163 20.94 -17.48 9.86
C TYR B 163 20.89 -17.19 11.36
N LYS B 164 20.86 -18.26 12.16
CA LYS B 164 20.78 -18.13 13.60
C LYS B 164 22.13 -17.83 14.21
N LYS B 165 22.16 -16.94 15.19
CA LYS B 165 23.39 -16.68 15.94
C LYS B 165 23.69 -17.86 16.85
N GLY B 166 24.96 -18.26 16.87
CA GLY B 166 25.44 -19.30 17.75
C GLY B 166 25.95 -20.49 16.97
N GLY B 167 26.22 -21.57 17.70
CA GLY B 167 26.70 -22.78 17.08
C GLY B 167 27.04 -23.84 18.11
N VAL B 168 27.90 -24.78 17.71
CA VAL B 168 28.30 -25.85 18.62
C VAL B 168 29.17 -25.31 19.74
N ALA B 169 30.16 -24.48 19.40
CA ALA B 169 31.06 -23.94 20.42
C ALA B 169 30.31 -23.08 21.42
N SER B 170 29.36 -22.27 20.96
CA SER B 170 28.55 -21.46 21.86
C SER B 170 27.57 -22.30 22.66
N GLY B 171 27.29 -23.52 22.22
CA GLY B 171 26.40 -24.42 22.95
C GLY B 171 24.95 -24.29 22.56
N PHE B 172 24.66 -24.44 21.28
CA PHE B 172 23.30 -24.36 20.76
C PHE B 172 23.04 -25.52 19.80
N LYS B 173 21.77 -25.85 19.63
CA LYS B 173 21.38 -26.97 18.77
C LYS B 173 19.91 -26.84 18.42
N HIS B 174 19.57 -27.23 17.19
CA HIS B 174 18.18 -27.27 16.76
C HIS B 174 17.39 -28.23 17.65
N VAL B 175 16.40 -27.70 18.35
CA VAL B 175 15.61 -28.49 19.29
C VAL B 175 14.14 -28.07 19.17
N VAL B 176 13.24 -29.03 19.31
CA VAL B 176 11.80 -28.77 19.25
C VAL B 176 11.16 -29.06 20.59
N VAL B 180 8.98 -22.68 24.94
CA VAL B 180 8.69 -21.76 23.87
C VAL B 180 9.07 -20.33 24.27
N VAL B 181 10.05 -20.20 25.16
CA VAL B 181 10.52 -18.90 25.63
C VAL B 181 11.67 -18.47 24.73
N VAL B 182 11.39 -17.57 23.80
CA VAL B 182 12.39 -17.04 22.88
C VAL B 182 12.21 -15.53 22.77
N GLN B 183 13.22 -14.88 22.20
CA GLN B 183 13.22 -13.44 22.00
C GLN B 183 14.25 -13.08 20.94
N ARG B 184 13.96 -13.44 19.69
CA ARG B 184 14.90 -13.29 18.58
C ARG B 184 14.42 -12.20 17.63
N LEU B 185 15.31 -11.79 16.73
CA LEU B 185 14.99 -10.78 15.73
C LEU B 185 15.75 -11.11 14.45
N PHE B 186 15.02 -11.15 13.34
CA PHE B 186 15.60 -11.45 12.03
C PHE B 186 15.46 -10.25 11.11
N GLN B 187 16.49 -10.01 10.30
CA GLN B 187 16.44 -9.02 9.24
C GLN B 187 16.21 -9.75 7.92
N VAL B 188 15.14 -9.38 7.23
CA VAL B 188 14.70 -10.09 6.03
C VAL B 188 15.12 -9.28 4.81
N LYS B 189 16.23 -9.68 4.20
CA LYS B 189 16.72 -9.07 2.98
C LYS B 189 16.50 -10.01 1.81
N GLY B 190 16.48 -9.44 0.60
CA GLY B 190 16.29 -10.23 -0.60
C GLY B 190 14.88 -10.18 -1.15
N ARG B 191 14.78 -10.07 -2.48
CA ARG B 191 13.49 -10.00 -3.16
C ARG B 191 13.03 -11.36 -3.67
N ARG B 192 13.91 -12.10 -4.34
CA ARG B 192 13.61 -13.45 -4.79
C ARG B 192 14.38 -14.51 -4.02
N VAL B 193 15.63 -14.24 -3.65
CA VAL B 193 16.41 -15.10 -2.76
C VAL B 193 16.32 -14.45 -1.38
N VAL B 194 15.33 -14.87 -0.59
CA VAL B 194 15.02 -14.21 0.66
C VAL B 194 15.86 -14.84 1.77
N ARG B 195 16.63 -14.01 2.46
CA ARG B 195 17.50 -14.44 3.56
C ARG B 195 17.12 -13.70 4.83
N ALA B 196 17.14 -14.42 5.96
CA ALA B 196 16.72 -13.89 7.25
C ALA B 196 17.84 -14.12 8.26
N THR B 197 18.71 -13.13 8.43
CA THR B 197 19.82 -13.23 9.36
C THR B 197 19.41 -12.72 10.74
N GLU B 198 19.77 -13.47 11.77
CA GLU B 198 19.46 -13.06 13.13
C GLU B 198 20.28 -11.83 13.50
N VAL B 199 19.60 -10.84 14.08
CA VAL B 199 20.24 -9.58 14.45
C VAL B 199 19.96 -9.31 15.93
N PRO B 200 20.75 -8.45 16.56
CA PRO B 200 20.49 -8.09 17.95
C PRO B 200 19.11 -7.44 18.11
N VAL B 201 18.44 -7.77 19.21
CA VAL B 201 17.11 -7.26 19.49
C VAL B 201 17.18 -5.81 19.94
N SER B 202 17.16 -4.88 18.99
CA SER B 202 17.18 -3.46 19.29
C SER B 202 16.82 -2.68 18.04
N TRP B 203 16.40 -1.44 18.23
CA TRP B 203 16.10 -0.57 17.10
C TRP B 203 17.33 -0.24 16.26
N GLU B 204 18.53 -0.43 16.81
CA GLU B 204 19.74 -0.15 16.05
C GLU B 204 19.84 -1.01 14.80
N SER B 205 19.28 -2.23 14.86
CA SER B 205 19.31 -3.13 13.72
C SER B 205 18.25 -2.81 12.68
N PHE B 206 17.29 -1.96 13.01
CA PHE B 206 16.16 -1.67 12.13
C PHE B 206 16.53 -0.63 11.08
N ASN B 207 15.72 -0.60 10.03
CA ASN B 207 15.81 0.41 8.98
C ASN B 207 14.52 0.37 8.19
N ASN B 208 14.23 1.46 7.49
CA ASN B 208 12.98 1.58 6.75
C ASN B 208 12.99 0.87 5.40
N GLY B 209 14.13 0.31 4.99
CA GLY B 209 14.21 -0.33 3.69
C GLY B 209 13.95 -1.83 3.71
N ASN B 210 13.97 -2.47 4.87
CA ASN B 210 13.80 -3.91 4.96
C ASN B 210 12.63 -4.26 5.87
N CYS B 211 12.24 -5.53 5.83
CA CYS B 211 11.25 -6.09 6.74
C CYS B 211 11.96 -6.84 7.86
N PHE B 212 11.40 -6.75 9.07
CA PHE B 212 11.97 -7.39 10.25
C PHE B 212 10.92 -8.27 10.92
N ILE B 213 11.39 -9.35 11.54
CA ILE B 213 10.54 -10.32 12.21
C ILE B 213 11.04 -10.44 13.64
N LEU B 214 10.22 -10.00 14.58
CA LEU B 214 10.52 -10.12 16.01
C LEU B 214 9.81 -11.37 16.53
N ASP B 215 10.59 -12.32 17.04
CA ASP B 215 10.06 -13.60 17.50
C ASP B 215 9.90 -13.57 19.01
N LEU B 216 8.69 -13.83 19.49
CA LEU B 216 8.38 -13.79 20.91
C LEU B 216 7.80 -15.10 21.44
N GLY B 217 7.80 -16.16 20.65
CA GLY B 217 7.26 -17.43 21.08
C GLY B 217 5.85 -17.66 20.60
N ASN B 218 4.87 -17.47 21.49
CA ASN B 218 3.47 -17.56 21.08
C ASN B 218 3.03 -16.37 20.23
N ASN B 219 3.91 -15.40 19.98
CA ASN B 219 3.63 -14.26 19.12
C ASN B 219 4.83 -14.02 18.22
N ILE B 220 4.57 -13.77 16.93
CA ILE B 220 5.61 -13.54 15.93
C ILE B 220 5.26 -12.24 15.23
N HIS B 221 5.94 -11.15 15.60
CA HIS B 221 5.66 -9.84 15.05
C HIS B 221 6.48 -9.63 13.78
N GLN B 222 5.79 -9.31 12.68
CA GLN B 222 6.43 -8.93 11.43
C GLN B 222 6.35 -7.42 11.26
N TRP B 223 7.45 -6.81 10.84
CA TRP B 223 7.56 -5.36 10.76
C TRP B 223 8.30 -5.00 9.48
N CYS B 224 7.66 -4.20 8.62
CA CYS B 224 8.26 -3.73 7.38
C CYS B 224 8.39 -2.21 7.40
N GLY B 225 9.52 -1.71 6.92
CA GLY B 225 9.80 -0.30 6.97
C GLY B 225 8.97 0.51 5.99
N SER B 226 9.19 1.84 6.05
CA SER B 226 8.46 2.76 5.18
C SER B 226 8.87 2.61 3.72
N ASN B 227 10.13 2.24 3.46
CA ASN B 227 10.63 2.09 2.10
C ASN B 227 10.63 0.67 1.60
N SER B 228 10.15 -0.29 2.40
CA SER B 228 10.14 -1.68 2.00
C SER B 228 9.19 -1.88 0.81
N ASN B 229 9.70 -2.50 -0.24
CA ASN B 229 8.89 -2.76 -1.43
C ASN B 229 7.78 -3.76 -1.10
N ARG B 230 6.64 -3.60 -1.80
CA ARG B 230 5.48 -4.45 -1.55
C ARG B 230 5.80 -5.92 -1.80
N TYR B 231 6.52 -6.22 -2.89
CA TYR B 231 6.88 -7.60 -3.18
C TYR B 231 7.88 -8.15 -2.17
N GLU B 232 8.69 -7.28 -1.57
CA GLU B 232 9.59 -7.73 -0.51
C GLU B 232 8.83 -8.10 0.76
N ARG B 233 7.73 -7.41 1.05
CA ARG B 233 6.93 -7.76 2.22
C ARG B 233 6.25 -9.11 2.05
N LEU B 234 5.98 -9.51 0.81
CA LEU B 234 5.38 -10.82 0.56
C LEU B 234 6.35 -11.94 0.93
N LYS B 235 7.63 -11.77 0.60
CA LYS B 235 8.62 -12.78 0.94
C LYS B 235 8.87 -12.84 2.45
N ALA B 236 8.70 -11.71 3.14
CA ALA B 236 8.80 -11.72 4.60
C ALA B 236 7.67 -12.52 5.23
N THR B 237 6.52 -12.61 4.57
CA THR B 237 5.44 -13.43 5.08
C THR B 237 5.78 -14.91 4.99
N GLN B 238 6.52 -15.32 3.95
CA GLN B 238 6.92 -16.71 3.82
C GLN B 238 7.79 -17.14 5.00
N VAL B 239 8.71 -16.27 5.42
CA VAL B 239 9.57 -16.59 6.56
C VAL B 239 8.77 -16.61 7.86
N SER B 240 7.89 -15.62 8.04
CA SER B 240 7.10 -15.55 9.27
C SER B 240 6.15 -16.74 9.37
N LYS B 241 5.59 -17.18 8.24
CA LYS B 241 4.72 -18.34 8.27
C LYS B 241 5.54 -19.62 8.50
N GLY B 242 6.69 -19.73 7.86
CA GLY B 242 7.55 -20.89 8.06
C GLY B 242 8.03 -21.02 9.49
N ILE B 243 8.10 -19.91 10.22
CA ILE B 243 8.46 -19.97 11.63
C ILE B 243 7.27 -20.46 12.46
N ARG B 244 6.08 -19.96 12.15
CA ARG B 244 4.90 -20.33 12.93
C ARG B 244 4.53 -21.80 12.75
N ASP B 245 4.48 -22.25 11.49
CA ASP B 245 3.98 -23.59 11.22
C ASP B 245 5.00 -24.68 11.49
N ASN B 246 6.29 -24.38 11.31
CA ASN B 246 7.34 -25.38 11.45
C ASN B 246 8.02 -25.32 12.81
N GLU B 247 8.68 -24.21 13.11
CA GLU B 247 9.39 -24.07 14.38
C GLU B 247 8.42 -24.16 15.55
N ARG B 248 7.38 -23.32 15.55
CA ARG B 248 6.40 -23.32 16.63
C ARG B 248 5.32 -24.37 16.46
N SER B 249 5.32 -25.10 15.33
CA SER B 249 4.37 -26.17 15.06
C SER B 249 2.93 -25.67 15.18
N GLY B 250 2.65 -24.51 14.58
CA GLY B 250 1.33 -23.92 14.65
C GLY B 250 1.04 -23.32 16.00
N ARG B 251 -0.15 -22.73 16.11
CA ARG B 251 -0.63 -22.10 17.33
C ARG B 251 0.33 -21.00 17.80
N ALA B 252 0.48 -19.99 16.95
CA ALA B 252 1.31 -18.82 17.24
C ALA B 252 0.74 -17.62 16.50
N ARG B 253 0.49 -16.55 17.22
CA ARG B 253 -0.21 -15.39 16.67
C ARG B 253 0.80 -14.50 15.96
N VAL B 254 0.68 -14.39 14.64
CA VAL B 254 1.54 -13.51 13.85
C VAL B 254 0.89 -12.14 13.75
N HIS B 255 1.63 -11.10 14.14
CA HIS B 255 1.13 -9.72 14.15
C HIS B 255 2.01 -8.87 13.24
N VAL B 256 1.58 -8.67 12.00
CA VAL B 256 2.33 -7.86 11.05
C VAL B 256 2.01 -6.38 11.29
N SER B 257 3.00 -5.54 11.05
CA SER B 257 2.84 -4.10 11.27
C SER B 257 3.90 -3.37 10.45
N GLU B 258 3.80 -2.05 10.45
CA GLU B 258 4.74 -1.18 9.75
C GLU B 258 5.21 -0.12 10.74
N GLU B 259 5.82 0.94 10.23
CA GLU B 259 6.32 1.98 11.11
C GLU B 259 5.16 2.79 11.68
N GLY B 260 5.22 3.10 12.96
CA GLY B 260 4.19 3.90 13.58
C GLY B 260 3.06 3.07 14.15
N THR B 261 2.74 1.96 13.49
CA THR B 261 1.64 1.08 13.88
C THR B 261 2.14 -0.19 14.57
N GLU B 262 3.20 -0.08 15.40
CA GLU B 262 3.79 -1.23 16.09
C GLU B 262 3.05 -1.51 17.40
N PRO B 263 2.87 -2.79 17.75
CA PRO B 263 2.07 -3.14 18.93
C PRO B 263 2.78 -2.84 20.24
N GLU B 264 2.09 -3.10 21.35
CA GLU B 264 2.69 -2.87 22.67
C GLU B 264 3.75 -3.91 22.99
N ALA B 265 3.61 -5.14 22.47
CA ALA B 265 4.61 -6.16 22.71
C ALA B 265 5.96 -5.78 22.10
N MET B 266 5.94 -5.15 20.93
CA MET B 266 7.19 -4.66 20.34
C MET B 266 7.77 -3.51 21.15
N LEU B 267 6.91 -2.70 21.77
CA LEU B 267 7.39 -1.54 22.52
C LEU B 267 8.00 -1.91 23.86
N GLN B 268 7.71 -3.11 24.38
CA GLN B 268 8.30 -3.51 25.65
C GLN B 268 9.70 -4.09 25.45
N VAL B 269 9.90 -4.91 24.42
CA VAL B 269 11.20 -5.53 24.21
C VAL B 269 12.15 -4.63 23.45
N LEU B 270 11.64 -3.63 22.72
CA LEU B 270 12.47 -2.71 21.96
C LEU B 270 12.51 -1.31 22.52
N GLY B 271 11.40 -0.83 23.08
CA GLY B 271 11.33 0.52 23.59
C GLY B 271 10.59 1.45 22.64
N PRO B 272 10.85 2.75 22.76
CA PRO B 272 10.24 3.71 21.84
C PRO B 272 10.74 3.51 20.40
N LYS B 273 10.16 4.28 19.48
CA LYS B 273 10.43 4.11 18.06
C LYS B 273 11.25 5.26 17.47
N PRO B 274 12.55 5.29 17.69
CA PRO B 274 13.33 6.47 17.28
C PRO B 274 13.45 6.60 15.77
N ALA B 275 14.23 7.58 15.32
CA ALA B 275 14.44 7.79 13.89
C ALA B 275 15.29 6.66 13.33
N LEU B 276 14.80 6.05 12.25
CA LEU B 276 15.48 4.93 11.64
C LEU B 276 15.92 5.28 10.22
N PRO B 277 17.11 4.83 9.79
CA PRO B 277 17.56 5.15 8.43
C PRO B 277 16.94 4.24 7.39
N ALA B 278 17.53 4.21 6.19
CA ALA B 278 17.07 3.36 5.10
C ALA B 278 18.09 2.25 4.87
N GLY B 279 17.80 1.40 3.88
CA GLY B 279 18.64 0.26 3.57
C GLY B 279 19.56 0.51 2.38
N THR B 280 20.51 -0.41 2.22
CA THR B 280 21.48 -0.37 1.13
C THR B 280 21.30 -1.64 0.30
N GLU B 281 20.78 -1.48 -0.91
CA GLU B 281 20.50 -2.61 -1.80
C GLU B 281 21.76 -3.39 -2.14
N GLU B 286 28.90 -3.78 -14.45
CA GLU B 286 27.72 -4.49 -14.93
C GLU B 286 27.80 -5.97 -14.58
N ASP B 287 26.72 -6.50 -14.00
CA ASP B 287 26.66 -7.92 -13.66
C ASP B 287 26.84 -8.78 -14.91
N ALA B 288 26.27 -8.35 -16.03
CA ALA B 288 26.35 -9.12 -17.27
C ALA B 288 27.67 -8.95 -17.98
N ALA B 289 28.43 -7.89 -17.68
CA ALA B 289 29.68 -7.65 -18.39
C ALA B 289 30.72 -8.72 -18.05
N ASN B 290 30.93 -8.98 -16.76
CA ASN B 290 31.90 -9.97 -16.33
C ASN B 290 31.39 -11.40 -16.50
N ARG B 291 30.12 -11.59 -16.82
CA ARG B 291 29.52 -12.91 -16.94
C ARG B 291 29.90 -13.62 -18.24
N LYS B 292 30.44 -12.89 -19.23
CA LYS B 292 30.63 -13.50 -20.54
C LYS B 292 31.95 -14.27 -20.63
N LEU B 293 33.04 -13.71 -20.11
CA LEU B 293 34.36 -14.30 -20.31
C LEU B 293 34.72 -15.26 -19.18
N ALA B 294 35.40 -16.34 -19.55
CA ALA B 294 35.87 -17.36 -18.60
C ALA B 294 37.09 -18.04 -19.18
N LYS B 295 37.82 -18.75 -18.32
CA LYS B 295 39.06 -19.40 -18.71
C LYS B 295 39.11 -20.80 -18.11
N LEU B 296 39.96 -21.65 -18.70
CA LEU B 296 40.08 -23.05 -18.30
C LEU B 296 41.55 -23.38 -18.09
N TYR B 297 41.86 -23.96 -16.93
CA TYR B 297 43.23 -24.31 -16.55
C TYR B 297 43.35 -25.80 -16.32
N LYS B 298 44.58 -26.28 -16.22
CA LYS B 298 44.88 -27.68 -15.95
C LYS B 298 45.68 -27.78 -14.66
N VAL B 299 45.25 -28.66 -13.76
CA VAL B 299 45.90 -28.81 -12.46
C VAL B 299 46.79 -30.05 -12.48
N SER B 300 47.80 -30.02 -11.62
CA SER B 300 48.76 -31.11 -11.48
C SER B 300 49.56 -30.92 -10.20
N ASN B 301 49.03 -31.36 -9.08
CA ASN B 301 49.60 -31.11 -7.76
C ASN B 301 50.51 -32.26 -7.34
N GLY B 302 51.17 -32.09 -6.19
CA GLY B 302 52.08 -33.09 -5.66
C GLY B 302 53.21 -32.51 -4.83
N THR B 305 53.82 -28.36 -4.53
CA THR B 305 52.62 -28.83 -3.84
C THR B 305 51.42 -28.84 -4.80
N MET B 306 51.23 -27.74 -5.53
CA MET B 306 50.10 -27.59 -6.44
C MET B 306 50.39 -26.45 -7.40
N SER B 307 50.16 -26.68 -8.68
CA SER B 307 50.34 -25.64 -9.69
C SER B 307 49.35 -25.87 -10.82
N VAL B 308 49.09 -24.80 -11.58
CA VAL B 308 48.14 -24.83 -12.68
C VAL B 308 48.84 -24.37 -13.95
N SER B 309 48.14 -24.50 -15.07
CA SER B 309 48.62 -24.06 -16.37
C SER B 309 47.43 -23.79 -17.27
N LEU B 310 47.50 -22.70 -18.02
CA LEU B 310 46.36 -22.26 -18.83
C LEU B 310 46.19 -23.16 -20.05
N VAL B 311 44.96 -23.57 -20.32
CA VAL B 311 44.63 -24.43 -21.44
C VAL B 311 43.95 -23.64 -22.56
N ALA B 312 43.01 -22.77 -22.21
CA ALA B 312 42.32 -21.93 -23.19
C ALA B 312 41.72 -20.74 -22.46
N ASP B 313 41.91 -19.55 -23.01
CA ASP B 313 41.42 -18.32 -22.41
C ASP B 313 40.33 -17.66 -23.24
N GLU B 314 39.54 -18.46 -23.96
CA GLU B 314 38.45 -17.94 -24.75
C GLU B 314 37.30 -18.94 -24.72
N ASN B 315 36.19 -18.54 -24.09
CA ASN B 315 34.98 -19.35 -24.11
C ASN B 315 34.12 -18.96 -25.29
N PRO B 316 33.45 -19.93 -25.93
CA PRO B 316 33.42 -21.36 -25.56
C PRO B 316 34.71 -22.11 -25.90
N PHE B 317 35.02 -23.13 -25.09
CA PHE B 317 36.21 -23.94 -25.27
C PHE B 317 35.87 -25.22 -26.03
N ALA B 318 36.92 -25.96 -26.38
CA ALA B 318 36.75 -27.24 -27.06
C ALA B 318 36.59 -28.36 -26.04
N GLN B 319 35.71 -29.31 -26.36
CA GLN B 319 35.51 -30.45 -25.48
C GLN B 319 36.70 -31.39 -25.48
N GLY B 320 37.53 -31.36 -26.53
CA GLY B 320 38.70 -32.22 -26.58
C GLY B 320 39.79 -31.82 -25.61
N ALA B 321 39.77 -30.59 -25.12
CA ALA B 321 40.77 -30.16 -24.16
C ALA B 321 40.59 -30.87 -22.82
N LEU B 322 39.39 -31.33 -22.53
CA LEU B 322 39.13 -32.05 -21.28
C LEU B 322 39.73 -33.44 -21.33
N LYS B 323 40.97 -33.59 -20.88
CA LYS B 323 41.62 -34.88 -20.84
C LYS B 323 41.17 -35.66 -19.60
N SER B 324 40.89 -36.94 -19.80
CA SER B 324 40.45 -37.79 -18.68
C SER B 324 41.57 -38.03 -17.67
N GLU B 325 42.83 -37.88 -18.07
CA GLU B 325 43.94 -38.18 -17.18
C GLU B 325 44.15 -37.11 -16.12
N ASP B 326 43.65 -35.90 -16.35
CA ASP B 326 43.90 -34.77 -15.47
C ASP B 326 42.59 -34.12 -15.09
N CYS B 327 42.68 -33.17 -14.16
CA CYS B 327 41.56 -32.35 -13.74
C CYS B 327 41.77 -30.91 -14.22
N PHE B 328 40.68 -30.15 -14.28
CA PHE B 328 40.71 -28.81 -14.81
C PHE B 328 39.88 -27.88 -13.94
N ILE B 329 40.15 -26.59 -14.07
CA ILE B 329 39.39 -25.57 -13.36
C ILE B 329 38.79 -24.62 -14.38
N LEU B 330 37.47 -24.47 -14.34
CA LEU B 330 36.77 -23.52 -15.21
C LEU B 330 36.68 -22.19 -14.46
N ASP B 331 37.62 -21.29 -14.76
CA ASP B 331 37.74 -20.02 -14.04
C ASP B 331 36.66 -19.06 -14.52
N HIS B 332 35.66 -18.84 -13.68
CA HIS B 332 34.58 -17.89 -13.94
C HIS B 332 34.38 -16.99 -12.72
N GLY B 333 35.44 -16.86 -11.91
CA GLY B 333 35.41 -16.08 -10.69
C GLY B 333 34.99 -14.63 -10.88
N LYS B 334 35.26 -14.06 -12.05
CA LYS B 334 34.74 -12.72 -12.35
C LYS B 334 33.23 -12.66 -12.22
N ASP B 335 32.54 -13.77 -12.48
CA ASP B 335 31.12 -13.88 -12.19
C ASP B 335 30.85 -14.44 -10.80
N GLY B 336 31.76 -15.25 -10.26
CA GLY B 336 31.66 -15.72 -8.90
C GLY B 336 31.62 -17.24 -8.75
N LYS B 337 32.02 -17.97 -9.78
CA LYS B 337 31.98 -19.43 -9.76
C LYS B 337 33.26 -19.99 -10.36
N ILE B 338 33.68 -21.14 -9.84
CA ILE B 338 34.79 -21.89 -10.43
C ILE B 338 34.41 -23.36 -10.41
N PHE B 339 34.49 -24.01 -11.56
CA PHE B 339 34.16 -25.43 -11.69
C PHE B 339 35.44 -26.26 -11.68
N VAL B 340 35.36 -27.44 -11.06
CA VAL B 340 36.48 -28.38 -11.02
C VAL B 340 36.01 -29.66 -11.70
N TRP B 341 36.67 -30.04 -12.79
CA TRP B 341 36.26 -31.16 -13.62
C TRP B 341 37.20 -32.34 -13.35
N LYS B 342 36.70 -33.34 -12.64
CA LYS B 342 37.48 -34.53 -12.32
C LYS B 342 37.47 -35.49 -13.49
N GLY B 343 38.66 -35.77 -14.04
CA GLY B 343 38.76 -36.76 -15.08
C GLY B 343 38.60 -38.17 -14.54
N LYS B 344 38.19 -39.09 -15.43
CA LYS B 344 37.99 -40.46 -15.00
C LYS B 344 39.30 -41.21 -14.83
N GLN B 345 40.33 -40.84 -15.59
CA GLN B 345 41.66 -41.42 -15.41
C GLN B 345 42.51 -40.66 -14.39
N ALA B 346 41.96 -39.61 -13.78
CA ALA B 346 42.68 -38.86 -12.76
C ALA B 346 42.87 -39.71 -11.52
N ASN B 347 44.09 -39.69 -10.97
CA ASN B 347 44.42 -40.55 -9.84
C ASN B 347 43.62 -40.14 -8.60
N THR B 348 43.57 -41.05 -7.64
CA THR B 348 42.70 -40.86 -6.47
C THR B 348 43.17 -39.71 -5.60
N GLU B 349 44.49 -39.53 -5.47
CA GLU B 349 45.01 -38.44 -4.64
C GLU B 349 44.53 -37.09 -5.16
N GLU B 350 44.57 -36.89 -6.49
CA GLU B 350 44.11 -35.64 -7.05
C GLU B 350 42.60 -35.49 -6.94
N ARG B 351 41.86 -36.58 -7.12
CA ARG B 351 40.40 -36.50 -7.05
C ARG B 351 39.92 -36.13 -5.65
N LYS B 352 40.50 -36.75 -4.62
CA LYS B 352 40.04 -36.45 -3.27
C LYS B 352 40.54 -35.10 -2.78
N ALA B 353 41.70 -34.66 -3.27
CA ALA B 353 42.23 -33.35 -2.96
C ALA B 353 41.74 -32.28 -3.93
N ALA B 354 40.77 -32.60 -4.79
CA ALA B 354 40.28 -31.62 -5.74
C ALA B 354 39.52 -30.49 -5.05
N LEU B 355 38.90 -30.77 -3.90
CA LEU B 355 38.18 -29.72 -3.19
C LEU B 355 39.15 -28.70 -2.61
N LYS B 356 40.33 -29.16 -2.16
CA LYS B 356 41.36 -28.24 -1.69
C LYS B 356 42.02 -27.51 -2.84
N THR B 357 42.11 -28.15 -4.01
CA THR B 357 42.71 -27.50 -5.18
C THR B 357 41.96 -26.23 -5.54
N ALA B 358 40.64 -26.20 -5.34
CA ALA B 358 39.88 -25.01 -5.67
C ALA B 358 40.16 -23.87 -4.70
N SER B 359 40.27 -24.18 -3.40
CA SER B 359 40.59 -23.14 -2.43
C SER B 359 41.98 -22.57 -2.68
N ASP B 360 42.92 -23.39 -3.16
CA ASP B 360 44.22 -22.88 -3.54
C ASP B 360 44.13 -22.00 -4.77
N PHE B 361 43.30 -22.40 -5.75
CA PHE B 361 43.08 -21.56 -6.93
C PHE B 361 42.38 -20.26 -6.57
N ILE B 362 41.50 -20.29 -5.56
CA ILE B 362 40.87 -19.07 -5.08
C ILE B 362 41.92 -18.11 -4.55
N THR B 363 42.88 -18.63 -3.78
CA THR B 363 43.93 -17.79 -3.22
C THR B 363 44.94 -17.38 -4.28
N LYS B 364 45.34 -18.31 -5.16
CA LYS B 364 46.37 -18.02 -6.14
C LYS B 364 45.91 -16.97 -7.14
N MET B 365 44.60 -16.84 -7.34
CA MET B 365 44.04 -15.83 -8.22
C MET B 365 43.44 -14.65 -7.45
N ASP B 366 43.46 -14.69 -6.12
CA ASP B 366 42.98 -13.59 -5.28
C ASP B 366 41.50 -13.29 -5.54
N TYR B 367 40.71 -14.34 -5.70
CA TYR B 367 39.26 -14.20 -5.72
C TYR B 367 38.75 -14.12 -4.28
N PRO B 368 37.57 -13.54 -4.07
CA PRO B 368 37.00 -13.50 -2.72
C PRO B 368 36.81 -14.90 -2.15
N LYS B 369 36.86 -14.99 -0.82
CA LYS B 369 36.68 -16.27 -0.13
C LYS B 369 35.31 -16.87 -0.43
N GLN B 370 34.28 -16.03 -0.57
CA GLN B 370 32.92 -16.51 -0.78
C GLN B 370 32.66 -16.84 -2.24
N THR B 371 33.67 -17.34 -2.95
CA THR B 371 33.49 -17.77 -4.33
C THR B 371 32.80 -19.12 -4.36
N GLN B 372 31.79 -19.25 -5.23
CA GLN B 372 31.09 -20.51 -5.37
C GLN B 372 31.99 -21.55 -6.04
N VAL B 373 31.99 -22.76 -5.50
CA VAL B 373 32.82 -23.85 -6.00
C VAL B 373 31.92 -25.04 -6.31
N SER B 374 32.16 -25.69 -7.44
CA SER B 374 31.40 -26.86 -7.85
C SER B 374 32.36 -27.82 -8.55
N VAL B 375 32.67 -28.92 -7.89
CA VAL B 375 33.49 -29.98 -8.47
C VAL B 375 32.56 -31.10 -8.91
N LEU B 376 32.79 -31.61 -10.12
CA LEU B 376 31.88 -32.57 -10.74
C LEU B 376 32.69 -33.57 -11.56
N PRO B 377 32.22 -34.82 -11.65
CA PRO B 377 32.98 -35.84 -12.37
C PRO B 377 32.66 -35.88 -13.86
N GLU B 378 33.52 -36.57 -14.61
CA GLU B 378 33.31 -36.75 -16.04
C GLU B 378 32.06 -37.56 -16.30
N GLY B 379 31.27 -37.11 -17.28
CA GLY B 379 30.02 -37.76 -17.58
C GLY B 379 28.87 -37.37 -16.69
N GLY B 380 29.07 -36.42 -15.78
CA GLY B 380 28.00 -35.94 -14.93
C GLY B 380 28.05 -34.43 -14.80
N GLU B 381 28.37 -33.76 -15.90
CA GLU B 381 28.56 -32.31 -15.90
C GLU B 381 27.23 -31.57 -15.94
N THR B 382 27.13 -30.50 -15.14
CA THR B 382 25.92 -29.70 -15.14
C THR B 382 25.77 -28.95 -16.47
N PRO B 383 24.54 -28.65 -16.88
CA PRO B 383 24.37 -27.91 -18.13
C PRO B 383 24.98 -26.51 -18.08
N LEU B 384 25.07 -25.89 -16.91
CA LEU B 384 25.81 -24.63 -16.80
C LEU B 384 27.26 -24.80 -17.23
N PHE B 385 27.89 -25.89 -16.78
CA PHE B 385 29.28 -26.14 -17.14
C PHE B 385 29.41 -26.52 -18.61
N LYS B 386 28.45 -27.27 -19.14
CA LYS B 386 28.56 -27.75 -20.51
C LYS B 386 28.34 -26.63 -21.52
N GLN B 387 27.60 -25.59 -21.15
CA GLN B 387 27.34 -24.50 -22.08
C GLN B 387 28.58 -23.67 -22.37
N PHE B 388 29.66 -23.85 -21.62
CA PHE B 388 30.92 -23.15 -21.89
C PHE B 388 31.70 -23.78 -23.04
N PHE B 389 31.10 -24.69 -23.80
CA PHE B 389 31.83 -25.46 -24.80
C PHE B 389 31.09 -25.43 -26.13
N LYS B 390 31.87 -25.48 -27.21
CA LYS B 390 31.33 -25.49 -28.57
C LYS B 390 30.69 -26.84 -28.86
N ASN B 391 29.36 -26.87 -28.86
CA ASN B 391 28.58 -28.05 -29.21
C ASN B 391 29.02 -29.27 -28.37
N TRP B 392 28.64 -29.22 -27.10
CA TRP B 392 28.94 -30.32 -26.20
C TRP B 392 28.18 -31.57 -26.63
N ARG B 393 28.87 -32.70 -26.69
CA ARG B 393 28.25 -33.94 -27.11
C ARG B 393 28.89 -35.10 -26.35
N ASP B 394 28.07 -36.06 -25.95
CA ASP B 394 28.49 -37.25 -25.25
C ASP B 394 28.04 -38.49 -26.01
N PRO B 395 28.64 -39.66 -25.75
CA PRO B 395 28.33 -40.85 -26.56
C PRO B 395 26.85 -41.18 -26.72
N ASP B 396 26.03 -40.95 -25.69
CA ASP B 396 24.59 -41.16 -25.84
C ASP B 396 23.98 -40.03 -26.65
N GLN B 397 23.16 -39.19 -26.03
CA GLN B 397 22.59 -38.00 -26.66
C GLN B 397 21.72 -38.35 -27.88
N THR B 398 21.28 -39.60 -27.99
CA THR B 398 20.37 -40.02 -29.06
C THR B 398 19.72 -41.34 -28.66
N ASP B 399 20.54 -42.30 -28.26
CA ASP B 399 20.06 -43.57 -27.74
C ASP B 399 20.23 -43.53 -26.22
N GLY B 400 19.22 -42.98 -25.55
CA GLY B 400 19.24 -42.85 -24.10
C GLY B 400 18.01 -42.10 -23.62
N LEU B 401 17.67 -42.27 -22.34
CA LEU B 401 16.49 -41.65 -21.75
C LEU B 401 16.84 -40.40 -20.96
N GLY B 402 17.66 -39.53 -21.52
CA GLY B 402 18.06 -38.31 -20.83
C GLY B 402 19.50 -37.98 -21.16
N LEU B 403 20.11 -37.21 -20.25
CA LEU B 403 21.48 -36.74 -20.42
C LEU B 403 22.27 -37.00 -19.14
N SER B 404 23.52 -36.52 -19.14
CA SER B 404 24.42 -36.72 -18.01
C SER B 404 23.82 -36.16 -16.73
N TYR B 405 23.45 -34.88 -16.74
CA TYR B 405 22.84 -34.22 -15.60
C TYR B 405 21.37 -33.94 -15.90
N LEU B 406 20.62 -33.72 -14.83
CA LEU B 406 19.21 -33.31 -14.93
C LEU B 406 18.99 -32.19 -13.91
N SER B 407 18.72 -30.97 -14.39
CA SER B 407 18.59 -29.85 -13.48
C SER B 407 17.45 -30.09 -12.51
N SER B 408 17.74 -29.93 -11.22
CA SER B 408 16.80 -30.32 -10.17
C SER B 408 15.51 -29.49 -10.19
N HIS B 409 15.49 -28.35 -10.89
CA HIS B 409 14.31 -27.50 -10.92
C HIS B 409 13.34 -27.85 -12.06
N ILE B 410 13.73 -28.67 -13.02
CA ILE B 410 12.81 -29.20 -14.02
C ILE B 410 12.57 -30.70 -13.83
N ALA B 411 12.97 -31.26 -12.70
CA ALA B 411 12.77 -32.68 -12.49
C ALA B 411 11.31 -33.04 -12.28
N ASN B 412 10.48 -32.06 -11.91
CA ASN B 412 9.06 -32.28 -11.70
C ASN B 412 8.24 -32.12 -12.97
N VAL B 413 8.82 -31.59 -14.04
CA VAL B 413 8.08 -31.36 -15.27
C VAL B 413 7.86 -32.68 -16.00
N GLU B 414 6.60 -32.99 -16.31
CA GLU B 414 6.26 -34.20 -17.02
C GLU B 414 6.44 -33.99 -18.52
N ARG B 415 7.19 -34.88 -19.16
CA ARG B 415 7.53 -34.75 -20.57
C ARG B 415 6.34 -35.19 -21.42
N VAL B 416 5.74 -34.26 -22.13
CA VAL B 416 4.60 -34.55 -22.99
C VAL B 416 5.04 -34.37 -24.44
N PRO B 417 5.08 -35.43 -25.25
CA PRO B 417 5.38 -35.26 -26.67
C PRO B 417 4.26 -34.52 -27.38
N PHE B 418 4.57 -34.04 -28.58
CA PHE B 418 3.61 -33.23 -29.33
C PHE B 418 2.51 -34.09 -29.93
N ASP B 419 1.29 -33.56 -29.88
CA ASP B 419 0.13 -34.20 -30.51
C ASP B 419 -0.83 -33.08 -30.87
N ALA B 420 -1.00 -32.82 -32.18
CA ALA B 420 -1.79 -31.68 -32.61
C ALA B 420 -3.26 -31.83 -32.23
N ALA B 421 -3.75 -33.06 -32.08
CA ALA B 421 -5.15 -33.27 -31.74
C ALA B 421 -5.47 -32.79 -30.32
N THR B 422 -4.50 -32.85 -29.42
CA THR B 422 -4.70 -32.49 -28.02
C THR B 422 -3.90 -31.23 -27.63
N LEU B 423 -3.40 -30.49 -28.61
CA LEU B 423 -2.58 -29.32 -28.30
C LEU B 423 -3.40 -28.22 -27.63
N HIS B 424 -4.67 -28.07 -28.02
CA HIS B 424 -5.52 -27.01 -27.48
C HIS B 424 -5.88 -27.22 -26.02
N THR B 425 -5.49 -28.34 -25.42
CA THR B 425 -5.83 -28.64 -24.03
C THR B 425 -4.64 -28.52 -23.10
N SER B 426 -3.46 -28.97 -23.53
CA SER B 426 -2.27 -29.03 -22.67
C SER B 426 -1.47 -27.74 -22.81
N THR B 427 -1.43 -26.94 -21.74
CA THR B 427 -0.56 -25.77 -21.74
C THR B 427 0.91 -26.17 -21.72
N ALA B 428 1.23 -27.32 -21.12
CA ALA B 428 2.61 -27.77 -21.09
C ALA B 428 3.12 -28.12 -22.47
N MET B 429 2.30 -28.79 -23.29
CA MET B 429 2.71 -29.13 -24.65
C MET B 429 3.03 -27.89 -25.46
N ALA B 430 2.31 -26.79 -25.19
CA ALA B 430 2.58 -25.54 -25.90
C ALA B 430 3.96 -24.99 -25.54
N ALA B 431 4.36 -25.10 -24.28
CA ALA B 431 5.65 -24.57 -23.87
C ALA B 431 6.80 -25.46 -24.32
N GLN B 432 6.65 -26.77 -24.12
CA GLN B 432 7.75 -27.69 -24.42
C GLN B 432 8.04 -27.80 -25.90
N HIS B 433 7.12 -27.35 -26.76
CA HIS B 433 7.34 -27.39 -28.20
C HIS B 433 7.21 -26.02 -28.86
N GLY B 434 6.94 -24.97 -28.09
CA GLY B 434 6.86 -23.62 -28.64
C GLY B 434 5.65 -23.36 -29.50
N MET B 435 4.66 -24.25 -29.48
CA MET B 435 3.48 -24.15 -30.33
C MET B 435 2.34 -23.58 -29.49
N ASP B 436 2.06 -22.28 -29.66
CA ASP B 436 0.91 -21.70 -28.99
C ASP B 436 -0.39 -22.34 -29.48
N ASP B 437 -0.45 -22.72 -30.75
CA ASP B 437 -1.53 -23.55 -31.28
C ASP B 437 -0.98 -24.25 -32.53
N ASP B 438 -1.87 -24.85 -33.32
CA ASP B 438 -1.46 -25.63 -34.47
C ASP B 438 -1.05 -24.75 -35.66
N GLY B 439 -1.35 -23.46 -35.63
CA GLY B 439 -0.91 -22.57 -36.69
C GLY B 439 -1.86 -22.45 -37.86
N THR B 440 -3.17 -22.60 -37.64
CA THR B 440 -4.17 -22.50 -38.69
C THR B 440 -5.28 -21.55 -38.26
N GLY B 441 -4.90 -20.30 -38.01
CA GLY B 441 -5.83 -19.26 -37.63
C GLY B 441 -5.78 -18.09 -38.58
N GLN B 442 -6.58 -17.07 -38.28
CA GLN B 442 -6.62 -15.86 -39.07
C GLN B 442 -5.28 -15.12 -38.94
N LYS B 443 -4.62 -14.89 -40.07
CA LYS B 443 -3.33 -14.21 -40.05
C LYS B 443 -3.27 -13.16 -41.15
N GLN B 444 -2.82 -11.96 -40.80
CA GLN B 444 -2.56 -10.89 -41.75
C GLN B 444 -1.05 -10.69 -41.84
N ILE B 445 -0.55 -10.60 -43.07
CA ILE B 445 0.88 -10.47 -43.32
C ILE B 445 1.12 -9.16 -44.07
N TRP B 446 2.11 -8.40 -43.63
CA TRP B 446 2.50 -7.17 -44.28
C TRP B 446 3.99 -7.21 -44.64
N ARG B 447 4.35 -6.39 -45.62
CA ARG B 447 5.74 -6.18 -46.00
C ARG B 447 6.09 -4.72 -45.82
N ILE B 448 7.30 -4.46 -45.32
CA ILE B 448 7.71 -3.10 -44.97
C ILE B 448 8.37 -2.48 -46.19
N GLU B 449 7.64 -1.58 -46.84
CA GLU B 449 8.15 -0.81 -47.98
C GLU B 449 8.36 0.62 -47.49
N GLY B 450 9.61 0.99 -47.24
CA GLY B 450 9.91 2.31 -46.74
C GLY B 450 9.50 2.53 -45.30
N SER B 451 8.40 3.26 -45.09
CA SER B 451 7.95 3.62 -43.76
C SER B 451 6.48 3.30 -43.56
N ASN B 452 5.96 2.30 -44.29
CA ASN B 452 4.56 1.92 -44.18
C ASN B 452 4.42 0.43 -44.39
N LYS B 453 3.27 -0.10 -43.96
CA LYS B 453 2.95 -1.51 -44.11
C LYS B 453 2.25 -1.75 -45.44
N VAL B 454 2.70 -2.76 -46.16
CA VAL B 454 2.14 -3.13 -47.45
C VAL B 454 1.60 -4.55 -47.35
N PRO B 455 0.29 -4.76 -47.57
CA PRO B 455 -0.25 -6.13 -47.48
C PRO B 455 0.36 -7.05 -48.53
N VAL B 456 0.74 -8.24 -48.10
CA VAL B 456 1.37 -9.21 -48.97
C VAL B 456 0.29 -9.95 -49.75
N ASP B 457 0.60 -10.28 -51.00
CA ASP B 457 -0.31 -11.06 -51.83
C ASP B 457 -0.63 -12.39 -51.16
N PRO B 458 -1.91 -12.68 -50.87
CA PRO B 458 -2.23 -13.92 -50.16
C PRO B 458 -1.77 -15.18 -50.87
N ALA B 459 -1.57 -15.13 -52.20
CA ALA B 459 -1.09 -16.30 -52.92
C ALA B 459 0.36 -16.61 -52.58
N THR B 460 1.15 -15.58 -52.24
CA THR B 460 2.55 -15.74 -51.90
C THR B 460 2.78 -16.02 -50.42
N TYR B 461 1.72 -16.20 -49.63
CA TYR B 461 1.84 -16.45 -48.20
C TYR B 461 2.75 -17.66 -47.93
N GLY B 462 3.84 -17.40 -47.22
CA GLY B 462 4.84 -18.42 -46.93
C GLY B 462 6.20 -18.15 -47.55
N GLN B 463 6.31 -17.25 -48.51
CA GLN B 463 7.59 -16.94 -49.15
C GLN B 463 8.08 -15.59 -48.63
N PHE B 464 9.23 -15.61 -47.96
CA PHE B 464 9.83 -14.40 -47.39
C PHE B 464 11.19 -14.17 -48.02
N TYR B 465 11.44 -12.95 -48.47
CA TYR B 465 12.70 -12.60 -49.11
C TYR B 465 13.64 -11.96 -48.10
N GLY B 466 14.91 -12.35 -48.17
CA GLY B 466 15.89 -11.87 -47.21
C GLY B 466 16.09 -10.37 -47.25
N GLY B 467 15.86 -9.74 -48.40
CA GLY B 467 15.98 -8.30 -48.52
C GLY B 467 14.80 -7.51 -48.02
N ASP B 468 13.77 -8.19 -47.50
CA ASP B 468 12.57 -7.54 -47.01
C ASP B 468 12.40 -7.82 -45.52
N SER B 469 11.54 -7.01 -44.89
CA SER B 469 11.11 -7.21 -43.52
C SER B 469 9.59 -7.27 -43.51
N TYR B 470 9.04 -8.17 -42.69
CA TYR B 470 7.62 -8.45 -42.72
C TYR B 470 7.02 -8.30 -41.32
N ILE B 471 5.70 -8.24 -41.28
CA ILE B 471 4.93 -8.20 -40.03
C ILE B 471 3.74 -9.12 -40.19
N ILE B 472 3.63 -10.12 -39.31
CA ILE B 472 2.55 -11.10 -39.35
C ILE B 472 1.74 -10.96 -38.07
N LEU B 473 0.44 -10.70 -38.23
CA LEU B 473 -0.49 -10.63 -37.11
C LEU B 473 -1.34 -11.89 -37.14
N TYR B 474 -1.16 -12.75 -36.13
CA TYR B 474 -1.82 -14.06 -36.08
C TYR B 474 -2.74 -14.15 -34.88
N ASN B 475 -3.88 -14.83 -35.07
CA ASN B 475 -4.87 -15.04 -34.02
C ASN B 475 -4.81 -16.51 -33.61
N TYR B 476 -4.25 -16.79 -32.43
CA TYR B 476 -4.09 -18.16 -31.97
C TYR B 476 -5.28 -18.59 -31.13
N ARG B 477 -5.69 -19.84 -31.33
CA ARG B 477 -6.79 -20.46 -30.59
C ARG B 477 -6.21 -21.56 -29.72
N HIS B 478 -6.25 -21.36 -28.40
CA HIS B 478 -5.79 -22.37 -27.46
C HIS B 478 -6.61 -22.28 -26.19
N GLY B 479 -7.09 -23.43 -25.72
CA GLY B 479 -7.95 -23.43 -24.56
C GLY B 479 -9.27 -22.74 -24.86
N GLY B 480 -9.88 -22.19 -23.81
CA GLY B 480 -11.12 -21.45 -23.98
C GLY B 480 -10.95 -20.01 -24.38
N ARG B 481 -9.77 -19.43 -24.11
CA ARG B 481 -9.53 -18.02 -24.36
C ARG B 481 -9.02 -17.80 -25.78
N GLN B 482 -8.89 -16.53 -26.15
CA GLN B 482 -8.43 -16.11 -27.47
C GLN B 482 -7.30 -15.10 -27.31
N GLY B 483 -6.32 -15.16 -28.21
CA GLY B 483 -5.19 -14.25 -28.15
C GLY B 483 -4.67 -13.90 -29.52
N GLN B 484 -3.59 -13.13 -29.54
CA GLN B 484 -2.96 -12.68 -30.78
C GLN B 484 -1.45 -12.60 -30.60
N ILE B 485 -0.73 -12.86 -31.69
CA ILE B 485 0.73 -12.76 -31.73
C ILE B 485 1.11 -11.91 -32.94
N ILE B 486 2.14 -11.10 -32.78
CA ILE B 486 2.66 -10.24 -33.85
C ILE B 486 4.09 -10.67 -34.11
N TYR B 487 4.33 -11.31 -35.25
CA TYR B 487 5.67 -11.69 -35.66
C TYR B 487 6.28 -10.59 -36.51
N ASN B 488 7.55 -10.29 -36.24
CA ASN B 488 8.30 -9.28 -37.00
C ASN B 488 9.52 -9.98 -37.60
N TRP B 489 9.38 -10.44 -38.85
CA TRP B 489 10.45 -11.18 -39.53
C TRP B 489 11.38 -10.19 -40.21
N GLN B 490 12.56 -10.00 -39.62
CA GLN B 490 13.56 -9.10 -40.17
C GLN B 490 14.51 -9.91 -41.05
N GLY B 491 14.49 -9.65 -42.35
CA GLY B 491 15.40 -10.34 -43.25
C GLY B 491 16.84 -9.98 -42.95
N ALA B 492 17.72 -10.97 -43.14
CA ALA B 492 19.15 -10.75 -42.88
C ALA B 492 19.79 -9.85 -43.92
N GLN B 493 19.14 -9.66 -45.07
CA GLN B 493 19.68 -8.81 -46.14
C GLN B 493 18.85 -7.55 -46.34
N SER B 494 17.89 -7.28 -45.46
CA SER B 494 17.07 -6.08 -45.56
C SER B 494 17.85 -4.86 -45.08
N THR B 495 17.56 -3.71 -45.70
CA THR B 495 18.24 -2.48 -45.34
C THR B 495 17.90 -2.07 -43.91
N GLN B 496 18.86 -1.41 -43.25
CA GLN B 496 18.71 -1.10 -41.84
C GLN B 496 17.55 -0.14 -41.58
N ASP B 497 17.28 0.78 -42.51
CA ASP B 497 16.19 1.73 -42.29
C ASP B 497 14.84 1.02 -42.27
N GLU B 498 14.66 0.01 -43.13
CA GLU B 498 13.40 -0.71 -43.14
C GLU B 498 13.32 -1.75 -42.03
N VAL B 499 14.48 -2.30 -41.64
CA VAL B 499 14.49 -3.21 -40.49
C VAL B 499 14.06 -2.47 -39.23
N ALA B 500 14.61 -1.28 -39.00
CA ALA B 500 14.20 -0.48 -37.87
C ALA B 500 12.76 0.00 -38.02
N ALA B 501 12.35 0.33 -39.24
CA ALA B 501 10.96 0.72 -39.46
C ALA B 501 10.01 -0.44 -39.24
N SER B 502 10.46 -1.67 -39.51
CA SER B 502 9.62 -2.84 -39.26
C SER B 502 9.34 -3.01 -37.78
N ALA B 503 10.37 -2.82 -36.93
CA ALA B 503 10.17 -2.96 -35.50
C ALA B 503 9.33 -1.83 -34.93
N ILE B 504 9.45 -0.62 -35.49
CA ILE B 504 8.63 0.49 -35.02
C ILE B 504 7.16 0.23 -35.34
N LEU B 505 6.88 -0.21 -36.57
CA LEU B 505 5.50 -0.55 -36.93
C LEU B 505 5.00 -1.76 -36.15
N THR B 506 5.88 -2.71 -35.83
CA THR B 506 5.47 -3.85 -35.01
C THR B 506 5.04 -3.39 -33.62
N ALA B 507 5.72 -2.39 -33.07
CA ALA B 507 5.31 -1.86 -31.77
C ALA B 507 4.04 -1.03 -31.88
N GLN B 508 3.92 -0.23 -32.95
CA GLN B 508 2.71 0.55 -33.14
C GLN B 508 1.51 -0.35 -33.40
N LEU B 509 1.71 -1.46 -34.12
CA LEU B 509 0.62 -2.41 -34.32
C LEU B 509 0.16 -3.00 -33.00
N ASP B 510 1.07 -3.18 -32.05
CA ASP B 510 0.67 -3.66 -30.73
C ASP B 510 -0.08 -2.59 -29.97
N GLU B 511 0.37 -1.34 -30.06
CA GLU B 511 -0.29 -0.24 -29.34
C GLU B 511 -1.71 -0.04 -29.83
N GLU B 512 -1.92 -0.08 -31.15
CA GLU B 512 -3.27 0.11 -31.68
C GLU B 512 -4.16 -1.10 -31.43
N LEU B 513 -3.57 -2.28 -31.17
CA LEU B 513 -4.34 -3.47 -30.83
C LEU B 513 -4.57 -3.60 -29.32
N GLY B 514 -4.63 -2.48 -28.61
CA GLY B 514 -4.87 -2.48 -27.19
C GLY B 514 -3.66 -2.72 -26.32
N GLY B 515 -2.47 -2.90 -26.92
CA GLY B 515 -1.28 -3.15 -26.13
C GLY B 515 -1.25 -4.51 -25.47
N THR B 516 -2.01 -5.47 -25.99
CA THR B 516 -2.12 -6.81 -25.40
C THR B 516 -1.45 -7.91 -26.21
N PRO B 517 -1.46 -7.89 -27.55
CA PRO B 517 -0.91 -9.03 -28.29
C PRO B 517 0.57 -9.24 -28.03
N VAL B 518 1.06 -10.36 -28.51
CA VAL B 518 2.44 -10.77 -28.29
C VAL B 518 3.29 -10.27 -29.46
N GLN B 519 4.48 -9.77 -29.15
CA GLN B 519 5.46 -9.40 -30.16
C GLN B 519 6.58 -10.44 -30.20
N SER B 520 7.09 -10.72 -31.39
CA SER B 520 8.13 -11.75 -31.58
C SER B 520 9.10 -11.29 -32.67
N ARG B 521 10.27 -10.82 -32.24
CA ARG B 521 11.31 -10.44 -33.19
C ARG B 521 12.05 -11.70 -33.64
N VAL B 522 12.22 -11.84 -34.95
CA VAL B 522 12.86 -13.03 -35.50
C VAL B 522 13.67 -12.63 -36.71
N VAL B 523 14.89 -13.17 -36.82
CA VAL B 523 15.79 -12.88 -37.92
C VAL B 523 15.79 -14.08 -38.87
N GLN B 524 16.01 -13.79 -40.15
CA GLN B 524 16.15 -14.82 -41.18
C GLN B 524 17.14 -15.90 -40.75
N GLY B 525 16.67 -17.13 -40.67
CA GLY B 525 17.51 -18.26 -40.31
C GLY B 525 17.04 -18.98 -39.05
N LYS B 526 16.85 -18.24 -37.97
CA LYS B 526 16.43 -18.80 -36.69
C LYS B 526 14.97 -18.44 -36.42
N GLU B 527 14.04 -19.15 -37.15
CA GLU B 527 12.62 -18.93 -36.99
C GLU B 527 12.06 -19.90 -35.94
N PRO B 528 11.13 -19.43 -35.09
CA PRO B 528 10.55 -20.31 -34.07
C PRO B 528 9.76 -21.44 -34.69
N ALA B 529 9.43 -22.43 -33.86
CA ALA B 529 8.66 -23.56 -34.34
C ALA B 529 7.23 -23.15 -34.68
N HIS B 530 6.65 -22.24 -33.90
CA HIS B 530 5.28 -21.82 -34.15
C HIS B 530 5.15 -21.04 -35.45
N LEU B 531 6.23 -20.36 -35.87
CA LEU B 531 6.16 -19.58 -37.09
C LEU B 531 6.16 -20.46 -38.33
N MET B 532 6.77 -21.65 -38.25
CA MET B 532 6.84 -22.52 -39.42
C MET B 532 5.47 -23.07 -39.77
N SER B 533 4.63 -23.33 -38.78
CA SER B 533 3.36 -24.02 -38.98
C SER B 533 2.21 -23.07 -39.32
N LEU B 534 2.49 -21.80 -39.55
CA LEU B 534 1.41 -20.83 -39.80
C LEU B 534 0.80 -20.95 -41.19
N PHE B 535 1.38 -21.76 -42.08
CA PHE B 535 0.93 -21.84 -43.47
C PHE B 535 0.33 -23.20 -43.78
N GLY B 536 -0.43 -23.76 -42.84
CA GLY B 536 -1.09 -25.03 -43.03
C GLY B 536 -0.16 -26.17 -43.35
N GLY B 537 -0.18 -26.64 -44.61
CA GLY B 537 0.70 -27.71 -45.03
C GLY B 537 1.87 -27.20 -45.85
N LYS B 538 1.82 -25.94 -46.25
CA LYS B 538 2.87 -25.36 -47.05
C LYS B 538 4.12 -25.14 -46.19
N PRO B 539 5.31 -25.41 -46.71
CA PRO B 539 6.53 -25.08 -45.98
C PRO B 539 6.87 -23.61 -46.10
N MET B 540 7.47 -23.08 -45.02
CA MET B 540 7.88 -21.69 -44.98
C MET B 540 9.17 -21.52 -45.78
N ILE B 541 9.07 -20.94 -46.97
CA ILE B 541 10.20 -20.79 -47.88
C ILE B 541 10.86 -19.45 -47.63
N ILE B 542 12.15 -19.48 -47.32
CA ILE B 542 12.96 -18.28 -47.05
C ILE B 542 13.98 -18.15 -48.16
N TYR B 543 13.96 -17.01 -48.85
CA TYR B 543 14.94 -16.71 -49.88
C TYR B 543 16.08 -15.89 -49.30
N LYS B 544 17.31 -16.21 -49.73
CA LYS B 544 18.48 -15.58 -49.14
C LYS B 544 18.55 -14.10 -49.46
N GLY B 545 18.04 -13.69 -50.62
CA GLY B 545 18.07 -12.28 -50.99
C GLY B 545 16.84 -11.86 -51.78
N GLY B 546 16.99 -10.84 -52.61
CA GLY B 546 15.88 -10.37 -53.42
C GLY B 546 14.82 -9.65 -52.61
N THR B 547 13.70 -9.38 -53.28
CA THR B 547 12.59 -8.67 -52.67
C THR B 547 11.30 -9.03 -53.39
N SER B 548 10.18 -8.81 -52.69
CA SER B 548 8.85 -9.13 -53.20
C SER B 548 8.03 -7.88 -53.46
N ARG B 549 8.67 -6.75 -53.73
CA ARG B 549 7.98 -5.51 -54.00
C ARG B 549 7.36 -5.52 -55.39
N GLU B 550 6.47 -4.56 -55.62
CA GLU B 550 5.79 -4.48 -56.91
C GLU B 550 6.78 -4.20 -58.05
N GLY B 551 7.80 -3.39 -57.78
CA GLY B 551 8.73 -2.99 -58.81
C GLY B 551 9.86 -3.97 -59.06
N GLY B 552 10.73 -4.15 -58.07
CA GLY B 552 11.94 -4.93 -58.26
C GLY B 552 11.72 -6.43 -58.13
N GLN B 553 12.19 -7.18 -59.11
CA GLN B 553 12.12 -8.63 -59.07
C GLN B 553 13.52 -9.24 -58.97
N PRO B 556 16.55 -14.78 -60.08
CA PRO B 556 17.24 -15.67 -59.13
C PRO B 556 18.67 -15.99 -59.58
N ALA B 557 19.46 -16.56 -58.67
CA ALA B 557 20.83 -16.95 -58.98
C ALA B 557 20.84 -18.23 -59.81
N SER B 558 22.01 -18.51 -60.41
CA SER B 558 22.14 -19.69 -61.26
C SER B 558 22.12 -20.97 -60.42
N THR B 559 22.76 -20.97 -59.26
CA THR B 559 22.80 -22.12 -58.38
C THR B 559 22.37 -21.70 -56.99
N ARG B 560 21.34 -22.38 -56.46
CA ARG B 560 20.78 -22.06 -55.15
C ARG B 560 20.73 -23.34 -54.31
N LEU B 561 20.67 -23.15 -52.99
CA LEU B 561 20.64 -24.27 -52.05
C LEU B 561 19.62 -23.97 -50.97
N PHE B 562 18.70 -24.90 -50.73
CA PHE B 562 17.63 -24.74 -49.75
C PHE B 562 17.71 -25.85 -48.72
N GLN B 563 17.87 -25.46 -47.45
CA GLN B 563 17.87 -26.41 -46.34
C GLN B 563 16.45 -26.50 -45.80
N VAL B 564 15.90 -27.72 -45.79
CA VAL B 564 14.52 -27.97 -45.37
C VAL B 564 14.58 -28.58 -43.97
N ARG B 565 14.30 -27.75 -42.97
CA ARG B 565 14.27 -28.18 -41.57
C ARG B 565 12.82 -28.43 -41.15
N ALA B 566 12.64 -29.34 -40.19
CA ALA B 566 11.32 -29.68 -39.68
C ALA B 566 11.27 -29.46 -38.18
N ASN B 567 10.11 -29.07 -37.68
CA ASN B 567 9.92 -28.78 -36.27
C ASN B 567 9.12 -29.90 -35.60
N SER B 568 8.65 -29.63 -34.38
CA SER B 568 7.93 -30.63 -33.61
C SER B 568 6.62 -31.02 -34.28
N ALA B 569 5.91 -30.04 -34.84
CA ALA B 569 4.62 -30.28 -35.48
C ALA B 569 4.74 -30.80 -36.89
N GLY B 570 5.92 -31.22 -37.32
CA GLY B 570 6.12 -31.73 -38.66
C GLY B 570 6.13 -30.70 -39.77
N ALA B 571 5.77 -29.46 -39.48
CA ALA B 571 5.81 -28.41 -40.50
C ALA B 571 7.26 -28.07 -40.84
N THR B 572 7.52 -27.88 -42.13
CA THR B 572 8.87 -27.67 -42.62
C THR B 572 9.10 -26.20 -42.99
N ARG B 573 10.36 -25.86 -43.18
CA ARG B 573 10.77 -24.55 -43.65
C ARG B 573 11.96 -24.73 -44.59
N ALA B 574 11.94 -24.00 -45.71
CA ALA B 574 12.97 -24.11 -46.73
C ALA B 574 13.75 -22.80 -46.75
N VAL B 575 14.88 -22.78 -46.04
CA VAL B 575 15.72 -21.59 -45.93
C VAL B 575 16.85 -21.71 -46.93
N GLU B 576 17.08 -20.65 -47.71
CA GLU B 576 18.14 -20.64 -48.70
C GLU B 576 19.48 -20.35 -48.03
N VAL B 577 20.50 -21.12 -48.41
CA VAL B 577 21.84 -20.99 -47.85
C VAL B 577 22.83 -20.89 -49.02
N LEU B 578 24.11 -20.82 -48.66
CA LEU B 578 25.15 -20.77 -49.68
C LEU B 578 25.30 -22.14 -50.35
N PRO B 579 25.47 -22.17 -51.68
CA PRO B 579 25.67 -23.47 -52.35
C PRO B 579 27.04 -24.06 -52.11
N LYS B 580 27.33 -24.40 -50.85
CA LYS B 580 28.59 -25.02 -50.47
C LYS B 580 28.31 -26.28 -49.66
N ALA B 581 29.24 -27.24 -49.74
CA ALA B 581 29.02 -28.56 -49.16
C ALA B 581 29.09 -28.56 -47.65
N GLY B 582 29.80 -27.62 -47.04
CA GLY B 582 29.81 -27.54 -45.59
C GLY B 582 28.46 -27.17 -45.03
N ALA B 583 27.61 -26.55 -45.83
CA ALA B 583 26.29 -26.13 -45.39
C ALA B 583 25.31 -27.29 -45.29
N LEU B 584 25.69 -28.49 -45.74
CA LEU B 584 24.81 -29.64 -45.64
C LEU B 584 24.67 -30.10 -44.19
N ASN B 585 23.62 -30.87 -43.94
CA ASN B 585 23.28 -31.32 -42.59
C ASN B 585 22.52 -32.64 -42.70
N SER B 586 23.03 -33.68 -42.05
CA SER B 586 22.46 -35.02 -42.20
C SER B 586 21.04 -35.12 -41.65
N ASN B 587 20.65 -34.22 -40.73
CA ASN B 587 19.33 -34.29 -40.14
C ASN B 587 18.23 -33.74 -41.04
N ASP B 588 18.58 -32.87 -41.98
CA ASP B 588 17.60 -32.17 -42.81
C ASP B 588 17.69 -32.62 -44.26
N ALA B 589 16.64 -32.30 -45.01
CA ALA B 589 16.62 -32.51 -46.45
C ALA B 589 17.02 -31.22 -47.13
N PHE B 590 17.73 -31.36 -48.25
CA PHE B 590 18.27 -30.20 -48.97
C PHE B 590 17.82 -30.25 -50.43
N VAL B 591 17.68 -29.06 -51.00
CA VAL B 591 17.30 -28.91 -52.41
C VAL B 591 18.36 -28.04 -53.08
N LEU B 592 18.98 -28.58 -54.13
CA LEU B 592 20.03 -27.91 -54.87
C LEU B 592 19.53 -27.59 -56.27
N LYS B 593 19.60 -26.33 -56.67
CA LYS B 593 19.09 -25.86 -57.96
C LYS B 593 20.25 -25.75 -58.93
N THR B 594 20.44 -26.79 -59.72
CA THR B 594 21.38 -26.72 -60.83
C THR B 594 20.65 -26.24 -62.08
N PRO B 595 21.36 -25.52 -62.98
CA PRO B 595 20.71 -25.13 -64.24
C PRO B 595 20.18 -26.31 -65.04
N SER B 596 20.93 -27.41 -65.09
CA SER B 596 20.46 -28.61 -65.79
C SER B 596 19.68 -29.52 -64.85
N ALA B 598 18.10 -30.75 -61.06
CA ALA B 598 17.40 -30.53 -59.81
C ALA B 598 17.55 -31.74 -58.88
N TYR B 599 18.12 -31.51 -57.70
CA TYR B 599 18.38 -32.56 -56.73
C TYR B 599 17.37 -32.51 -55.58
N LEU B 600 17.30 -33.62 -54.84
CA LEU B 600 16.45 -33.73 -53.64
C LEU B 600 17.22 -34.63 -52.66
N TRP B 601 17.98 -34.00 -51.78
CA TRP B 601 18.87 -34.72 -50.87
C TRP B 601 18.06 -35.43 -49.78
N VAL B 602 18.42 -36.69 -49.53
CA VAL B 602 17.76 -37.52 -48.53
C VAL B 602 18.73 -37.63 -47.36
N GLY B 603 18.50 -36.84 -46.32
CA GLY B 603 19.36 -36.89 -45.15
C GLY B 603 19.23 -38.18 -44.39
N THR B 604 20.30 -38.56 -43.70
CA THR B 604 20.27 -39.76 -42.88
C THR B 604 19.29 -39.61 -41.72
N GLY B 605 19.18 -38.41 -41.15
CA GLY B 605 18.22 -38.16 -40.10
C GLY B 605 16.91 -37.56 -40.55
N ALA B 606 16.79 -37.24 -41.84
CA ALA B 606 15.55 -36.70 -42.36
C ALA B 606 14.46 -37.77 -42.39
N SER B 607 13.25 -37.37 -42.03
CA SER B 607 12.11 -38.26 -41.97
C SER B 607 11.15 -37.98 -43.12
N GLU B 608 9.90 -38.42 -42.98
CA GLU B 608 8.90 -38.19 -44.02
C GLU B 608 8.53 -36.72 -44.13
N ALA B 609 8.58 -35.98 -43.02
CA ALA B 609 8.21 -34.57 -43.05
C ALA B 609 9.17 -33.75 -43.90
N GLU B 610 10.47 -34.02 -43.80
CA GLU B 610 11.45 -33.26 -44.59
C GLU B 610 11.34 -33.58 -46.07
N LYS B 611 11.02 -34.82 -46.42
CA LYS B 611 10.93 -35.20 -47.84
C LYS B 611 9.70 -34.57 -48.48
N THR B 612 8.54 -34.66 -47.82
CA THR B 612 7.32 -34.13 -48.41
C THR B 612 7.36 -32.61 -48.51
N GLY B 613 8.12 -31.96 -47.64
CA GLY B 613 8.30 -30.51 -47.74
C GLY B 613 9.30 -30.09 -48.78
N ALA B 614 10.24 -30.96 -49.14
CA ALA B 614 11.23 -30.62 -50.16
C ALA B 614 10.61 -30.64 -51.55
N GLN B 615 9.81 -31.67 -51.85
CA GLN B 615 9.20 -31.76 -53.17
C GLN B 615 8.11 -30.71 -53.34
N GLU B 616 7.50 -30.25 -52.24
CA GLU B 616 6.55 -29.14 -52.34
C GLU B 616 7.26 -27.83 -52.66
N LEU B 617 8.52 -27.71 -52.25
CA LEU B 617 9.32 -26.56 -52.68
C LEU B 617 9.59 -26.61 -54.17
N LEU B 618 9.80 -27.80 -54.72
CA LEU B 618 9.99 -27.94 -56.17
C LEU B 618 8.72 -27.60 -56.94
N ARG B 619 7.56 -27.58 -56.29
CA ARG B 619 6.35 -27.09 -56.95
C ARG B 619 6.43 -25.60 -57.22
N VAL B 620 7.16 -24.86 -56.38
CA VAL B 620 7.36 -23.44 -56.62
C VAL B 620 8.36 -23.23 -57.75
N LEU B 621 9.45 -23.99 -57.74
CA LEU B 621 10.45 -23.90 -58.79
C LEU B 621 10.04 -24.59 -60.08
N ARG B 622 9.01 -25.44 -60.04
CA ARG B 622 8.46 -26.11 -61.21
C ARG B 622 9.53 -26.92 -61.96
N ALA B 623 10.49 -27.47 -61.21
CA ALA B 623 11.53 -28.32 -61.77
C ALA B 623 11.40 -29.72 -61.17
N GLN B 624 11.47 -30.73 -62.02
CA GLN B 624 11.36 -32.11 -61.55
C GLN B 624 12.65 -32.54 -60.88
N PRO B 625 12.63 -32.93 -59.62
CA PRO B 625 13.87 -33.24 -58.91
C PRO B 625 14.41 -34.62 -59.27
N VAL B 626 15.72 -34.78 -59.02
CA VAL B 626 16.37 -36.08 -59.14
C VAL B 626 16.78 -36.50 -57.73
N GLN B 627 15.92 -37.26 -57.06
CA GLN B 627 16.13 -37.60 -55.67
C GLN B 627 17.39 -38.43 -55.49
N VAL B 628 18.24 -38.02 -54.54
CA VAL B 628 19.52 -38.65 -54.32
C VAL B 628 19.73 -38.88 -52.83
N ALA B 629 20.45 -39.95 -52.49
CA ALA B 629 20.67 -40.32 -51.10
C ALA B 629 21.98 -39.72 -50.59
N GLU B 630 22.10 -39.70 -49.26
CA GLU B 630 23.31 -39.19 -48.61
C GLU B 630 24.44 -40.21 -48.72
N GLY B 631 25.62 -39.73 -49.07
CA GLY B 631 26.75 -40.61 -49.30
C GLY B 631 26.63 -41.48 -50.52
N SER B 632 25.61 -41.28 -51.34
CA SER B 632 25.37 -42.06 -52.54
C SER B 632 25.00 -41.13 -53.69
N GLU B 633 25.74 -40.02 -53.81
CA GLU B 633 25.45 -39.02 -54.81
C GLU B 633 26.33 -39.25 -56.02
N PRO B 634 25.77 -39.27 -57.23
CA PRO B 634 26.62 -39.37 -58.42
C PRO B 634 27.64 -38.25 -58.43
N ASP B 635 28.68 -38.45 -59.25
CA ASP B 635 29.66 -37.43 -59.58
C ASP B 635 29.00 -36.19 -60.19
N GLY B 636 27.68 -36.21 -60.34
CA GLY B 636 26.93 -35.06 -60.82
C GLY B 636 26.09 -34.43 -59.72
N PHE B 637 26.61 -34.46 -58.49
CA PHE B 637 26.07 -33.70 -57.37
C PHE B 637 27.12 -32.87 -56.65
N TRP B 638 28.38 -33.32 -56.64
CA TRP B 638 29.44 -32.65 -55.91
C TRP B 638 30.07 -31.49 -56.66
N GLU B 639 29.51 -31.09 -57.79
CA GLU B 639 30.12 -30.07 -58.64
C GLU B 639 29.21 -28.85 -58.71
N ALA B 640 28.64 -28.47 -57.56
CA ALA B 640 27.99 -27.17 -57.37
C ALA B 640 28.51 -26.56 -56.08
N LEU B 641 28.89 -27.44 -55.15
CA LEU B 641 29.49 -27.05 -53.90
C LEU B 641 30.99 -26.79 -54.05
N GLY B 642 31.65 -27.53 -54.94
CA GLY B 642 33.03 -27.24 -55.30
C GLY B 642 34.09 -27.91 -54.47
N GLY B 643 33.71 -28.74 -53.50
CA GLY B 643 34.68 -29.47 -52.69
C GLY B 643 33.99 -30.63 -52.01
N LYS B 644 34.80 -31.44 -51.33
CA LYS B 644 34.23 -32.52 -50.53
C LYS B 644 33.61 -31.97 -49.25
N ALA B 645 34.40 -31.27 -48.44
CA ALA B 645 33.91 -30.54 -47.26
C ALA B 645 33.32 -31.46 -46.19
N ALA B 646 33.47 -31.05 -44.93
CA ALA B 646 32.97 -31.81 -43.79
C ALA B 646 31.69 -31.16 -43.30
N TYR B 647 30.55 -31.65 -43.78
CA TYR B 647 29.25 -31.17 -43.32
C TYR B 647 28.90 -31.81 -41.98
N ARG B 648 28.16 -31.07 -41.15
CA ARG B 648 27.78 -31.57 -39.84
C ARG B 648 26.92 -32.82 -39.97
N THR B 649 27.29 -33.88 -39.25
CA THR B 649 26.60 -35.15 -39.30
C THR B 649 25.95 -35.55 -37.97
N SER B 650 26.47 -35.07 -36.85
CA SER B 650 25.89 -35.41 -35.56
C SER B 650 24.45 -34.92 -35.49
N PRO B 651 23.53 -35.73 -34.92
CA PRO B 651 22.12 -35.30 -34.83
C PRO B 651 21.91 -34.21 -33.78
N ARG B 652 20.68 -34.09 -33.29
CA ARG B 652 20.36 -33.09 -32.29
C ARG B 652 19.73 -33.77 -31.08
N LEU B 653 19.07 -32.98 -30.24
CA LEU B 653 18.47 -33.49 -29.02
C LEU B 653 16.96 -33.63 -29.10
N LYS B 654 16.29 -32.72 -29.82
CA LYS B 654 14.85 -32.77 -30.01
C LYS B 654 14.11 -32.77 -28.68
N ASP B 655 13.67 -33.96 -28.22
CA ASP B 655 12.98 -34.05 -26.94
C ASP B 655 13.94 -33.92 -25.76
N LYS B 656 15.22 -34.24 -25.95
CA LYS B 656 16.21 -34.11 -24.89
C LYS B 656 16.84 -32.73 -24.81
N LYS B 657 16.36 -31.77 -25.63
CA LYS B 657 16.87 -30.42 -25.55
C LYS B 657 16.47 -29.74 -24.25
N MET B 658 15.35 -30.15 -23.66
CA MET B 658 14.94 -29.57 -22.38
C MET B 658 15.91 -29.94 -21.27
N ASP B 659 16.62 -31.06 -21.41
CA ASP B 659 17.61 -31.44 -20.40
C ASP B 659 18.90 -30.66 -20.57
N ALA B 660 19.42 -30.59 -21.80
CA ALA B 660 20.71 -29.96 -22.03
C ALA B 660 20.67 -28.47 -21.72
N HIS B 661 19.54 -27.82 -21.99
CA HIS B 661 19.39 -26.38 -21.81
C HIS B 661 18.06 -26.15 -21.11
N PRO B 662 18.03 -26.29 -19.78
CA PRO B 662 16.77 -26.14 -19.07
C PRO B 662 16.29 -24.70 -19.11
N PRO B 663 14.98 -24.47 -18.97
CA PRO B 663 14.46 -23.10 -18.97
C PRO B 663 14.81 -22.38 -17.69
N ARG B 664 15.42 -21.19 -17.83
CA ARG B 664 15.91 -20.39 -16.74
C ARG B 664 15.13 -19.08 -16.68
N LEU B 665 14.87 -18.60 -15.45
CA LEU B 665 14.12 -17.38 -15.25
C LEU B 665 15.02 -16.36 -14.56
N PHE B 666 15.01 -15.12 -15.08
CA PHE B 666 15.82 -14.04 -14.55
C PHE B 666 14.97 -12.80 -14.35
N ALA B 667 15.38 -11.98 -13.38
CA ALA B 667 14.93 -10.60 -13.28
C ALA B 667 16.08 -9.71 -13.73
N CYS B 668 15.74 -8.62 -14.42
CA CYS B 668 16.75 -7.73 -14.97
C CYS B 668 16.44 -6.29 -14.61
N SER B 669 17.45 -5.44 -14.78
CA SER B 669 17.31 -4.02 -14.45
C SER B 669 18.36 -3.24 -15.22
N ASN B 670 17.94 -2.15 -15.87
CA ASN B 670 18.88 -1.27 -16.53
C ASN B 670 19.13 -0.02 -15.68
N LYS B 671 19.67 -0.19 -14.48
CA LYS B 671 19.86 0.90 -13.53
C LYS B 671 21.29 1.44 -13.62
N ILE B 672 21.42 2.76 -13.74
CA ILE B 672 22.71 3.45 -13.78
C ILE B 672 23.57 2.89 -14.92
N GLY B 673 22.98 2.78 -16.11
CA GLY B 673 23.69 2.38 -17.31
C GLY B 673 24.37 1.02 -17.27
N ARG B 674 24.03 0.22 -16.27
CA ARG B 674 24.59 -1.12 -16.09
C ARG B 674 23.45 -2.14 -16.14
N PHE B 675 23.63 -3.19 -16.93
CA PHE B 675 22.61 -4.22 -17.09
C PHE B 675 22.91 -5.35 -16.12
N VAL B 676 22.12 -5.43 -15.05
CA VAL B 676 22.27 -6.44 -14.01
C VAL B 676 21.14 -7.44 -14.15
N ILE B 677 21.47 -8.73 -14.03
CA ILE B 677 20.47 -9.80 -14.09
C ILE B 677 20.63 -10.68 -12.85
N GLU B 678 19.51 -10.98 -12.20
CA GLU B 678 19.48 -11.88 -11.06
C GLU B 678 18.62 -13.09 -11.40
N GLU B 679 19.22 -14.27 -11.34
CA GLU B 679 18.49 -15.50 -11.57
C GLU B 679 17.69 -15.87 -10.33
N VAL B 680 16.44 -16.28 -10.54
CA VAL B 680 15.57 -16.75 -9.47
C VAL B 680 15.64 -18.27 -9.43
N PRO B 681 15.98 -18.87 -8.30
CA PRO B 681 16.20 -20.32 -8.25
C PRO B 681 14.91 -21.09 -7.96
N GLY B 682 15.03 -22.41 -8.02
CA GLY B 682 13.93 -23.28 -7.72
C GLY B 682 13.03 -23.55 -8.91
N GLU B 683 11.89 -24.16 -8.62
CA GLU B 683 10.92 -24.44 -9.67
C GLU B 683 10.29 -23.15 -10.17
N LEU B 684 10.01 -23.12 -11.47
CA LEU B 684 9.40 -21.95 -12.10
C LEU B 684 7.98 -21.79 -11.58
N MET B 685 7.76 -20.79 -10.74
CA MET B 685 6.46 -20.52 -10.15
C MET B 685 5.94 -19.17 -10.61
N GLN B 686 4.61 -19.07 -10.70
CA GLN B 686 3.98 -17.81 -11.05
C GLN B 686 4.28 -16.73 -10.03
N GLU B 687 4.44 -17.11 -8.76
CA GLU B 687 4.63 -16.12 -7.70
C GLU B 687 5.95 -15.38 -7.83
N ASP B 688 6.88 -15.87 -8.64
CA ASP B 688 8.15 -15.18 -8.83
C ASP B 688 8.08 -14.06 -9.86
N LEU B 689 6.92 -13.87 -10.50
CA LEU B 689 6.75 -12.83 -11.52
C LEU B 689 6.22 -11.58 -10.83
N ALA B 690 7.13 -10.68 -10.47
CA ALA B 690 6.75 -9.45 -9.77
C ALA B 690 6.10 -8.47 -10.74
N THR B 691 4.96 -7.91 -10.34
CA THR B 691 4.23 -7.00 -11.23
C THR B 691 5.04 -5.73 -11.52
N ASP B 692 5.89 -5.30 -10.60
CA ASP B 692 6.75 -4.14 -10.78
C ASP B 692 8.14 -4.54 -11.27
N ASP B 693 8.22 -5.46 -12.23
CA ASP B 693 9.50 -5.96 -12.69
C ASP B 693 9.35 -6.47 -14.11
N VAL B 694 10.48 -6.70 -14.78
CA VAL B 694 10.53 -7.28 -16.11
C VAL B 694 11.39 -8.53 -16.06
N MET B 695 10.78 -9.68 -16.33
CA MET B 695 11.44 -10.96 -16.17
C MET B 695 11.83 -11.53 -17.52
N LEU B 696 12.87 -12.37 -17.51
CA LEU B 696 13.34 -13.07 -18.69
C LEU B 696 13.19 -14.56 -18.48
N LEU B 697 12.57 -15.25 -19.43
CA LEU B 697 12.49 -16.70 -19.44
C LEU B 697 13.35 -17.20 -20.59
N ASP B 698 14.41 -17.94 -20.26
CA ASP B 698 15.43 -18.31 -21.23
C ASP B 698 15.26 -19.78 -21.61
N THR B 699 14.40 -20.01 -22.60
CA THR B 699 14.45 -21.27 -23.34
C THR B 699 15.68 -21.24 -24.25
N TRP B 700 16.01 -22.39 -24.83
CA TRP B 700 17.19 -22.43 -25.69
C TRP B 700 16.89 -21.84 -27.07
N ASP B 701 15.74 -22.17 -27.66
CA ASP B 701 15.37 -21.63 -28.96
C ASP B 701 14.77 -20.23 -28.87
N GLN B 702 14.23 -19.86 -27.72
CA GLN B 702 13.45 -18.64 -27.57
C GLN B 702 13.81 -17.99 -26.24
N VAL B 703 13.64 -16.67 -26.16
CA VAL B 703 13.88 -15.92 -24.94
C VAL B 703 12.66 -15.05 -24.69
N PHE B 704 11.75 -15.51 -23.84
CA PHE B 704 10.63 -14.69 -23.43
C PHE B 704 11.12 -13.51 -22.59
N VAL B 705 10.38 -12.41 -22.62
CA VAL B 705 10.67 -11.28 -21.74
C VAL B 705 9.33 -10.82 -21.16
N TRP B 706 8.97 -11.38 -20.00
CA TRP B 706 7.73 -11.05 -19.32
C TRP B 706 7.86 -9.66 -18.71
N VAL B 707 7.00 -8.74 -19.14
CA VAL B 707 7.03 -7.37 -18.66
C VAL B 707 5.82 -7.14 -17.76
N GLY B 708 6.09 -6.70 -16.53
CA GLY B 708 5.03 -6.52 -15.57
C GLY B 708 4.13 -5.34 -15.92
N LYS B 709 2.95 -5.34 -15.31
CA LYS B 709 1.98 -4.29 -15.54
C LYS B 709 2.31 -3.02 -14.77
N ASP B 710 3.08 -3.13 -13.68
CA ASP B 710 3.45 -1.99 -12.86
C ASP B 710 4.95 -1.73 -12.90
N SER B 711 5.60 -2.03 -14.01
CA SER B 711 7.03 -1.84 -14.15
C SER B 711 7.34 -0.41 -14.59
N GLN B 712 8.63 -0.07 -14.56
CA GLN B 712 9.07 1.27 -14.92
C GLN B 712 8.84 1.52 -16.40
N GLU B 713 8.59 2.79 -16.74
CA GLU B 713 8.28 3.16 -18.12
C GLU B 713 9.44 2.83 -19.05
N GLU B 714 10.66 3.19 -18.65
CA GLU B 714 11.82 2.91 -19.50
C GLU B 714 12.09 1.42 -19.61
N GLU B 715 11.87 0.68 -18.52
CA GLU B 715 12.08 -0.76 -18.55
C GLU B 715 11.12 -1.44 -19.52
N LYS B 716 9.91 -0.89 -19.68
CA LYS B 716 8.96 -1.48 -20.63
C LYS B 716 9.44 -1.31 -22.07
N THR B 717 9.96 -0.14 -22.41
CA THR B 717 10.47 0.08 -23.76
C THR B 717 11.81 -0.61 -23.97
N GLU B 718 12.72 -0.47 -23.01
CA GLU B 718 14.03 -1.12 -23.08
C GLU B 718 13.96 -2.61 -22.75
N ALA B 719 12.89 -3.29 -23.18
CA ALA B 719 12.72 -4.71 -22.89
C ALA B 719 13.37 -5.58 -23.94
N LEU B 720 13.11 -5.30 -25.22
CA LEU B 720 13.73 -6.08 -26.29
C LEU B 720 15.23 -5.87 -26.31
N THR B 721 15.70 -4.67 -25.97
CA THR B 721 17.14 -4.45 -25.86
C THR B 721 17.72 -5.13 -24.62
N SER B 722 16.92 -5.28 -23.57
CA SER B 722 17.40 -6.02 -22.40
C SER B 722 17.70 -7.47 -22.75
N ALA B 723 16.80 -8.10 -23.50
CA ALA B 723 17.05 -9.47 -23.92
C ALA B 723 18.25 -9.56 -24.85
N LYS B 724 18.47 -8.53 -25.68
CA LYS B 724 19.66 -8.51 -26.52
C LYS B 724 20.92 -8.48 -25.67
N ARG B 725 20.92 -7.65 -24.61
CA ARG B 725 22.06 -7.61 -23.70
C ARG B 725 22.26 -8.96 -23.01
N TYR B 726 21.16 -9.64 -22.68
CA TYR B 726 21.26 -10.94 -22.01
C TYR B 726 21.87 -11.99 -22.94
N ILE B 727 21.50 -11.96 -24.21
CA ILE B 727 22.01 -12.95 -25.16
C ILE B 727 23.46 -12.65 -25.52
N GLU B 728 23.81 -11.37 -25.65
CA GLU B 728 25.19 -11.01 -25.99
C GLU B 728 26.15 -11.34 -24.85
N THR B 729 25.69 -11.24 -23.61
CA THR B 729 26.54 -11.49 -22.45
C THR B 729 26.53 -12.94 -21.99
N ASP B 730 25.74 -13.80 -22.62
CA ASP B 730 25.72 -15.20 -22.22
C ASP B 730 27.05 -15.85 -22.55
N PRO B 731 27.69 -16.53 -21.59
CA PRO B 731 29.00 -17.15 -21.87
C PRO B 731 28.95 -18.28 -22.88
N ALA B 732 27.76 -18.79 -23.23
CA ALA B 732 27.62 -19.82 -24.25
C ALA B 732 27.79 -19.29 -25.66
N ASN B 733 28.01 -17.98 -25.83
CA ASN B 733 28.09 -17.35 -27.14
C ASN B 733 26.88 -17.71 -28.00
N ARG B 734 25.73 -17.25 -27.51
CA ARG B 734 24.46 -17.54 -28.16
C ARG B 734 24.38 -16.84 -29.51
N ASP B 735 23.51 -17.38 -30.37
CA ASP B 735 23.35 -16.83 -31.70
C ASP B 735 22.65 -15.48 -31.63
N ARG B 736 23.11 -14.54 -32.48
CA ARG B 736 22.50 -13.21 -32.49
C ARG B 736 21.04 -13.30 -32.94
N ARG B 737 20.74 -14.18 -33.88
CA ARG B 737 19.40 -14.30 -34.46
C ARG B 737 18.43 -15.05 -33.57
N THR B 738 18.80 -15.33 -32.32
CA THR B 738 17.93 -16.04 -31.40
C THR B 738 16.65 -15.22 -31.20
N PRO B 739 15.49 -15.74 -31.58
CA PRO B 739 14.27 -14.92 -31.55
C PRO B 739 13.88 -14.55 -30.12
N ILE B 740 13.38 -13.33 -29.97
CA ILE B 740 12.93 -12.79 -28.70
C ILE B 740 11.42 -12.59 -28.77
N THR B 741 10.74 -12.86 -27.65
CA THR B 741 9.28 -12.79 -27.59
C THR B 741 8.87 -11.92 -26.41
N VAL B 742 8.18 -10.82 -26.70
CA VAL B 742 7.74 -9.88 -25.67
C VAL B 742 6.33 -10.27 -25.22
N VAL B 743 6.21 -10.63 -23.95
CA VAL B 743 4.95 -11.09 -23.38
C VAL B 743 4.58 -10.13 -22.24
N LYS B 744 3.33 -9.69 -22.24
CA LYS B 744 2.85 -8.74 -21.24
C LYS B 744 2.02 -9.43 -20.17
N GLN B 745 1.98 -8.80 -19.00
CA GLN B 745 1.29 -9.38 -17.85
C GLN B 745 -0.20 -9.51 -18.11
N GLY B 746 -0.76 -10.65 -17.71
CA GLY B 746 -2.18 -10.89 -17.88
C GLY B 746 -2.60 -11.38 -19.25
N PHE B 747 -1.67 -11.44 -20.21
CA PHE B 747 -1.97 -11.89 -21.56
C PHE B 747 -0.91 -12.86 -22.05
N GLU B 748 -0.45 -13.73 -21.15
CA GLU B 748 0.67 -14.61 -21.49
C GLU B 748 0.19 -15.73 -22.41
N PRO B 749 0.93 -16.05 -23.46
CA PRO B 749 0.52 -17.13 -24.36
C PRO B 749 0.74 -18.49 -23.73
N PRO B 750 0.11 -19.53 -24.25
CA PRO B 750 0.29 -20.87 -23.67
C PRO B 750 1.72 -21.38 -23.69
N SER B 751 2.53 -20.97 -24.68
CA SER B 751 3.92 -21.39 -24.72
C SER B 751 4.74 -20.78 -23.59
N PHE B 752 4.19 -19.80 -22.86
CA PHE B 752 4.86 -19.18 -21.73
C PHE B 752 4.40 -19.74 -20.38
N VAL B 753 3.09 -19.90 -20.19
CA VAL B 753 2.56 -20.41 -18.93
C VAL B 753 2.75 -21.91 -18.78
N GLY B 754 3.00 -22.63 -19.87
CA GLY B 754 3.21 -24.07 -19.80
C GLY B 754 4.39 -24.50 -18.93
N TRP B 755 5.39 -23.63 -18.78
CA TRP B 755 6.52 -23.93 -17.91
C TRP B 755 6.19 -23.72 -16.43
N PHE B 756 5.06 -23.08 -16.12
CA PHE B 756 4.67 -22.77 -14.74
C PHE B 756 3.55 -23.71 -14.33
N LEU B 757 3.91 -24.79 -13.65
CA LEU B 757 2.90 -25.73 -13.19
C LEU B 757 2.10 -25.11 -12.06
N GLY B 758 0.78 -25.28 -12.10
CA GLY B 758 -0.07 -24.60 -11.15
C GLY B 758 -0.34 -23.15 -11.47
N TRP B 759 -0.25 -22.77 -12.75
CA TRP B 759 -0.49 -21.39 -13.15
C TRP B 759 -1.96 -21.04 -12.96
N ASP B 760 -2.24 -20.00 -12.18
CA ASP B 760 -3.59 -19.52 -11.96
C ASP B 760 -3.88 -18.34 -12.88
N ASP B 761 -5.02 -18.39 -13.56
CA ASP B 761 -5.39 -17.31 -14.47
C ASP B 761 -5.73 -16.03 -13.72
N ASP B 762 -6.65 -16.14 -12.76
CA ASP B 762 -7.05 -15.03 -11.90
C ASP B 762 -6.11 -14.82 -10.72
N TYR B 763 -4.82 -15.14 -10.88
CA TYR B 763 -3.87 -14.93 -9.80
C TYR B 763 -3.71 -13.45 -9.48
N TRP B 764 -3.51 -12.62 -10.50
CA TRP B 764 -3.36 -11.18 -10.29
C TRP B 764 -4.70 -10.46 -10.12
N SER B 765 -5.81 -11.18 -10.12
CA SER B 765 -7.10 -10.54 -9.85
C SER B 765 -7.09 -9.88 -8.48
N VAL B 766 -6.45 -10.51 -7.51
CA VAL B 766 -6.20 -9.92 -6.20
C VAL B 766 -4.69 -9.76 -6.05
N ASP B 767 -4.28 -8.69 -5.38
CA ASP B 767 -2.86 -8.45 -5.18
C ASP B 767 -2.25 -9.62 -4.40
N PRO B 768 -1.14 -10.19 -4.87
CA PRO B 768 -0.55 -11.34 -4.15
C PRO B 768 -0.11 -11.00 -2.73
N LEU B 769 0.29 -9.76 -2.47
CA LEU B 769 0.60 -9.35 -1.09
C LEU B 769 -0.67 -9.28 -0.26
N ASP B 770 -1.70 -8.60 -0.76
CA ASP B 770 -2.96 -8.54 -0.05
C ASP B 770 -3.58 -9.93 0.12
N ARG B 771 -3.23 -10.87 -0.76
CA ARG B 771 -3.69 -12.24 -0.63
C ARG B 771 -3.13 -12.88 0.64
N ALA B 772 -1.80 -13.03 0.70
CA ALA B 772 -1.18 -13.73 1.82
C ALA B 772 -1.28 -12.93 3.12
N MET B 773 -1.35 -11.60 3.04
CA MET B 773 -1.42 -10.77 4.25
C MET B 773 -2.71 -11.01 5.02
N ALA B 774 -3.74 -11.56 4.35
CA ALA B 774 -4.96 -11.98 5.02
C ALA B 774 -5.19 -13.48 4.95
N GLU B 775 -4.54 -14.18 4.02
CA GLU B 775 -4.75 -15.62 3.90
C GLU B 775 -4.21 -16.36 5.12
N LEU B 776 -3.04 -15.96 5.61
CA LEU B 776 -2.45 -16.57 6.79
C LEU B 776 -2.77 -15.83 8.08
N ALA B 777 -2.92 -14.50 8.02
CA ALA B 777 -3.24 -13.71 9.21
C ALA B 777 -4.75 -13.76 9.51
S SO4 C . 8.71 22.15 1.25
O1 SO4 C . 9.08 23.54 1.04
O2 SO4 C . 7.46 22.09 2.00
O3 SO4 C . 8.55 21.49 -0.04
O4 SO4 C . 9.75 21.47 2.02
C1 GOL D . -27.23 16.40 22.91
O1 GOL D . -26.76 15.31 22.13
C2 GOL D . -26.68 17.71 22.36
O2 GOL D . -27.51 18.78 22.75
C3 GOL D . -26.59 17.65 20.84
O3 GOL D . -25.67 18.61 20.39
S SO4 E . 20.98 -26.35 -13.13
O1 SO4 E . 19.89 -25.64 -13.80
O2 SO4 E . 20.84 -26.15 -11.70
O3 SO4 E . 22.29 -25.94 -13.63
O4 SO4 E . 20.98 -27.78 -13.41
NA NA F . -3.45 -15.59 -17.64
#